data_6MV7
# 
_entry.id   6MV7 
# 
_audit_conform.dict_name       mmcif_pdbx.dic 
_audit_conform.dict_version    5.398 
_audit_conform.dict_location   http://mmcif.pdb.org/dictionaries/ascii/mmcif_pdbx.dic 
# 
loop_
_database_2.database_id 
_database_2.database_code 
_database_2.pdbx_database_accession 
_database_2.pdbx_DOI 
PDB   6MV7         pdb_00006mv7 10.2210/pdb6mv7/pdb 
WWPDB D_1000237657 ?            ?                   
# 
loop_
_pdbx_audit_revision_history.ordinal 
_pdbx_audit_revision_history.data_content_type 
_pdbx_audit_revision_history.major_revision 
_pdbx_audit_revision_history.minor_revision 
_pdbx_audit_revision_history.revision_date 
1 'Structure model' 1 0 2019-11-13 
2 'Structure model' 2 0 2020-01-15 
3 'Structure model' 2 1 2020-05-27 
4 'Structure model' 2 2 2023-10-11 
5 'Structure model' 2 3 2024-11-06 
# 
loop_
_pdbx_audit_revision_details.ordinal 
_pdbx_audit_revision_details.revision_ordinal 
_pdbx_audit_revision_details.data_content_type 
_pdbx_audit_revision_details.provider 
_pdbx_audit_revision_details.type 
_pdbx_audit_revision_details.description 
_pdbx_audit_revision_details.details 
1 1 'Structure model' repository 'Initial release'        ?                  ?                                       
2 2 'Structure model' author     'Coordinate replacement' 'Polymer geometry' 'Few ramachandran outliers were fixed.' 
# 
loop_
_pdbx_audit_revision_group.ordinal 
_pdbx_audit_revision_group.revision_ordinal 
_pdbx_audit_revision_group.data_content_type 
_pdbx_audit_revision_group.group 
1  2 'Structure model' Advisory                     
2  2 'Structure model' 'Atomic model'               
3  2 'Structure model' 'Author supporting evidence' 
4  2 'Structure model' 'Data collection'            
5  2 'Structure model' 'Refinement description'     
6  2 'Structure model' 'Structure summary'          
7  3 'Structure model' 'Database references'        
8  4 'Structure model' Advisory                     
9  4 'Structure model' 'Data collection'            
10 4 'Structure model' 'Database references'        
11 4 'Structure model' 'Refinement description'     
12 5 'Structure model' 'Structure summary'          
# 
loop_
_pdbx_audit_revision_category.ordinal 
_pdbx_audit_revision_category.revision_ordinal 
_pdbx_audit_revision_category.data_content_type 
_pdbx_audit_revision_category.category 
1  2 'Structure model' atom_site                     
2  2 'Structure model' computing                     
3  2 'Structure model' pdbx_entity_instance_feature  
4  2 'Structure model' pdbx_entry_details            
5  2 'Structure model' pdbx_nonpoly_scheme           
6  2 'Structure model' pdbx_unobs_or_zero_occ_atoms  
7  2 'Structure model' pdbx_validate_close_contact   
8  2 'Structure model' pdbx_validate_torsion         
9  2 'Structure model' refine                        
10 2 'Structure model' refine_hist                   
11 2 'Structure model' refine_ls_restr               
12 2 'Structure model' refine_ls_shell               
13 2 'Structure model' reflns                        
14 2 'Structure model' reflns_shell                  
15 2 'Structure model' software                      
16 3 'Structure model' citation                      
17 3 'Structure model' citation_author               
18 4 'Structure model' chem_comp_atom                
19 4 'Structure model' chem_comp_bond                
20 4 'Structure model' database_2                    
21 4 'Structure model' pdbx_initial_refinement_model 
22 4 'Structure model' pdbx_unobs_or_zero_occ_atoms  
23 5 'Structure model' pdbx_entry_details            
24 5 'Structure model' pdbx_modification_feature     
# 
loop_
_pdbx_audit_revision_item.ordinal 
_pdbx_audit_revision_item.revision_ordinal 
_pdbx_audit_revision_item.data_content_type 
_pdbx_audit_revision_item.item 
1  2 'Structure model' '_pdbx_nonpoly_scheme.auth_seq_num'            
2  2 'Structure model' '_refine.B_iso_max'                            
3  2 'Structure model' '_refine.B_iso_mean'                           
4  2 'Structure model' '_refine.B_iso_min'                            
5  2 'Structure model' '_refine.pdbx_ls_cross_valid_method'           
6  2 'Structure model' '_refine.pdbx_method_to_determine_struct'      
7  2 'Structure model' '_refine.pdbx_starting_model'                  
8  2 'Structure model' '_refine_hist.cycle_id'                        
9  2 'Structure model' '_refine_hist.number_atoms_total'              
10 2 'Structure model' '_refine_hist.pdbx_B_iso_mean_ligand'          
11 2 'Structure model' '_refine_hist.pdbx_B_iso_mean_solvent'         
12 2 'Structure model' '_refine_hist.pdbx_number_atoms_protein'       
13 2 'Structure model' '_refine_hist.pdbx_number_residues_total'      
14 2 'Structure model' '_refine_ls_restr.dev_ideal'                   
15 2 'Structure model' '_refine_ls_restr.number'                      
16 2 'Structure model' '_refine_ls_restr.type'                        
17 2 'Structure model' '_refine_ls_shell.R_factor_R_free_error'       
18 2 'Structure model' '_refine_ls_shell.d_res_high'                  
19 2 'Structure model' '_refine_ls_shell.d_res_low'                   
20 2 'Structure model' '_reflns.B_iso_Wilson_estimate'                
21 2 'Structure model' '_reflns_shell.number_unique_obs'              
22 2 'Structure model' '_software.version'                            
23 3 'Structure model' '_citation.country'                            
24 3 'Structure model' '_citation.journal_abbrev'                     
25 3 'Structure model' '_citation.journal_id_ASTM'                    
26 3 'Structure model' '_citation.journal_id_CSD'                     
27 3 'Structure model' '_citation.journal_id_ISSN'                    
28 3 'Structure model' '_citation.journal_volume'                     
29 3 'Structure model' '_citation.page_first'                         
30 3 'Structure model' '_citation.page_last'                          
31 3 'Structure model' '_citation.pdbx_database_id_DOI'               
32 3 'Structure model' '_citation.pdbx_database_id_PubMed'            
33 3 'Structure model' '_citation.title'                              
34 3 'Structure model' '_citation.year'                               
35 4 'Structure model' '_database_2.pdbx_DOI'                         
36 4 'Structure model' '_database_2.pdbx_database_accession'          
37 5 'Structure model' '_pdbx_entry_details.has_protein_modification' 
# 
_pdbx_database_status.status_code                     REL 
_pdbx_database_status.status_code_sf                  REL 
_pdbx_database_status.status_code_mr                  ? 
_pdbx_database_status.entry_id                        6MV7 
_pdbx_database_status.recvd_initial_deposition_date   2018-10-24 
_pdbx_database_status.SG_entry                        N 
_pdbx_database_status.deposit_site                    RCSB 
_pdbx_database_status.process_site                    RCSB 
_pdbx_database_status.status_code_cs                  ? 
_pdbx_database_status.status_code_nmr_data            ? 
_pdbx_database_status.methods_development_category    ? 
_pdbx_database_status.pdb_format_compatible           Y 
# 
loop_
_audit_author.name 
_audit_author.pdbx_ordinal 
_audit_author.identifier_ORCID 
'Couture, J.-F.' 1 ? 
'Doucet, N.'     2 ? 
# 
_citation.abstract                  ? 
_citation.abstract_id_CAS           ? 
_citation.book_id_ISBN              ? 
_citation.book_publisher            ? 
_citation.book_publisher_city       ? 
_citation.book_title                ? 
_citation.coordinate_linkage        ? 
_citation.country                   US 
_citation.database_id_Medline       ? 
_citation.details                   ? 
_citation.id                        primary 
_citation.journal_abbrev            Biochemistry 
_citation.journal_id_ASTM           BICHAW 
_citation.journal_id_CSD            0033 
_citation.journal_id_ISSN           0006-2960 
_citation.journal_full              ? 
_citation.journal_issue             ? 
_citation.journal_volume            59 
_citation.language                  ? 
_citation.page_first                755 
_citation.page_last                 765 
_citation.title                     
'Insights into Structural and Dynamical Changes Experienced by Human RNase 6 upon Ligand Binding.' 
_citation.year                      2020 
_citation.database_id_CSD           ? 
_citation.pdbx_database_id_DOI      10.1021/acs.biochem.9b00888 
_citation.pdbx_database_id_PubMed   31909602 
_citation.unpublished_flag          ? 
# 
loop_
_citation_author.citation_id 
_citation_author.name 
_citation_author.ordinal 
_citation_author.identifier_ORCID 
primary 'Narayanan, C.'  1  ?                   
primary 'Bernard, D.N.'  2  ?                   
primary 'Letourneau, M.' 3  ?                   
primary 'Gagnon, J.'     4  ?                   
primary 'Gagne, D.'      5  ?                   
primary 'Bafna, K.'      6  ?                   
primary 'Calmettes, C.'  7  ?                   
primary 'Couture, J.F.'  8  ?                   
primary 'Agarwal, P.K.'  9  0000-0002-3848-9492 
primary 'Doucet, N.'     10 0000-0002-1952-9380 
# 
loop_
_entity.id 
_entity.type 
_entity.src_method 
_entity.pdbx_description 
_entity.formula_weight 
_entity.pdbx_number_of_molecules 
_entity.pdbx_ec 
_entity.pdbx_mutation 
_entity.pdbx_fragment 
_entity.details 
1 polymer     man 'Ribonuclease K6'         14807.069 1  3.1.27.- ? ? ? 
2 non-polymer syn 'ADENOSINE MONOPHOSPHATE' 347.221   1  ?        ? ? ? 
3 water       nat water                     18.015    27 ?        ? ? ? 
# 
_entity_name_com.entity_id   1 
_entity_name_com.name        'RNase K6' 
# 
_entity_poly.entity_id                      1 
_entity_poly.type                           'polypeptide(L)' 
_entity_poly.nstd_linkage                   no 
_entity_poly.nstd_monomer                   no 
_entity_poly.pdbx_seq_one_letter_code       
;MWPKRLTKAHWFEIQHIQPSPLQCNRAMSGINNYTQHCKHQNTFLHDSFQNVAAVCDLLSIVCKNRRHNCHQSSKPVNMT
DCRLTSGKYPQCRYSAAAQYKFFIVACDPPQKSDPPYKLVPVHLDSIL
;
_entity_poly.pdbx_seq_one_letter_code_can   
;MWPKRLTKAHWFEIQHIQPSPLQCNRAMSGINNYTQHCKHQNTFLHDSFQNVAAVCDLLSIVCKNRRHNCHQSSKPVNMT
DCRLTSGKYPQCRYSAAAQYKFFIVACDPPQKSDPPYKLVPVHLDSIL
;
_entity_poly.pdbx_strand_id                 A 
_entity_poly.pdbx_target_identifier         ? 
# 
loop_
_pdbx_entity_nonpoly.entity_id 
_pdbx_entity_nonpoly.name 
_pdbx_entity_nonpoly.comp_id 
2 'ADENOSINE MONOPHOSPHATE' AMP 
3 water                     HOH 
# 
loop_
_entity_poly_seq.entity_id 
_entity_poly_seq.num 
_entity_poly_seq.mon_id 
_entity_poly_seq.hetero 
1 1   MET n 
1 2   TRP n 
1 3   PRO n 
1 4   LYS n 
1 5   ARG n 
1 6   LEU n 
1 7   THR n 
1 8   LYS n 
1 9   ALA n 
1 10  HIS n 
1 11  TRP n 
1 12  PHE n 
1 13  GLU n 
1 14  ILE n 
1 15  GLN n 
1 16  HIS n 
1 17  ILE n 
1 18  GLN n 
1 19  PRO n 
1 20  SER n 
1 21  PRO n 
1 22  LEU n 
1 23  GLN n 
1 24  CYS n 
1 25  ASN n 
1 26  ARG n 
1 27  ALA n 
1 28  MET n 
1 29  SER n 
1 30  GLY n 
1 31  ILE n 
1 32  ASN n 
1 33  ASN n 
1 34  TYR n 
1 35  THR n 
1 36  GLN n 
1 37  HIS n 
1 38  CYS n 
1 39  LYS n 
1 40  HIS n 
1 41  GLN n 
1 42  ASN n 
1 43  THR n 
1 44  PHE n 
1 45  LEU n 
1 46  HIS n 
1 47  ASP n 
1 48  SER n 
1 49  PHE n 
1 50  GLN n 
1 51  ASN n 
1 52  VAL n 
1 53  ALA n 
1 54  ALA n 
1 55  VAL n 
1 56  CYS n 
1 57  ASP n 
1 58  LEU n 
1 59  LEU n 
1 60  SER n 
1 61  ILE n 
1 62  VAL n 
1 63  CYS n 
1 64  LYS n 
1 65  ASN n 
1 66  ARG n 
1 67  ARG n 
1 68  HIS n 
1 69  ASN n 
1 70  CYS n 
1 71  HIS n 
1 72  GLN n 
1 73  SER n 
1 74  SER n 
1 75  LYS n 
1 76  PRO n 
1 77  VAL n 
1 78  ASN n 
1 79  MET n 
1 80  THR n 
1 81  ASP n 
1 82  CYS n 
1 83  ARG n 
1 84  LEU n 
1 85  THR n 
1 86  SER n 
1 87  GLY n 
1 88  LYS n 
1 89  TYR n 
1 90  PRO n 
1 91  GLN n 
1 92  CYS n 
1 93  ARG n 
1 94  TYR n 
1 95  SER n 
1 96  ALA n 
1 97  ALA n 
1 98  ALA n 
1 99  GLN n 
1 100 TYR n 
1 101 LYS n 
1 102 PHE n 
1 103 PHE n 
1 104 ILE n 
1 105 VAL n 
1 106 ALA n 
1 107 CYS n 
1 108 ASP n 
1 109 PRO n 
1 110 PRO n 
1 111 GLN n 
1 112 LYS n 
1 113 SER n 
1 114 ASP n 
1 115 PRO n 
1 116 PRO n 
1 117 TYR n 
1 118 LYS n 
1 119 LEU n 
1 120 VAL n 
1 121 PRO n 
1 122 VAL n 
1 123 HIS n 
1 124 LEU n 
1 125 ASP n 
1 126 SER n 
1 127 ILE n 
1 128 LEU n 
# 
_entity_src_gen.entity_id                          1 
_entity_src_gen.pdbx_src_id                        1 
_entity_src_gen.pdbx_alt_source_flag               sample 
_entity_src_gen.pdbx_seq_type                      'Biological sequence' 
_entity_src_gen.pdbx_beg_seq_num                   1 
_entity_src_gen.pdbx_end_seq_num                   128 
_entity_src_gen.gene_src_common_name               Human 
_entity_src_gen.gene_src_genus                     ? 
_entity_src_gen.pdbx_gene_src_gene                 'RNASE6, RNS6' 
_entity_src_gen.gene_src_species                   ? 
_entity_src_gen.gene_src_strain                    ? 
_entity_src_gen.gene_src_tissue                    ? 
_entity_src_gen.gene_src_tissue_fraction           ? 
_entity_src_gen.gene_src_details                   ? 
_entity_src_gen.pdbx_gene_src_fragment             ? 
_entity_src_gen.pdbx_gene_src_scientific_name      'Homo sapiens' 
_entity_src_gen.pdbx_gene_src_ncbi_taxonomy_id     9606 
_entity_src_gen.pdbx_gene_src_variant              ? 
_entity_src_gen.pdbx_gene_src_cell_line            ? 
_entity_src_gen.pdbx_gene_src_atcc                 ? 
_entity_src_gen.pdbx_gene_src_organ                ? 
_entity_src_gen.pdbx_gene_src_organelle            ? 
_entity_src_gen.pdbx_gene_src_cell                 ? 
_entity_src_gen.pdbx_gene_src_cellular_location    ? 
_entity_src_gen.host_org_common_name               ? 
_entity_src_gen.pdbx_host_org_scientific_name      'Escherichia coli' 
_entity_src_gen.pdbx_host_org_ncbi_taxonomy_id     562 
_entity_src_gen.host_org_genus                     ? 
_entity_src_gen.pdbx_host_org_gene                 ? 
_entity_src_gen.pdbx_host_org_organ                ? 
_entity_src_gen.host_org_species                   ? 
_entity_src_gen.pdbx_host_org_tissue               ? 
_entity_src_gen.pdbx_host_org_tissue_fraction      ? 
_entity_src_gen.pdbx_host_org_strain               ? 
_entity_src_gen.pdbx_host_org_variant              ? 
_entity_src_gen.pdbx_host_org_cell_line            ? 
_entity_src_gen.pdbx_host_org_atcc                 ? 
_entity_src_gen.pdbx_host_org_culture_collection   ? 
_entity_src_gen.pdbx_host_org_cell                 ? 
_entity_src_gen.pdbx_host_org_organelle            ? 
_entity_src_gen.pdbx_host_org_cellular_location    ? 
_entity_src_gen.pdbx_host_org_vector_type          ? 
_entity_src_gen.pdbx_host_org_vector               ? 
_entity_src_gen.host_org_details                   ? 
_entity_src_gen.expression_system_id               ? 
_entity_src_gen.plasmid_name                       ? 
_entity_src_gen.plasmid_details                    ? 
_entity_src_gen.pdbx_description                   ? 
# 
loop_
_chem_comp.id 
_chem_comp.type 
_chem_comp.mon_nstd_flag 
_chem_comp.name 
_chem_comp.pdbx_synonyms 
_chem_comp.formula 
_chem_comp.formula_weight 
ALA 'L-peptide linking' y ALANINE                   ? 'C3 H7 N O2'      89.093  
AMP non-polymer         . 'ADENOSINE MONOPHOSPHATE' ? 'C10 H14 N5 O7 P' 347.221 
ARG 'L-peptide linking' y ARGININE                  ? 'C6 H15 N4 O2 1'  175.209 
ASN 'L-peptide linking' y ASPARAGINE                ? 'C4 H8 N2 O3'     132.118 
ASP 'L-peptide linking' y 'ASPARTIC ACID'           ? 'C4 H7 N O4'      133.103 
CYS 'L-peptide linking' y CYSTEINE                  ? 'C3 H7 N O2 S'    121.158 
GLN 'L-peptide linking' y GLUTAMINE                 ? 'C5 H10 N2 O3'    146.144 
GLU 'L-peptide linking' y 'GLUTAMIC ACID'           ? 'C5 H9 N O4'      147.129 
GLY 'peptide linking'   y GLYCINE                   ? 'C2 H5 N O2'      75.067  
HIS 'L-peptide linking' y HISTIDINE                 ? 'C6 H10 N3 O2 1'  156.162 
HOH non-polymer         . WATER                     ? 'H2 O'            18.015  
ILE 'L-peptide linking' y ISOLEUCINE                ? 'C6 H13 N O2'     131.173 
LEU 'L-peptide linking' y LEUCINE                   ? 'C6 H13 N O2'     131.173 
LYS 'L-peptide linking' y LYSINE                    ? 'C6 H15 N2 O2 1'  147.195 
MET 'L-peptide linking' y METHIONINE                ? 'C5 H11 N O2 S'   149.211 
PHE 'L-peptide linking' y PHENYLALANINE             ? 'C9 H11 N O2'     165.189 
PRO 'L-peptide linking' y PROLINE                   ? 'C5 H9 N O2'      115.130 
SER 'L-peptide linking' y SERINE                    ? 'C3 H7 N O3'      105.093 
THR 'L-peptide linking' y THREONINE                 ? 'C4 H9 N O3'      119.119 
TRP 'L-peptide linking' y TRYPTOPHAN                ? 'C11 H12 N2 O2'   204.225 
TYR 'L-peptide linking' y TYROSINE                  ? 'C9 H11 N O3'     181.189 
VAL 'L-peptide linking' y VALINE                    ? 'C5 H11 N O2'     117.146 
# 
loop_
_pdbx_poly_seq_scheme.asym_id 
_pdbx_poly_seq_scheme.entity_id 
_pdbx_poly_seq_scheme.seq_id 
_pdbx_poly_seq_scheme.mon_id 
_pdbx_poly_seq_scheme.ndb_seq_num 
_pdbx_poly_seq_scheme.pdb_seq_num 
_pdbx_poly_seq_scheme.auth_seq_num 
_pdbx_poly_seq_scheme.pdb_mon_id 
_pdbx_poly_seq_scheme.auth_mon_id 
_pdbx_poly_seq_scheme.pdb_strand_id 
_pdbx_poly_seq_scheme.pdb_ins_code 
_pdbx_poly_seq_scheme.hetero 
A 1 1   MET 1   0   0   MET MET A . n 
A 1 2   TRP 2   1   1   TRP TRP A . n 
A 1 3   PRO 3   2   2   PRO PRO A . n 
A 1 4   LYS 4   3   3   LYS LYS A . n 
A 1 5   ARG 5   4   4   ARG ARG A . n 
A 1 6   LEU 6   5   5   LEU LEU A . n 
A 1 7   THR 7   6   6   THR THR A . n 
A 1 8   LYS 8   7   7   LYS LYS A . n 
A 1 9   ALA 9   8   8   ALA ALA A . n 
A 1 10  HIS 10  9   9   HIS HIS A . n 
A 1 11  TRP 11  10  10  TRP TRP A . n 
A 1 12  PHE 12  11  11  PHE PHE A . n 
A 1 13  GLU 13  12  12  GLU GLU A . n 
A 1 14  ILE 14  13  13  ILE ILE A . n 
A 1 15  GLN 15  14  14  GLN GLN A . n 
A 1 16  HIS 16  15  15  HIS HIS A . n 
A 1 17  ILE 17  16  16  ILE ILE A . n 
A 1 18  GLN 18  17  17  GLN GLN A . n 
A 1 19  PRO 19  18  18  PRO PRO A . n 
A 1 20  SER 20  19  19  SER SER A . n 
A 1 21  PRO 21  20  20  PRO PRO A . n 
A 1 22  LEU 22  21  21  LEU LEU A . n 
A 1 23  GLN 23  22  22  GLN GLN A . n 
A 1 24  CYS 24  23  23  CYS CYS A . n 
A 1 25  ASN 25  24  24  ASN ASN A . n 
A 1 26  ARG 26  25  25  ARG ARG A . n 
A 1 27  ALA 27  26  26  ALA ALA A . n 
A 1 28  MET 28  27  27  MET MET A . n 
A 1 29  SER 29  28  28  SER SER A . n 
A 1 30  GLY 30  29  29  GLY GLY A . n 
A 1 31  ILE 31  30  30  ILE ILE A . n 
A 1 32  ASN 32  31  31  ASN ASN A . n 
A 1 33  ASN 33  32  32  ASN ASN A . n 
A 1 34  TYR 34  33  33  TYR TYR A . n 
A 1 35  THR 35  34  34  THR THR A . n 
A 1 36  GLN 36  35  35  GLN GLN A . n 
A 1 37  HIS 37  36  36  HIS HIS A . n 
A 1 38  CYS 38  37  37  CYS CYS A . n 
A 1 39  LYS 39  38  38  LYS LYS A . n 
A 1 40  HIS 40  39  39  HIS HIS A . n 
A 1 41  GLN 41  40  40  GLN GLN A . n 
A 1 42  ASN 42  41  41  ASN ASN A . n 
A 1 43  THR 43  42  42  THR THR A . n 
A 1 44  PHE 44  43  43  PHE PHE A . n 
A 1 45  LEU 45  44  44  LEU LEU A . n 
A 1 46  HIS 46  45  45  HIS HIS A . n 
A 1 47  ASP 47  46  46  ASP ASP A . n 
A 1 48  SER 48  47  47  SER SER A . n 
A 1 49  PHE 49  48  48  PHE PHE A . n 
A 1 50  GLN 50  49  49  GLN GLN A . n 
A 1 51  ASN 51  50  50  ASN ASN A . n 
A 1 52  VAL 52  51  51  VAL VAL A . n 
A 1 53  ALA 53  52  52  ALA ALA A . n 
A 1 54  ALA 54  53  53  ALA ALA A . n 
A 1 55  VAL 55  54  54  VAL VAL A . n 
A 1 56  CYS 56  55  55  CYS CYS A . n 
A 1 57  ASP 57  56  56  ASP ASP A . n 
A 1 58  LEU 58  57  57  LEU LEU A . n 
A 1 59  LEU 59  58  58  LEU LEU A . n 
A 1 60  SER 60  59  59  SER SER A . n 
A 1 61  ILE 61  60  60  ILE ILE A . n 
A 1 62  VAL 62  61  61  VAL VAL A . n 
A 1 63  CYS 63  62  62  CYS CYS A . n 
A 1 64  LYS 64  63  63  LYS LYS A . n 
A 1 65  ASN 65  64  64  ASN ASN A . n 
A 1 66  ARG 66  65  65  ARG ARG A . n 
A 1 67  ARG 67  66  66  ARG ARG A . n 
A 1 68  HIS 68  67  67  HIS HIS A . n 
A 1 69  ASN 69  68  68  ASN ASN A . n 
A 1 70  CYS 70  69  69  CYS CYS A . n 
A 1 71  HIS 71  70  70  HIS HIS A . n 
A 1 72  GLN 72  71  71  GLN GLN A . n 
A 1 73  SER 73  72  72  SER SER A . n 
A 1 74  SER 74  73  73  SER SER A . n 
A 1 75  LYS 75  74  74  LYS LYS A . n 
A 1 76  PRO 76  75  75  PRO PRO A . n 
A 1 77  VAL 77  76  76  VAL VAL A . n 
A 1 78  ASN 78  77  77  ASN ASN A . n 
A 1 79  MET 79  78  78  MET MET A . n 
A 1 80  THR 80  79  79  THR THR A . n 
A 1 81  ASP 81  80  80  ASP ASP A . n 
A 1 82  CYS 82  81  81  CYS CYS A . n 
A 1 83  ARG 83  82  82  ARG ARG A . n 
A 1 84  LEU 84  83  83  LEU LEU A . n 
A 1 85  THR 85  84  84  THR THR A . n 
A 1 86  SER 86  85  85  SER SER A . n 
A 1 87  GLY 87  86  86  GLY GLY A . n 
A 1 88  LYS 88  87  87  LYS LYS A . n 
A 1 89  TYR 89  88  88  TYR TYR A . n 
A 1 90  PRO 90  89  89  PRO PRO A . n 
A 1 91  GLN 91  90  90  GLN GLN A . n 
A 1 92  CYS 92  91  91  CYS CYS A . n 
A 1 93  ARG 93  92  92  ARG ARG A . n 
A 1 94  TYR 94  93  93  TYR TYR A . n 
A 1 95  SER 95  94  94  SER SER A . n 
A 1 96  ALA 96  95  95  ALA ALA A . n 
A 1 97  ALA 97  96  96  ALA ALA A . n 
A 1 98  ALA 98  97  97  ALA ALA A . n 
A 1 99  GLN 99  98  98  GLN GLN A . n 
A 1 100 TYR 100 99  99  TYR TYR A . n 
A 1 101 LYS 101 100 100 LYS LYS A . n 
A 1 102 PHE 102 101 101 PHE PHE A . n 
A 1 103 PHE 103 102 102 PHE PHE A . n 
A 1 104 ILE 104 103 103 ILE ILE A . n 
A 1 105 VAL 105 104 104 VAL VAL A . n 
A 1 106 ALA 106 105 105 ALA ALA A . n 
A 1 107 CYS 107 106 106 CYS CYS A . n 
A 1 108 ASP 108 107 107 ASP ASP A . n 
A 1 109 PRO 109 108 108 PRO PRO A . n 
A 1 110 PRO 110 109 109 PRO PRO A . n 
A 1 111 GLN 111 110 110 GLN GLN A . n 
A 1 112 LYS 112 111 111 LYS LYS A . n 
A 1 113 SER 113 112 112 SER SER A . n 
A 1 114 ASP 114 113 113 ASP ASP A . n 
A 1 115 PRO 115 114 114 PRO PRO A . n 
A 1 116 PRO 116 115 115 PRO PRO A . n 
A 1 117 TYR 117 116 116 TYR TYR A . n 
A 1 118 LYS 118 117 117 LYS LYS A . n 
A 1 119 LEU 119 118 118 LEU LEU A . n 
A 1 120 VAL 120 119 119 VAL VAL A . n 
A 1 121 PRO 121 120 120 PRO PRO A . n 
A 1 122 VAL 122 121 121 VAL VAL A . n 
A 1 123 HIS 123 122 122 HIS HIS A . n 
A 1 124 LEU 124 123 123 LEU LEU A . n 
A 1 125 ASP 125 124 124 ASP ASP A . n 
A 1 126 SER 126 125 125 SER SER A . n 
A 1 127 ILE 127 126 126 ILE ILE A . n 
A 1 128 LEU 128 127 127 LEU LEU A . n 
# 
_pdbx_entity_instance_feature.ordinal        1 
_pdbx_entity_instance_feature.comp_id        AMP 
_pdbx_entity_instance_feature.asym_id        ? 
_pdbx_entity_instance_feature.seq_num        ? 
_pdbx_entity_instance_feature.auth_comp_id   AMP 
_pdbx_entity_instance_feature.auth_asym_id   ? 
_pdbx_entity_instance_feature.auth_seq_num   ? 
_pdbx_entity_instance_feature.feature_type   'SUBJECT OF INVESTIGATION' 
_pdbx_entity_instance_feature.details        ? 
# 
loop_
_pdbx_nonpoly_scheme.asym_id 
_pdbx_nonpoly_scheme.entity_id 
_pdbx_nonpoly_scheme.mon_id 
_pdbx_nonpoly_scheme.ndb_seq_num 
_pdbx_nonpoly_scheme.pdb_seq_num 
_pdbx_nonpoly_scheme.auth_seq_num 
_pdbx_nonpoly_scheme.pdb_mon_id 
_pdbx_nonpoly_scheme.auth_mon_id 
_pdbx_nonpoly_scheme.pdb_strand_id 
_pdbx_nonpoly_scheme.pdb_ins_code 
B 2 AMP 1  201 1  AMP AMP A . 
C 3 HOH 1  301 8  HOH HOH A . 
C 3 HOH 2  302 26 HOH HOH A . 
C 3 HOH 3  303 1  HOH HOH A . 
C 3 HOH 4  304 12 HOH HOH A . 
C 3 HOH 5  305 27 HOH HOH A . 
C 3 HOH 6  306 13 HOH HOH A . 
C 3 HOH 7  307 23 HOH HOH A . 
C 3 HOH 8  308 25 HOH HOH A . 
C 3 HOH 9  309 2  HOH HOH A . 
C 3 HOH 10 310 21 HOH HOH A . 
C 3 HOH 11 311 11 HOH HOH A . 
C 3 HOH 12 312 24 HOH HOH A . 
C 3 HOH 13 313 29 HOH HOH A . 
C 3 HOH 14 314 7  HOH HOH A . 
C 3 HOH 15 315 14 HOH HOH A . 
C 3 HOH 16 316 4  HOH HOH A . 
C 3 HOH 17 317 3  HOH HOH A . 
C 3 HOH 18 318 15 HOH HOH A . 
C 3 HOH 19 319 18 HOH HOH A . 
C 3 HOH 20 320 28 HOH HOH A . 
C 3 HOH 21 321 22 HOH HOH A . 
C 3 HOH 22 322 17 HOH HOH A . 
C 3 HOH 23 323 10 HOH HOH A . 
C 3 HOH 24 324 6  HOH HOH A . 
C 3 HOH 25 325 9  HOH HOH A . 
C 3 HOH 26 326 19 HOH HOH A . 
C 3 HOH 27 327 16 HOH HOH A . 
# 
loop_
_pdbx_unobs_or_zero_occ_atoms.id 
_pdbx_unobs_or_zero_occ_atoms.PDB_model_num 
_pdbx_unobs_or_zero_occ_atoms.polymer_flag 
_pdbx_unobs_or_zero_occ_atoms.occupancy_flag 
_pdbx_unobs_or_zero_occ_atoms.auth_asym_id 
_pdbx_unobs_or_zero_occ_atoms.auth_comp_id 
_pdbx_unobs_or_zero_occ_atoms.auth_seq_id 
_pdbx_unobs_or_zero_occ_atoms.PDB_ins_code 
_pdbx_unobs_or_zero_occ_atoms.auth_atom_id 
_pdbx_unobs_or_zero_occ_atoms.label_alt_id 
_pdbx_unobs_or_zero_occ_atoms.label_asym_id 
_pdbx_unobs_or_zero_occ_atoms.label_comp_id 
_pdbx_unobs_or_zero_occ_atoms.label_seq_id 
_pdbx_unobs_or_zero_occ_atoms.label_atom_id 
1  1 Y 1 A LYS 3  ? CG  ? A LYS 4  CG  
2  1 Y 1 A LYS 3  ? CD  ? A LYS 4  CD  
3  1 Y 1 A LYS 3  ? CE  ? A LYS 4  CE  
4  1 Y 1 A LYS 3  ? NZ  ? A LYS 4  NZ  
5  1 Y 0 A ARG 4  ? CZ  ? A ARG 5  CZ  
6  1 Y 1 A GLN 17 ? CG  ? A GLN 18 CG  
7  1 Y 1 A GLN 17 ? CD  ? A GLN 18 CD  
8  1 Y 1 A GLN 17 ? OE1 ? A GLN 18 OE1 
9  1 Y 1 A GLN 17 ? NE2 ? A GLN 18 NE2 
10 1 Y 1 A SER 19 ? OG  ? A SER 20 OG  
11 1 Y 1 A ARG 25 ? CG  ? A ARG 26 CG  
12 1 Y 1 A ARG 25 ? CD  ? A ARG 26 CD  
13 1 Y 1 A ARG 25 ? NE  ? A ARG 26 NE  
14 1 Y 1 A ARG 25 ? CZ  ? A ARG 26 CZ  
15 1 Y 1 A ARG 25 ? NH1 ? A ARG 26 NH1 
16 1 Y 1 A ARG 25 ? NH2 ? A ARG 26 NH2 
17 1 Y 1 A LYS 74 ? CG  ? A LYS 75 CG  
18 1 Y 1 A LYS 74 ? CD  ? A LYS 75 CD  
19 1 Y 1 A LYS 74 ? CE  ? A LYS 75 CE  
20 1 Y 1 A LYS 74 ? NZ  ? A LYS 75 NZ  
21 1 Y 1 A LYS 87 ? CG  ? A LYS 88 CG  
22 1 Y 1 A LYS 87 ? CD  ? A LYS 88 CD  
23 1 Y 1 A LYS 87 ? CE  ? A LYS 88 CE  
24 1 Y 1 A LYS 87 ? NZ  ? A LYS 88 NZ  
# 
loop_
_software.citation_id 
_software.classification 
_software.compiler_name 
_software.compiler_version 
_software.contact_author 
_software.contact_author_email 
_software.date 
_software.description 
_software.dependencies 
_software.hardware 
_software.language 
_software.location 
_software.mods 
_software.name 
_software.os 
_software.os_version 
_software.type 
_software.version 
_software.pdbx_ordinal 
? refinement       ? ? ? ? ? ? ? ? ? ? ? PHENIX   ? ? ? 1.10.1_2155 1 
? 'data reduction' ? ? ? ? ? ? ? ? ? ? ? HKL-2000 ? ? ? .           2 
? 'data scaling'   ? ? ? ? ? ? ? ? ? ? ? Aimless  ? ? ? .           3 
? phasing          ? ? ? ? ? ? ? ? ? ? ? PHASER   ? ? ? .           4 
# 
_cell.angle_alpha                  90.000 
_cell.angle_alpha_esd              ? 
_cell.angle_beta                   90.000 
_cell.angle_beta_esd               ? 
_cell.angle_gamma                  90.000 
_cell.angle_gamma_esd              ? 
_cell.entry_id                     6MV7 
_cell.details                      ? 
_cell.formula_units_Z              ? 
_cell.length_a                     27.650 
_cell.length_a_esd                 ? 
_cell.length_b                     38.830 
_cell.length_b_esd                 ? 
_cell.length_c                     97.920 
_cell.length_c_esd                 ? 
_cell.volume                       ? 
_cell.volume_esd                   ? 
_cell.Z_PDB                        4 
_cell.reciprocal_angle_alpha       ? 
_cell.reciprocal_angle_beta        ? 
_cell.reciprocal_angle_gamma       ? 
_cell.reciprocal_angle_alpha_esd   ? 
_cell.reciprocal_angle_beta_esd    ? 
_cell.reciprocal_angle_gamma_esd   ? 
_cell.reciprocal_length_a          ? 
_cell.reciprocal_length_b          ? 
_cell.reciprocal_length_c          ? 
_cell.reciprocal_length_a_esd      ? 
_cell.reciprocal_length_b_esd      ? 
_cell.reciprocal_length_c_esd      ? 
_cell.pdbx_unique_axis             ? 
# 
_symmetry.entry_id                         6MV7 
_symmetry.cell_setting                     ? 
_symmetry.Int_Tables_number                19 
_symmetry.space_group_name_Hall            ? 
_symmetry.space_group_name_H-M             'P 21 21 21' 
_symmetry.pdbx_full_space_group_name_H-M   ? 
# 
_exptl.absorpt_coefficient_mu     ? 
_exptl.absorpt_correction_T_max   ? 
_exptl.absorpt_correction_T_min   ? 
_exptl.absorpt_correction_type    ? 
_exptl.absorpt_process_details    ? 
_exptl.entry_id                   6MV7 
_exptl.crystals_number            1 
_exptl.details                    ? 
_exptl.method                     'X-RAY DIFFRACTION' 
_exptl.method_details             ? 
# 
_exptl_crystal.colour                      ? 
_exptl_crystal.density_diffrn              ? 
_exptl_crystal.density_Matthews            1.78 
_exptl_crystal.density_method              ? 
_exptl_crystal.density_percent_sol         30.71 
_exptl_crystal.description                 ? 
_exptl_crystal.F_000                       ? 
_exptl_crystal.id                          1 
_exptl_crystal.preparation                 ? 
_exptl_crystal.size_max                    ? 
_exptl_crystal.size_mid                    ? 
_exptl_crystal.size_min                    ? 
_exptl_crystal.size_rad                    ? 
_exptl_crystal.colour_lustre               ? 
_exptl_crystal.colour_modifier             ? 
_exptl_crystal.colour_primary              ? 
_exptl_crystal.density_meas                ? 
_exptl_crystal.density_meas_esd            ? 
_exptl_crystal.density_meas_gt             ? 
_exptl_crystal.density_meas_lt             ? 
_exptl_crystal.density_meas_temp           ? 
_exptl_crystal.density_meas_temp_esd       ? 
_exptl_crystal.density_meas_temp_gt        ? 
_exptl_crystal.density_meas_temp_lt        ? 
_exptl_crystal.pdbx_crystal_image_url      ? 
_exptl_crystal.pdbx_crystal_image_format   ? 
_exptl_crystal.pdbx_mosaicity              ? 
_exptl_crystal.pdbx_mosaicity_esd          ? 
# 
_exptl_crystal_grow.apparatus       ? 
_exptl_crystal_grow.atmosphere      ? 
_exptl_crystal_grow.crystal_id      1 
_exptl_crystal_grow.details         ? 
_exptl_crystal_grow.method          'VAPOR DIFFUSION' 
_exptl_crystal_grow.method_ref      ? 
_exptl_crystal_grow.pH              ? 
_exptl_crystal_grow.pressure        ? 
_exptl_crystal_grow.pressure_esd    ? 
_exptl_crystal_grow.seeding         ? 
_exptl_crystal_grow.seeding_ref     ? 
_exptl_crystal_grow.temp            298 
_exptl_crystal_grow.temp_details    ? 
_exptl_crystal_grow.temp_esd        ? 
_exptl_crystal_grow.time            ? 
_exptl_crystal_grow.pdbx_details    'PEG 4000, 50mM Sodium phosphate' 
_exptl_crystal_grow.pdbx_pH_range   ? 
# 
_diffrn.ambient_environment              ? 
_diffrn.ambient_temp                     100 
_diffrn.ambient_temp_details             ? 
_diffrn.ambient_temp_esd                 ? 
_diffrn.crystal_id                       1 
_diffrn.crystal_support                  ? 
_diffrn.crystal_treatment                ? 
_diffrn.details                          ? 
_diffrn.id                               1 
_diffrn.ambient_pressure                 ? 
_diffrn.ambient_pressure_esd             ? 
_diffrn.ambient_pressure_gt              ? 
_diffrn.ambient_pressure_lt              ? 
_diffrn.ambient_temp_gt                  ? 
_diffrn.ambient_temp_lt                  ? 
_diffrn.pdbx_serial_crystal_experiment   N 
# 
_diffrn_detector.details                      ? 
_diffrn_detector.detector                     PIXEL 
_diffrn_detector.diffrn_id                    1 
_diffrn_detector.type                         'DECTRIS PILATUS 300K' 
_diffrn_detector.area_resol_mean              ? 
_diffrn_detector.dtime                        ? 
_diffrn_detector.pdbx_frames_total            ? 
_diffrn_detector.pdbx_collection_time_total   ? 
_diffrn_detector.pdbx_collection_date         2016-10-04 
_diffrn_detector.pdbx_frequency               ? 
# 
_diffrn_radiation.collimation                      ? 
_diffrn_radiation.diffrn_id                        1 
_diffrn_radiation.filter_edge                      ? 
_diffrn_radiation.inhomogeneity                    ? 
_diffrn_radiation.monochromator                    ? 
_diffrn_radiation.polarisn_norm                    ? 
_diffrn_radiation.polarisn_ratio                   ? 
_diffrn_radiation.probe                            ? 
_diffrn_radiation.type                             ? 
_diffrn_radiation.xray_symbol                      ? 
_diffrn_radiation.wavelength_id                    1 
_diffrn_radiation.pdbx_monochromatic_or_laue_m_l   M 
_diffrn_radiation.pdbx_wavelength_list             ? 
_diffrn_radiation.pdbx_wavelength                  ? 
_diffrn_radiation.pdbx_diffrn_protocol             'SINGLE WAVELENGTH' 
_diffrn_radiation.pdbx_analyzer                    ? 
_diffrn_radiation.pdbx_scattering_type             x-ray 
# 
_diffrn_radiation_wavelength.id           1 
_diffrn_radiation_wavelength.wavelength   1 
_diffrn_radiation_wavelength.wt           1.0 
# 
_diffrn_source.current                     ? 
_diffrn_source.details                     ? 
_diffrn_source.diffrn_id                   1 
_diffrn_source.power                       ? 
_diffrn_source.size                        ? 
_diffrn_source.source                      SYNCHROTRON 
_diffrn_source.target                      ? 
_diffrn_source.type                        'APS BEAMLINE 17-ID' 
_diffrn_source.voltage                     ? 
_diffrn_source.take-off_angle              ? 
_diffrn_source.pdbx_wavelength_list        1 
_diffrn_source.pdbx_wavelength             ? 
_diffrn_source.pdbx_synchrotron_beamline   17-ID 
_diffrn_source.pdbx_synchrotron_site       APS 
# 
_reflns.B_iso_Wilson_estimate            14.860 
_reflns.entry_id                         6MV7 
_reflns.data_reduction_details           ? 
_reflns.data_reduction_method            ? 
_reflns.d_resolution_high                2.59 
_reflns.d_resolution_low                 36.1 
_reflns.details                          ? 
_reflns.limit_h_max                      ? 
_reflns.limit_h_min                      ? 
_reflns.limit_k_max                      ? 
_reflns.limit_k_min                      ? 
_reflns.limit_l_max                      ? 
_reflns.limit_l_min                      ? 
_reflns.number_all                       ? 
_reflns.number_obs                       3537 
_reflns.observed_criterion               ? 
_reflns.observed_criterion_F_max         ? 
_reflns.observed_criterion_F_min         ? 
_reflns.observed_criterion_I_max         ? 
_reflns.observed_criterion_I_min         ? 
_reflns.observed_criterion_sigma_F       ? 
_reflns.observed_criterion_sigma_I       ? 
_reflns.percent_possible_obs             98.6 
_reflns.R_free_details                   ? 
_reflns.Rmerge_F_all                     ? 
_reflns.Rmerge_F_obs                     ? 
_reflns.Friedel_coverage                 ? 
_reflns.number_gt                        ? 
_reflns.threshold_expression             ? 
_reflns.pdbx_redundancy                  2.4 
_reflns.pdbx_Rmerge_I_obs                ? 
_reflns.pdbx_Rmerge_I_all                ? 
_reflns.pdbx_Rsym_value                  0.046 
_reflns.pdbx_netI_over_av_sigmaI         ? 
_reflns.pdbx_netI_over_sigmaI            17.2 
_reflns.pdbx_res_netI_over_av_sigmaI_2   ? 
_reflns.pdbx_res_netI_over_sigmaI_2      ? 
_reflns.pdbx_chi_squared                 ? 
_reflns.pdbx_scaling_rejects             ? 
_reflns.pdbx_d_res_high_opt              ? 
_reflns.pdbx_d_res_low_opt               ? 
_reflns.pdbx_d_res_opt_method            ? 
_reflns.phase_calculation_details        ? 
_reflns.pdbx_Rrim_I_all                  ? 
_reflns.pdbx_Rpim_I_all                  ? 
_reflns.pdbx_d_opt                       ? 
_reflns.pdbx_number_measured_all         ? 
_reflns.pdbx_diffrn_id                   1 
_reflns.pdbx_ordinal                     1 
_reflns.pdbx_CC_half                     ? 
_reflns.pdbx_CC_star                     ? 
_reflns.pdbx_R_split                     ? 
# 
_reflns_shell.d_res_high                  2.6 
_reflns_shell.d_res_low                   2.71 
_reflns_shell.meanI_over_sigI_all         ? 
_reflns_shell.meanI_over_sigI_obs         ? 
_reflns_shell.number_measured_all         ? 
_reflns_shell.number_measured_obs         ? 
_reflns_shell.number_possible             ? 
_reflns_shell.number_unique_all           ? 
_reflns_shell.number_unique_obs           308 
_reflns_shell.percent_possible_all        ? 
_reflns_shell.percent_possible_obs        ? 
_reflns_shell.Rmerge_F_all                ? 
_reflns_shell.Rmerge_F_obs                ? 
_reflns_shell.Rmerge_I_all                ? 
_reflns_shell.Rmerge_I_obs                ? 
_reflns_shell.meanI_over_sigI_gt          ? 
_reflns_shell.meanI_over_uI_all           ? 
_reflns_shell.meanI_over_uI_gt            ? 
_reflns_shell.number_measured_gt          ? 
_reflns_shell.number_unique_gt            ? 
_reflns_shell.percent_possible_gt         ? 
_reflns_shell.Rmerge_F_gt                 ? 
_reflns_shell.Rmerge_I_gt                 ? 
_reflns_shell.pdbx_redundancy             ? 
_reflns_shell.pdbx_Rsym_value             0.104 
_reflns_shell.pdbx_chi_squared            ? 
_reflns_shell.pdbx_netI_over_sigmaI_all   ? 
_reflns_shell.pdbx_netI_over_sigmaI_obs   ? 
_reflns_shell.pdbx_Rrim_I_all             ? 
_reflns_shell.pdbx_Rpim_I_all             ? 
_reflns_shell.pdbx_rejects                ? 
_reflns_shell.pdbx_ordinal                1 
_reflns_shell.pdbx_diffrn_id              1 
_reflns_shell.pdbx_CC_half                ? 
_reflns_shell.pdbx_CC_star                ? 
_reflns_shell.pdbx_R_split                ? 
# 
_refine.aniso_B[1][1]                            ? 
_refine.aniso_B[1][2]                            ? 
_refine.aniso_B[1][3]                            ? 
_refine.aniso_B[2][2]                            ? 
_refine.aniso_B[2][3]                            ? 
_refine.aniso_B[3][3]                            ? 
_refine.B_iso_max                                60.570 
_refine.B_iso_mean                               19.0356 
_refine.B_iso_min                                3.810 
_refine.correlation_coeff_Fo_to_Fc               ? 
_refine.correlation_coeff_Fo_to_Fc_free          ? 
_refine.details                                  ? 
_refine.diff_density_max                         ? 
_refine.diff_density_max_esd                     ? 
_refine.diff_density_min                         ? 
_refine.diff_density_min_esd                     ? 
_refine.diff_density_rms                         ? 
_refine.diff_density_rms_esd                     ? 
_refine.entry_id                                 6MV7 
_refine.pdbx_refine_id                           'X-RAY DIFFRACTION' 
_refine.ls_abs_structure_details                 ? 
_refine.ls_abs_structure_Flack                   ? 
_refine.ls_abs_structure_Flack_esd               ? 
_refine.ls_abs_structure_Rogers                  ? 
_refine.ls_abs_structure_Rogers_esd              ? 
_refine.ls_d_res_high                            2.5900 
_refine.ls_d_res_low                             36.0950 
_refine.ls_extinction_coef                       ? 
_refine.ls_extinction_coef_esd                   ? 
_refine.ls_extinction_expression                 ? 
_refine.ls_extinction_method                     ? 
_refine.ls_goodness_of_fit_all                   ? 
_refine.ls_goodness_of_fit_all_esd               ? 
_refine.ls_goodness_of_fit_obs                   ? 
_refine.ls_goodness_of_fit_obs_esd               ? 
_refine.ls_hydrogen_treatment                    ? 
_refine.ls_matrix_type                           ? 
_refine.ls_number_constraints                    ? 
_refine.ls_number_parameters                     ? 
_refine.ls_number_reflns_all                     ? 
_refine.ls_number_reflns_obs                     3537 
_refine.ls_number_reflns_R_free                  354 
_refine.ls_number_reflns_R_work                  ? 
_refine.ls_number_restraints                     ? 
_refine.ls_percent_reflns_obs                    98.5000 
_refine.ls_percent_reflns_R_free                 10.0100 
_refine.ls_R_factor_all                          ? 
_refine.ls_R_factor_obs                          0.2204 
_refine.ls_R_factor_R_free                       0.2519 
_refine.ls_R_factor_R_free_error                 ? 
_refine.ls_R_factor_R_free_error_details         ? 
_refine.ls_R_factor_R_work                       0.2168 
_refine.ls_R_Fsqd_factor_obs                     ? 
_refine.ls_R_I_factor_obs                        ? 
_refine.ls_redundancy_reflns_all                 ? 
_refine.ls_redundancy_reflns_obs                 ? 
_refine.ls_restrained_S_all                      ? 
_refine.ls_restrained_S_obs                      ? 
_refine.ls_shift_over_esd_max                    ? 
_refine.ls_shift_over_esd_mean                   ? 
_refine.ls_structure_factor_coef                 ? 
_refine.ls_weighting_details                     ? 
_refine.ls_weighting_scheme                      ? 
_refine.ls_wR_factor_all                         ? 
_refine.ls_wR_factor_obs                         ? 
_refine.ls_wR_factor_R_free                      ? 
_refine.ls_wR_factor_R_work                      ? 
_refine.occupancy_max                            ? 
_refine.occupancy_min                            ? 
_refine.solvent_model_details                    ? 
_refine.solvent_model_param_bsol                 ? 
_refine.solvent_model_param_ksol                 ? 
_refine.pdbx_R_complete                          ? 
_refine.ls_R_factor_gt                           ? 
_refine.ls_goodness_of_fit_gt                    ? 
_refine.ls_goodness_of_fit_ref                   ? 
_refine.ls_shift_over_su_max                     ? 
_refine.ls_shift_over_su_max_lt                  ? 
_refine.ls_shift_over_su_mean                    ? 
_refine.ls_shift_over_su_mean_lt                 ? 
_refine.pdbx_ls_sigma_I                          ? 
_refine.pdbx_ls_sigma_F                          1.390 
_refine.pdbx_ls_sigma_Fsqd                       ? 
_refine.pdbx_data_cutoff_high_absF               ? 
_refine.pdbx_data_cutoff_high_rms_absF           ? 
_refine.pdbx_data_cutoff_low_absF                ? 
_refine.pdbx_isotropic_thermal_model             ? 
_refine.pdbx_ls_cross_valid_method               THROUGHOUT 
_refine.pdbx_method_to_determine_struct          'MOLECULAR REPLACEMENT' 
_refine.pdbx_starting_model                      6MV6 
_refine.pdbx_stereochemistry_target_values       ? 
_refine.pdbx_R_Free_selection_details            ? 
_refine.pdbx_stereochem_target_val_spec_case     ? 
_refine.pdbx_overall_ESU_R                       ? 
_refine.pdbx_overall_ESU_R_Free                  ? 
_refine.pdbx_solvent_vdw_probe_radii             1.1100 
_refine.pdbx_solvent_ion_probe_radii             ? 
_refine.pdbx_solvent_shrinkage_radii             0.9000 
_refine.pdbx_real_space_R                        ? 
_refine.pdbx_density_correlation                 ? 
_refine.pdbx_pd_number_of_powder_patterns        ? 
_refine.pdbx_pd_number_of_points                 ? 
_refine.pdbx_pd_meas_number_of_points            ? 
_refine.pdbx_pd_proc_ls_prof_R_factor            ? 
_refine.pdbx_pd_proc_ls_prof_wR_factor           ? 
_refine.pdbx_pd_Marquardt_correlation_coeff      ? 
_refine.pdbx_pd_Fsqrd_R_factor                   ? 
_refine.pdbx_pd_ls_matrix_band_width             ? 
_refine.pdbx_overall_phase_error                 21.2800 
_refine.pdbx_overall_SU_R_free_Cruickshank_DPI   ? 
_refine.pdbx_overall_SU_R_free_Blow_DPI          ? 
_refine.pdbx_overall_SU_R_Blow_DPI               ? 
_refine.pdbx_TLS_residual_ADP_flag               ? 
_refine.pdbx_diffrn_id                           1 
_refine.overall_SU_B                             ? 
_refine.overall_SU_ML                            0.2000 
_refine.overall_SU_R_Cruickshank_DPI             ? 
_refine.overall_SU_R_free                        ? 
_refine.overall_FOM_free_R_set                   ? 
_refine.overall_FOM_work_R_set                   ? 
_refine.pdbx_average_fsc_overall                 ? 
_refine.pdbx_average_fsc_work                    ? 
_refine.pdbx_average_fsc_free                    ? 
# 
_refine_hist.pdbx_refine_id                   'X-RAY DIFFRACTION' 
_refine_hist.cycle_id                         final 
_refine_hist.details                          ? 
_refine_hist.d_res_high                       2.5900 
_refine_hist.d_res_low                        36.0950 
_refine_hist.number_atoms_solvent             27 
_refine_hist.number_atoms_total               1063 
_refine_hist.number_reflns_all                ? 
_refine_hist.number_reflns_obs                ? 
_refine_hist.number_reflns_R_free             ? 
_refine_hist.number_reflns_R_work             ? 
_refine_hist.R_factor_all                     ? 
_refine_hist.R_factor_obs                     ? 
_refine_hist.R_factor_R_free                  ? 
_refine_hist.R_factor_R_work                  ? 
_refine_hist.pdbx_number_residues_total       128 
_refine_hist.pdbx_B_iso_mean_ligand           32.27 
_refine_hist.pdbx_B_iso_mean_solvent          17.32 
_refine_hist.pdbx_number_atoms_protein        1013 
_refine_hist.pdbx_number_atoms_nucleic_acid   0 
_refine_hist.pdbx_number_atoms_ligand         23 
_refine_hist.pdbx_number_atoms_lipid          ? 
_refine_hist.pdbx_number_atoms_carb           ? 
_refine_hist.pdbx_pseudo_atom_details         ? 
# 
loop_
_refine_ls_restr.pdbx_refine_id 
_refine_ls_restr.criterion 
_refine_ls_restr.dev_ideal 
_refine_ls_restr.dev_ideal_target 
_refine_ls_restr.number 
_refine_ls_restr.rejects 
_refine_ls_restr.type 
_refine_ls_restr.weight 
_refine_ls_restr.pdbx_restraint_function 
'X-RAY DIFFRACTION' ? 0.003  ? 1083 ? f_bond_d           ? ? 
'X-RAY DIFFRACTION' ? 0.703  ? 1481 ? f_angle_d          ? ? 
'X-RAY DIFFRACTION' ? 0.041  ? 157  ? f_chiral_restr     ? ? 
'X-RAY DIFFRACTION' ? 0.004  ? 189  ? f_plane_restr      ? ? 
'X-RAY DIFFRACTION' ? 13.497 ? 660  ? f_dihedral_angle_d ? ? 
# 
loop_
_refine_ls_shell.pdbx_refine_id 
_refine_ls_shell.d_res_high 
_refine_ls_shell.d_res_low 
_refine_ls_shell.number_reflns_all 
_refine_ls_shell.number_reflns_obs 
_refine_ls_shell.number_reflns_R_free 
_refine_ls_shell.number_reflns_R_work 
_refine_ls_shell.percent_reflns_obs 
_refine_ls_shell.percent_reflns_R_free 
_refine_ls_shell.R_factor_all 
_refine_ls_shell.R_factor_obs 
_refine_ls_shell.R_factor_R_free 
_refine_ls_shell.R_factor_R_free_error 
_refine_ls_shell.R_factor_R_work 
_refine_ls_shell.redundancy_reflns_all 
_refine_ls_shell.redundancy_reflns_obs 
_refine_ls_shell.wR_factor_all 
_refine_ls_shell.wR_factor_obs 
_refine_ls_shell.wR_factor_R_free 
_refine_ls_shell.wR_factor_R_work 
_refine_ls_shell.pdbx_R_complete 
_refine_ls_shell.pdbx_total_number_of_bins_used 
_refine_ls_shell.pdbx_phase_error 
_refine_ls_shell.pdbx_fsc_work 
_refine_ls_shell.pdbx_fsc_free 
'X-RAY DIFFRACTION' 2.59   2.9645  . . 113 1013 97.0000  . . . 0.2931 0.0000 0.2460 . . . . . . . . . . . 
'X-RAY DIFFRACTION' 2.9645 3.7343  . . 115 1038 99.0000  . . . 0.2673 0.0000 0.2190 . . . . . . . . . . . 
'X-RAY DIFFRACTION' 3.7343 36.0950 . . 126 1132 100.0000 . . . 0.2198 0.0000 0.1998 . . . . . . . . . . . 
# 
_struct.entry_id                     6MV7 
_struct.title                        'Crystal structure of RNAse 6' 
_struct.pdbx_model_details           ? 
_struct.pdbx_formula_weight          ? 
_struct.pdbx_formula_weight_method   ? 
_struct.pdbx_model_type_details      ? 
_struct.pdbx_CASP_flag               N 
# 
_struct_keywords.entry_id        6MV7 
_struct_keywords.text            'rnase, nuclease, HYDROLASE' 
_struct_keywords.pdbx_keywords   HYDROLASE 
# 
loop_
_struct_asym.id 
_struct_asym.pdbx_blank_PDB_chainid_flag 
_struct_asym.pdbx_modified 
_struct_asym.entity_id 
_struct_asym.details 
A N N 1 ? 
B N N 2 ? 
C N N 3 ? 
# 
_struct_ref.id                         1 
_struct_ref.db_name                    UNP 
_struct_ref.db_code                    RNAS6_HUMAN 
_struct_ref.pdbx_db_accession          Q93091 
_struct_ref.pdbx_db_isoform            ? 
_struct_ref.entity_id                  1 
_struct_ref.pdbx_seq_one_letter_code   
;WPKRLTKAHWFEIQHIQPSPLQCNRAMSGINNYTQHCKHQNTFLHDSFQNVAAVCDLLSIVCKNRRHNCHQSSKPVNMTD
CRLTSGKYPQCRYSAAAQYKFFIVACDPPQKSDPPYKLVPVHLDSIL
;
_struct_ref.pdbx_align_begin           24 
# 
_struct_ref_seq.align_id                      1 
_struct_ref_seq.ref_id                        1 
_struct_ref_seq.pdbx_PDB_id_code              6MV7 
_struct_ref_seq.pdbx_strand_id                A 
_struct_ref_seq.seq_align_beg                 2 
_struct_ref_seq.pdbx_seq_align_beg_ins_code   ? 
_struct_ref_seq.seq_align_end                 128 
_struct_ref_seq.pdbx_seq_align_end_ins_code   ? 
_struct_ref_seq.pdbx_db_accession             Q93091 
_struct_ref_seq.db_align_beg                  24 
_struct_ref_seq.pdbx_db_align_beg_ins_code    ? 
_struct_ref_seq.db_align_end                  150 
_struct_ref_seq.pdbx_db_align_end_ins_code    ? 
_struct_ref_seq.pdbx_auth_seq_align_beg       1 
_struct_ref_seq.pdbx_auth_seq_align_end       127 
# 
_struct_ref_seq_dif.align_id                     1 
_struct_ref_seq_dif.pdbx_pdb_id_code             6MV7 
_struct_ref_seq_dif.mon_id                       MET 
_struct_ref_seq_dif.pdbx_pdb_strand_id           A 
_struct_ref_seq_dif.seq_num                      1 
_struct_ref_seq_dif.pdbx_pdb_ins_code            ? 
_struct_ref_seq_dif.pdbx_seq_db_name             UNP 
_struct_ref_seq_dif.pdbx_seq_db_accession_code   Q93091 
_struct_ref_seq_dif.db_mon_id                    ? 
_struct_ref_seq_dif.pdbx_seq_db_seq_num          ? 
_struct_ref_seq_dif.details                      'initiating methionine' 
_struct_ref_seq_dif.pdbx_auth_seq_num            0 
_struct_ref_seq_dif.pdbx_ordinal                 1 
# 
_pdbx_struct_assembly.id                   1 
_pdbx_struct_assembly.details              author_and_software_defined_assembly 
_pdbx_struct_assembly.method_details       PISA 
_pdbx_struct_assembly.oligomeric_details   monomeric 
_pdbx_struct_assembly.oligomeric_count     1 
# 
_pdbx_struct_assembly_gen.assembly_id       1 
_pdbx_struct_assembly_gen.oper_expression   1 
_pdbx_struct_assembly_gen.asym_id_list      A,B,C 
# 
_pdbx_struct_assembly_auth_evidence.id                     1 
_pdbx_struct_assembly_auth_evidence.assembly_id            1 
_pdbx_struct_assembly_auth_evidence.experimental_support   'gel filtration' 
_pdbx_struct_assembly_auth_evidence.details                ? 
# 
_pdbx_struct_oper_list.id                   1 
_pdbx_struct_oper_list.type                 'identity operation' 
_pdbx_struct_oper_list.name                 1_555 
_pdbx_struct_oper_list.symmetry_operation   x,y,z 
_pdbx_struct_oper_list.matrix[1][1]         1.0000000000 
_pdbx_struct_oper_list.matrix[1][2]         0.0000000000 
_pdbx_struct_oper_list.matrix[1][3]         0.0000000000 
_pdbx_struct_oper_list.vector[1]            0.0000000000 
_pdbx_struct_oper_list.matrix[2][1]         0.0000000000 
_pdbx_struct_oper_list.matrix[2][2]         1.0000000000 
_pdbx_struct_oper_list.matrix[2][3]         0.0000000000 
_pdbx_struct_oper_list.vector[2]            0.0000000000 
_pdbx_struct_oper_list.matrix[3][1]         0.0000000000 
_pdbx_struct_oper_list.matrix[3][2]         0.0000000000 
_pdbx_struct_oper_list.matrix[3][3]         1.0000000000 
_pdbx_struct_oper_list.vector[3]            0.0000000000 
# 
loop_
_struct_conf.conf_type_id 
_struct_conf.id 
_struct_conf.pdbx_PDB_helix_id 
_struct_conf.beg_label_comp_id 
_struct_conf.beg_label_asym_id 
_struct_conf.beg_label_seq_id 
_struct_conf.pdbx_beg_PDB_ins_code 
_struct_conf.end_label_comp_id 
_struct_conf.end_label_asym_id 
_struct_conf.end_label_seq_id 
_struct_conf.pdbx_end_PDB_ins_code 
_struct_conf.beg_auth_comp_id 
_struct_conf.beg_auth_asym_id 
_struct_conf.beg_auth_seq_id 
_struct_conf.end_auth_comp_id 
_struct_conf.end_auth_asym_id 
_struct_conf.end_auth_seq_id 
_struct_conf.pdbx_PDB_helix_class 
_struct_conf.details 
_struct_conf.pdbx_PDB_helix_length 
HELX_P HELX_P1 AA1 THR A 7  ? ILE A 17 ? THR A 6  ILE A 16 1 ? 11 
HELX_P HELX_P2 AA2 GLN A 23 ? GLN A 36 ? GLN A 22 GLN A 35 1 ? 14 
HELX_P HELX_P3 AA3 SER A 48 ? CYS A 56 ? SER A 47 CYS A 55 1 ? 9  
# 
_struct_conf_type.id          HELX_P 
_struct_conf_type.criteria    ? 
_struct_conf_type.reference   ? 
# 
loop_
_struct_conn.id 
_struct_conn.conn_type_id 
_struct_conn.pdbx_leaving_atom_flag 
_struct_conn.pdbx_PDB_id 
_struct_conn.ptnr1_label_asym_id 
_struct_conn.ptnr1_label_comp_id 
_struct_conn.ptnr1_label_seq_id 
_struct_conn.ptnr1_label_atom_id 
_struct_conn.pdbx_ptnr1_label_alt_id 
_struct_conn.pdbx_ptnr1_PDB_ins_code 
_struct_conn.pdbx_ptnr1_standard_comp_id 
_struct_conn.ptnr1_symmetry 
_struct_conn.ptnr2_label_asym_id 
_struct_conn.ptnr2_label_comp_id 
_struct_conn.ptnr2_label_seq_id 
_struct_conn.ptnr2_label_atom_id 
_struct_conn.pdbx_ptnr2_label_alt_id 
_struct_conn.pdbx_ptnr2_PDB_ins_code 
_struct_conn.ptnr1_auth_asym_id 
_struct_conn.ptnr1_auth_comp_id 
_struct_conn.ptnr1_auth_seq_id 
_struct_conn.ptnr2_auth_asym_id 
_struct_conn.ptnr2_auth_comp_id 
_struct_conn.ptnr2_auth_seq_id 
_struct_conn.ptnr2_symmetry 
_struct_conn.pdbx_ptnr3_label_atom_id 
_struct_conn.pdbx_ptnr3_label_seq_id 
_struct_conn.pdbx_ptnr3_label_comp_id 
_struct_conn.pdbx_ptnr3_label_asym_id 
_struct_conn.pdbx_ptnr3_label_alt_id 
_struct_conn.pdbx_ptnr3_PDB_ins_code 
_struct_conn.details 
_struct_conn.pdbx_dist_value 
_struct_conn.pdbx_value_order 
_struct_conn.pdbx_role 
disulf1 disulf ? ? A CYS 24 SG ? ? ? 1_555 A CYS 82  SG ? ? A CYS 23 A CYS 81  1_555 ? ? ? ? ? ? ? 2.031 ? ? 
disulf2 disulf ? ? A CYS 38 SG ? ? ? 1_555 A CYS 92  SG ? ? A CYS 37 A CYS 91  1_555 ? ? ? ? ? ? ? 2.032 ? ? 
disulf3 disulf ? ? A CYS 56 SG ? ? ? 1_555 A CYS 107 SG ? ? A CYS 55 A CYS 106 1_555 ? ? ? ? ? ? ? 2.027 ? ? 
disulf4 disulf ? ? A CYS 63 SG ? ? ? 1_555 A CYS 70  SG ? ? A CYS 62 A CYS 69  1_555 ? ? ? ? ? ? ? 2.029 ? ? 
# 
_struct_conn_type.id          disulf 
_struct_conn_type.criteria    ? 
_struct_conn_type.reference   ? 
# 
loop_
_pdbx_modification_feature.ordinal 
_pdbx_modification_feature.label_comp_id 
_pdbx_modification_feature.label_asym_id 
_pdbx_modification_feature.label_seq_id 
_pdbx_modification_feature.label_alt_id 
_pdbx_modification_feature.modified_residue_label_comp_id 
_pdbx_modification_feature.modified_residue_label_asym_id 
_pdbx_modification_feature.modified_residue_label_seq_id 
_pdbx_modification_feature.modified_residue_label_alt_id 
_pdbx_modification_feature.auth_comp_id 
_pdbx_modification_feature.auth_asym_id 
_pdbx_modification_feature.auth_seq_id 
_pdbx_modification_feature.PDB_ins_code 
_pdbx_modification_feature.symmetry 
_pdbx_modification_feature.modified_residue_auth_comp_id 
_pdbx_modification_feature.modified_residue_auth_asym_id 
_pdbx_modification_feature.modified_residue_auth_seq_id 
_pdbx_modification_feature.modified_residue_PDB_ins_code 
_pdbx_modification_feature.modified_residue_symmetry 
_pdbx_modification_feature.comp_id_linking_atom 
_pdbx_modification_feature.modified_residue_id_linking_atom 
_pdbx_modification_feature.modified_residue_id 
_pdbx_modification_feature.ref_pcm_id 
_pdbx_modification_feature.ref_comp_id 
_pdbx_modification_feature.type 
_pdbx_modification_feature.category 
1 CYS A 24 ? CYS A 82  ? CYS A 23 ? 1_555 CYS A 81  ? 1_555 SG SG . . . None 'Disulfide bridge' 
2 CYS A 38 ? CYS A 92  ? CYS A 37 ? 1_555 CYS A 91  ? 1_555 SG SG . . . None 'Disulfide bridge' 
3 CYS A 56 ? CYS A 107 ? CYS A 55 ? 1_555 CYS A 106 ? 1_555 SG SG . . . None 'Disulfide bridge' 
4 CYS A 63 ? CYS A 70  ? CYS A 62 ? 1_555 CYS A 69  ? 1_555 SG SG . . . None 'Disulfide bridge' 
# 
_struct_mon_prot_cis.pdbx_id                1 
_struct_mon_prot_cis.label_comp_id          TYR 
_struct_mon_prot_cis.label_seq_id           89 
_struct_mon_prot_cis.label_asym_id          A 
_struct_mon_prot_cis.label_alt_id           . 
_struct_mon_prot_cis.pdbx_PDB_ins_code      ? 
_struct_mon_prot_cis.auth_comp_id           TYR 
_struct_mon_prot_cis.auth_seq_id            88 
_struct_mon_prot_cis.auth_asym_id           A 
_struct_mon_prot_cis.pdbx_label_comp_id_2   PRO 
_struct_mon_prot_cis.pdbx_label_seq_id_2    90 
_struct_mon_prot_cis.pdbx_label_asym_id_2   A 
_struct_mon_prot_cis.pdbx_PDB_ins_code_2    ? 
_struct_mon_prot_cis.pdbx_auth_comp_id_2    PRO 
_struct_mon_prot_cis.pdbx_auth_seq_id_2     89 
_struct_mon_prot_cis.pdbx_auth_asym_id_2    A 
_struct_mon_prot_cis.pdbx_PDB_model_num     1 
_struct_mon_prot_cis.pdbx_omega_angle       4.17 
# 
loop_
_struct_sheet.id 
_struct_sheet.type 
_struct_sheet.number_strands 
_struct_sheet.details 
AA1 ? 5 ? 
AA2 ? 4 ? 
# 
loop_
_struct_sheet_order.sheet_id 
_struct_sheet_order.range_id_1 
_struct_sheet_order.range_id_2 
_struct_sheet_order.offset 
_struct_sheet_order.sense 
AA1 1 2 ? anti-parallel 
AA1 2 3 ? anti-parallel 
AA1 3 4 ? anti-parallel 
AA1 4 5 ? anti-parallel 
AA2 1 2 ? anti-parallel 
AA2 2 3 ? anti-parallel 
AA2 3 4 ? anti-parallel 
# 
loop_
_struct_sheet_range.sheet_id 
_struct_sheet_range.id 
_struct_sheet_range.beg_label_comp_id 
_struct_sheet_range.beg_label_asym_id 
_struct_sheet_range.beg_label_seq_id 
_struct_sheet_range.pdbx_beg_PDB_ins_code 
_struct_sheet_range.end_label_comp_id 
_struct_sheet_range.end_label_asym_id 
_struct_sheet_range.end_label_seq_id 
_struct_sheet_range.pdbx_end_PDB_ins_code 
_struct_sheet_range.beg_auth_comp_id 
_struct_sheet_range.beg_auth_asym_id 
_struct_sheet_range.beg_auth_seq_id 
_struct_sheet_range.end_auth_comp_id 
_struct_sheet_range.end_auth_asym_id 
_struct_sheet_range.end_auth_seq_id 
AA1 1 GLN A 41  ? LEU A 45  ? GLN A 40  LEU A 44  
AA1 2 VAL A 77  ? SER A 86  ? VAL A 76  SER A 85  
AA1 3 ARG A 93  ? ASP A 108 ? ARG A 92  ASP A 107 
AA1 4 CYS A 70  ? GLN A 72  ? CYS A 69  GLN A 71  
AA1 5 SER A 60  ? ILE A 61  ? SER A 59  ILE A 60  
AA2 1 GLN A 41  ? LEU A 45  ? GLN A 40  LEU A 44  
AA2 2 VAL A 77  ? SER A 86  ? VAL A 76  SER A 85  
AA2 3 ARG A 93  ? ASP A 108 ? ARG A 92  ASP A 107 
AA2 4 VAL A 120 ? LEU A 128 ? VAL A 119 LEU A 127 
# 
loop_
_pdbx_struct_sheet_hbond.sheet_id 
_pdbx_struct_sheet_hbond.range_id_1 
_pdbx_struct_sheet_hbond.range_id_2 
_pdbx_struct_sheet_hbond.range_1_label_atom_id 
_pdbx_struct_sheet_hbond.range_1_label_comp_id 
_pdbx_struct_sheet_hbond.range_1_label_asym_id 
_pdbx_struct_sheet_hbond.range_1_label_seq_id 
_pdbx_struct_sheet_hbond.range_1_PDB_ins_code 
_pdbx_struct_sheet_hbond.range_1_auth_atom_id 
_pdbx_struct_sheet_hbond.range_1_auth_comp_id 
_pdbx_struct_sheet_hbond.range_1_auth_asym_id 
_pdbx_struct_sheet_hbond.range_1_auth_seq_id 
_pdbx_struct_sheet_hbond.range_2_label_atom_id 
_pdbx_struct_sheet_hbond.range_2_label_comp_id 
_pdbx_struct_sheet_hbond.range_2_label_asym_id 
_pdbx_struct_sheet_hbond.range_2_label_seq_id 
_pdbx_struct_sheet_hbond.range_2_PDB_ins_code 
_pdbx_struct_sheet_hbond.range_2_auth_atom_id 
_pdbx_struct_sheet_hbond.range_2_auth_comp_id 
_pdbx_struct_sheet_hbond.range_2_auth_asym_id 
_pdbx_struct_sheet_hbond.range_2_auth_seq_id 
AA1 1 2 N ASN A 42  ? N ASN A 41  O CYS A 82  ? O CYS A 81  
AA1 2 3 N MET A 79  ? N MET A 78  O GLN A 99  ? O GLN A 98  
AA1 3 4 O VAL A 105 ? O VAL A 104 N HIS A 71  ? N HIS A 70  
AA1 4 5 O CYS A 70  ? O CYS A 69  N ILE A 61  ? N ILE A 60  
AA2 1 2 N ASN A 42  ? N ASN A 41  O CYS A 82  ? O CYS A 81  
AA2 2 3 N MET A 79  ? N MET A 78  O GLN A 99  ? O GLN A 98  
AA2 3 4 N ALA A 106 ? N ALA A 105 O VAL A 122 ? O VAL A 121 
# 
_struct_site.id                   AC1 
_struct_site.pdbx_evidence_code   Software 
_struct_site.pdbx_auth_asym_id    A 
_struct_site.pdbx_auth_comp_id    AMP 
_struct_site.pdbx_auth_seq_id     201 
_struct_site.pdbx_auth_ins_code   ? 
_struct_site.pdbx_num_residues    12 
_struct_site.details              'binding site for residue AMP A 201' 
# 
loop_
_struct_site_gen.id 
_struct_site_gen.site_id 
_struct_site_gen.pdbx_num_res 
_struct_site_gen.label_comp_id 
_struct_site_gen.label_asym_id 
_struct_site_gen.label_seq_id 
_struct_site_gen.pdbx_auth_ins_code 
_struct_site_gen.auth_comp_id 
_struct_site_gen.auth_asym_id 
_struct_site_gen.auth_seq_id 
_struct_site_gen.label_atom_id 
_struct_site_gen.label_alt_id 
_struct_site_gen.symmetry 
_struct_site_gen.details 
1  AC1 12 LYS A 8   ? LYS A 7   . ? 1_555 ? 
2  AC1 12 VAL A 62  ? VAL A 61  . ? 3_555 ? 
3  AC1 12 CYS A 63  ? CYS A 62  . ? 1_555 ? 
4  AC1 12 ASN A 65  ? ASN A 64  . ? 1_555 ? 
5  AC1 12 ARG A 67  ? ARG A 66  . ? 1_555 ? 
6  AC1 12 HIS A 68  ? HIS A 67  . ? 3_555 ? 
7  AC1 12 ASN A 69  ? ASN A 68  . ? 1_555 ? 
8  AC1 12 ALA A 106 ? ALA A 105 . ? 1_555 ? 
9  AC1 12 ASP A 108 ? ASP A 107 . ? 1_555 ? 
10 AC1 12 VAL A 122 ? VAL A 121 . ? 1_555 ? 
11 AC1 12 HIS A 123 ? HIS A 122 . ? 1_555 ? 
12 AC1 12 HOH C .   ? HOH A 319 . ? 1_555 ? 
# 
_pdbx_entry_details.entry_id                   6MV7 
_pdbx_entry_details.has_ligand_of_interest     Y 
_pdbx_entry_details.compound_details           ? 
_pdbx_entry_details.source_details             ? 
_pdbx_entry_details.nonpolymer_details         ? 
_pdbx_entry_details.sequence_details           ? 
_pdbx_entry_details.has_protein_modification   Y 
# 
_pdbx_validate_close_contact.id               1 
_pdbx_validate_close_contact.PDB_model_num    1 
_pdbx_validate_close_contact.auth_atom_id_1   NZ 
_pdbx_validate_close_contact.auth_asym_id_1   A 
_pdbx_validate_close_contact.auth_comp_id_1   LYS 
_pdbx_validate_close_contact.auth_seq_id_1    117 
_pdbx_validate_close_contact.PDB_ins_code_1   ? 
_pdbx_validate_close_contact.label_alt_id_1   ? 
_pdbx_validate_close_contact.auth_atom_id_2   O 
_pdbx_validate_close_contact.auth_asym_id_2   A 
_pdbx_validate_close_contact.auth_comp_id_2   HOH 
_pdbx_validate_close_contact.auth_seq_id_2    301 
_pdbx_validate_close_contact.PDB_ins_code_2   ? 
_pdbx_validate_close_contact.label_alt_id_2   ? 
_pdbx_validate_close_contact.dist             2.08 
# 
_pdbx_validate_symm_contact.id                1 
_pdbx_validate_symm_contact.PDB_model_num     1 
_pdbx_validate_symm_contact.auth_atom_id_1    CD2 
_pdbx_validate_symm_contact.auth_asym_id_1    A 
_pdbx_validate_symm_contact.auth_comp_id_1    HIS 
_pdbx_validate_symm_contact.auth_seq_id_1     67 
_pdbx_validate_symm_contact.PDB_ins_code_1    ? 
_pdbx_validate_symm_contact.label_alt_id_1    ? 
_pdbx_validate_symm_contact.site_symmetry_1   1_555 
_pdbx_validate_symm_contact.auth_atom_id_2    NZ 
_pdbx_validate_symm_contact.auth_asym_id_2    A 
_pdbx_validate_symm_contact.auth_comp_id_2    LYS 
_pdbx_validate_symm_contact.auth_seq_id_2     111 
_pdbx_validate_symm_contact.PDB_ins_code_2    ? 
_pdbx_validate_symm_contact.label_alt_id_2    ? 
_pdbx_validate_symm_contact.site_symmetry_2   3_445 
_pdbx_validate_symm_contact.dist              2.06 
# 
loop_
_chem_comp_atom.comp_id 
_chem_comp_atom.atom_id 
_chem_comp_atom.type_symbol 
_chem_comp_atom.pdbx_aromatic_flag 
_chem_comp_atom.pdbx_stereo_config 
_chem_comp_atom.pdbx_ordinal 
ALA N      N N N 1   
ALA CA     C N S 2   
ALA C      C N N 3   
ALA O      O N N 4   
ALA CB     C N N 5   
ALA OXT    O N N 6   
ALA H      H N N 7   
ALA H2     H N N 8   
ALA HA     H N N 9   
ALA HB1    H N N 10  
ALA HB2    H N N 11  
ALA HB3    H N N 12  
ALA HXT    H N N 13  
AMP P      P N N 14  
AMP O1P    O N N 15  
AMP O2P    O N N 16  
AMP O3P    O N N 17  
AMP "O5'"  O N N 18  
AMP "C5'"  C N N 19  
AMP "C4'"  C N R 20  
AMP "O4'"  O N N 21  
AMP "C3'"  C N S 22  
AMP "O3'"  O N N 23  
AMP "C2'"  C N R 24  
AMP "O2'"  O N N 25  
AMP "C1'"  C N R 26  
AMP N9     N Y N 27  
AMP C8     C Y N 28  
AMP N7     N Y N 29  
AMP C5     C Y N 30  
AMP C6     C Y N 31  
AMP N6     N N N 32  
AMP N1     N Y N 33  
AMP C2     C Y N 34  
AMP N3     N Y N 35  
AMP C4     C Y N 36  
AMP HOP2   H N N 37  
AMP HOP3   H N N 38  
AMP "H5'1" H N N 39  
AMP "H5'2" H N N 40  
AMP "H4'"  H N N 41  
AMP "H3'"  H N N 42  
AMP "HO3'" H N N 43  
AMP "H2'"  H N N 44  
AMP "HO2'" H N N 45  
AMP "H1'"  H N N 46  
AMP H8     H N N 47  
AMP HN61   H N N 48  
AMP HN62   H N N 49  
AMP H2     H N N 50  
ARG N      N N N 51  
ARG CA     C N S 52  
ARG C      C N N 53  
ARG O      O N N 54  
ARG CB     C N N 55  
ARG CG     C N N 56  
ARG CD     C N N 57  
ARG NE     N N N 58  
ARG CZ     C N N 59  
ARG NH1    N N N 60  
ARG NH2    N N N 61  
ARG OXT    O N N 62  
ARG H      H N N 63  
ARG H2     H N N 64  
ARG HA     H N N 65  
ARG HB2    H N N 66  
ARG HB3    H N N 67  
ARG HG2    H N N 68  
ARG HG3    H N N 69  
ARG HD2    H N N 70  
ARG HD3    H N N 71  
ARG HE     H N N 72  
ARG HH11   H N N 73  
ARG HH12   H N N 74  
ARG HH21   H N N 75  
ARG HH22   H N N 76  
ARG HXT    H N N 77  
ASN N      N N N 78  
ASN CA     C N S 79  
ASN C      C N N 80  
ASN O      O N N 81  
ASN CB     C N N 82  
ASN CG     C N N 83  
ASN OD1    O N N 84  
ASN ND2    N N N 85  
ASN OXT    O N N 86  
ASN H      H N N 87  
ASN H2     H N N 88  
ASN HA     H N N 89  
ASN HB2    H N N 90  
ASN HB3    H N N 91  
ASN HD21   H N N 92  
ASN HD22   H N N 93  
ASN HXT    H N N 94  
ASP N      N N N 95  
ASP CA     C N S 96  
ASP C      C N N 97  
ASP O      O N N 98  
ASP CB     C N N 99  
ASP CG     C N N 100 
ASP OD1    O N N 101 
ASP OD2    O N N 102 
ASP OXT    O N N 103 
ASP H      H N N 104 
ASP H2     H N N 105 
ASP HA     H N N 106 
ASP HB2    H N N 107 
ASP HB3    H N N 108 
ASP HD2    H N N 109 
ASP HXT    H N N 110 
CYS N      N N N 111 
CYS CA     C N R 112 
CYS C      C N N 113 
CYS O      O N N 114 
CYS CB     C N N 115 
CYS SG     S N N 116 
CYS OXT    O N N 117 
CYS H      H N N 118 
CYS H2     H N N 119 
CYS HA     H N N 120 
CYS HB2    H N N 121 
CYS HB3    H N N 122 
CYS HG     H N N 123 
CYS HXT    H N N 124 
GLN N      N N N 125 
GLN CA     C N S 126 
GLN C      C N N 127 
GLN O      O N N 128 
GLN CB     C N N 129 
GLN CG     C N N 130 
GLN CD     C N N 131 
GLN OE1    O N N 132 
GLN NE2    N N N 133 
GLN OXT    O N N 134 
GLN H      H N N 135 
GLN H2     H N N 136 
GLN HA     H N N 137 
GLN HB2    H N N 138 
GLN HB3    H N N 139 
GLN HG2    H N N 140 
GLN HG3    H N N 141 
GLN HE21   H N N 142 
GLN HE22   H N N 143 
GLN HXT    H N N 144 
GLU N      N N N 145 
GLU CA     C N S 146 
GLU C      C N N 147 
GLU O      O N N 148 
GLU CB     C N N 149 
GLU CG     C N N 150 
GLU CD     C N N 151 
GLU OE1    O N N 152 
GLU OE2    O N N 153 
GLU OXT    O N N 154 
GLU H      H N N 155 
GLU H2     H N N 156 
GLU HA     H N N 157 
GLU HB2    H N N 158 
GLU HB3    H N N 159 
GLU HG2    H N N 160 
GLU HG3    H N N 161 
GLU HE2    H N N 162 
GLU HXT    H N N 163 
GLY N      N N N 164 
GLY CA     C N N 165 
GLY C      C N N 166 
GLY O      O N N 167 
GLY OXT    O N N 168 
GLY H      H N N 169 
GLY H2     H N N 170 
GLY HA2    H N N 171 
GLY HA3    H N N 172 
GLY HXT    H N N 173 
HIS N      N N N 174 
HIS CA     C N S 175 
HIS C      C N N 176 
HIS O      O N N 177 
HIS CB     C N N 178 
HIS CG     C Y N 179 
HIS ND1    N Y N 180 
HIS CD2    C Y N 181 
HIS CE1    C Y N 182 
HIS NE2    N Y N 183 
HIS OXT    O N N 184 
HIS H      H N N 185 
HIS H2     H N N 186 
HIS HA     H N N 187 
HIS HB2    H N N 188 
HIS HB3    H N N 189 
HIS HD1    H N N 190 
HIS HD2    H N N 191 
HIS HE1    H N N 192 
HIS HE2    H N N 193 
HIS HXT    H N N 194 
HOH O      O N N 195 
HOH H1     H N N 196 
HOH H2     H N N 197 
ILE N      N N N 198 
ILE CA     C N S 199 
ILE C      C N N 200 
ILE O      O N N 201 
ILE CB     C N S 202 
ILE CG1    C N N 203 
ILE CG2    C N N 204 
ILE CD1    C N N 205 
ILE OXT    O N N 206 
ILE H      H N N 207 
ILE H2     H N N 208 
ILE HA     H N N 209 
ILE HB     H N N 210 
ILE HG12   H N N 211 
ILE HG13   H N N 212 
ILE HG21   H N N 213 
ILE HG22   H N N 214 
ILE HG23   H N N 215 
ILE HD11   H N N 216 
ILE HD12   H N N 217 
ILE HD13   H N N 218 
ILE HXT    H N N 219 
LEU N      N N N 220 
LEU CA     C N S 221 
LEU C      C N N 222 
LEU O      O N N 223 
LEU CB     C N N 224 
LEU CG     C N N 225 
LEU CD1    C N N 226 
LEU CD2    C N N 227 
LEU OXT    O N N 228 
LEU H      H N N 229 
LEU H2     H N N 230 
LEU HA     H N N 231 
LEU HB2    H N N 232 
LEU HB3    H N N 233 
LEU HG     H N N 234 
LEU HD11   H N N 235 
LEU HD12   H N N 236 
LEU HD13   H N N 237 
LEU HD21   H N N 238 
LEU HD22   H N N 239 
LEU HD23   H N N 240 
LEU HXT    H N N 241 
LYS N      N N N 242 
LYS CA     C N S 243 
LYS C      C N N 244 
LYS O      O N N 245 
LYS CB     C N N 246 
LYS CG     C N N 247 
LYS CD     C N N 248 
LYS CE     C N N 249 
LYS NZ     N N N 250 
LYS OXT    O N N 251 
LYS H      H N N 252 
LYS H2     H N N 253 
LYS HA     H N N 254 
LYS HB2    H N N 255 
LYS HB3    H N N 256 
LYS HG2    H N N 257 
LYS HG3    H N N 258 
LYS HD2    H N N 259 
LYS HD3    H N N 260 
LYS HE2    H N N 261 
LYS HE3    H N N 262 
LYS HZ1    H N N 263 
LYS HZ2    H N N 264 
LYS HZ3    H N N 265 
LYS HXT    H N N 266 
MET N      N N N 267 
MET CA     C N S 268 
MET C      C N N 269 
MET O      O N N 270 
MET CB     C N N 271 
MET CG     C N N 272 
MET SD     S N N 273 
MET CE     C N N 274 
MET OXT    O N N 275 
MET H      H N N 276 
MET H2     H N N 277 
MET HA     H N N 278 
MET HB2    H N N 279 
MET HB3    H N N 280 
MET HG2    H N N 281 
MET HG3    H N N 282 
MET HE1    H N N 283 
MET HE2    H N N 284 
MET HE3    H N N 285 
MET HXT    H N N 286 
PHE N      N N N 287 
PHE CA     C N S 288 
PHE C      C N N 289 
PHE O      O N N 290 
PHE CB     C N N 291 
PHE CG     C Y N 292 
PHE CD1    C Y N 293 
PHE CD2    C Y N 294 
PHE CE1    C Y N 295 
PHE CE2    C Y N 296 
PHE CZ     C Y N 297 
PHE OXT    O N N 298 
PHE H      H N N 299 
PHE H2     H N N 300 
PHE HA     H N N 301 
PHE HB2    H N N 302 
PHE HB3    H N N 303 
PHE HD1    H N N 304 
PHE HD2    H N N 305 
PHE HE1    H N N 306 
PHE HE2    H N N 307 
PHE HZ     H N N 308 
PHE HXT    H N N 309 
PRO N      N N N 310 
PRO CA     C N S 311 
PRO C      C N N 312 
PRO O      O N N 313 
PRO CB     C N N 314 
PRO CG     C N N 315 
PRO CD     C N N 316 
PRO OXT    O N N 317 
PRO H      H N N 318 
PRO HA     H N N 319 
PRO HB2    H N N 320 
PRO HB3    H N N 321 
PRO HG2    H N N 322 
PRO HG3    H N N 323 
PRO HD2    H N N 324 
PRO HD3    H N N 325 
PRO HXT    H N N 326 
SER N      N N N 327 
SER CA     C N S 328 
SER C      C N N 329 
SER O      O N N 330 
SER CB     C N N 331 
SER OG     O N N 332 
SER OXT    O N N 333 
SER H      H N N 334 
SER H2     H N N 335 
SER HA     H N N 336 
SER HB2    H N N 337 
SER HB3    H N N 338 
SER HG     H N N 339 
SER HXT    H N N 340 
THR N      N N N 341 
THR CA     C N S 342 
THR C      C N N 343 
THR O      O N N 344 
THR CB     C N R 345 
THR OG1    O N N 346 
THR CG2    C N N 347 
THR OXT    O N N 348 
THR H      H N N 349 
THR H2     H N N 350 
THR HA     H N N 351 
THR HB     H N N 352 
THR HG1    H N N 353 
THR HG21   H N N 354 
THR HG22   H N N 355 
THR HG23   H N N 356 
THR HXT    H N N 357 
TRP N      N N N 358 
TRP CA     C N S 359 
TRP C      C N N 360 
TRP O      O N N 361 
TRP CB     C N N 362 
TRP CG     C Y N 363 
TRP CD1    C Y N 364 
TRP CD2    C Y N 365 
TRP NE1    N Y N 366 
TRP CE2    C Y N 367 
TRP CE3    C Y N 368 
TRP CZ2    C Y N 369 
TRP CZ3    C Y N 370 
TRP CH2    C Y N 371 
TRP OXT    O N N 372 
TRP H      H N N 373 
TRP H2     H N N 374 
TRP HA     H N N 375 
TRP HB2    H N N 376 
TRP HB3    H N N 377 
TRP HD1    H N N 378 
TRP HE1    H N N 379 
TRP HE3    H N N 380 
TRP HZ2    H N N 381 
TRP HZ3    H N N 382 
TRP HH2    H N N 383 
TRP HXT    H N N 384 
TYR N      N N N 385 
TYR CA     C N S 386 
TYR C      C N N 387 
TYR O      O N N 388 
TYR CB     C N N 389 
TYR CG     C Y N 390 
TYR CD1    C Y N 391 
TYR CD2    C Y N 392 
TYR CE1    C Y N 393 
TYR CE2    C Y N 394 
TYR CZ     C Y N 395 
TYR OH     O N N 396 
TYR OXT    O N N 397 
TYR H      H N N 398 
TYR H2     H N N 399 
TYR HA     H N N 400 
TYR HB2    H N N 401 
TYR HB3    H N N 402 
TYR HD1    H N N 403 
TYR HD2    H N N 404 
TYR HE1    H N N 405 
TYR HE2    H N N 406 
TYR HH     H N N 407 
TYR HXT    H N N 408 
VAL N      N N N 409 
VAL CA     C N S 410 
VAL C      C N N 411 
VAL O      O N N 412 
VAL CB     C N N 413 
VAL CG1    C N N 414 
VAL CG2    C N N 415 
VAL OXT    O N N 416 
VAL H      H N N 417 
VAL H2     H N N 418 
VAL HA     H N N 419 
VAL HB     H N N 420 
VAL HG11   H N N 421 
VAL HG12   H N N 422 
VAL HG13   H N N 423 
VAL HG21   H N N 424 
VAL HG22   H N N 425 
VAL HG23   H N N 426 
VAL HXT    H N N 427 
# 
loop_
_chem_comp_bond.comp_id 
_chem_comp_bond.atom_id_1 
_chem_comp_bond.atom_id_2 
_chem_comp_bond.value_order 
_chem_comp_bond.pdbx_aromatic_flag 
_chem_comp_bond.pdbx_stereo_config 
_chem_comp_bond.pdbx_ordinal 
ALA N     CA     sing N N 1   
ALA N     H      sing N N 2   
ALA N     H2     sing N N 3   
ALA CA    C      sing N N 4   
ALA CA    CB     sing N N 5   
ALA CA    HA     sing N N 6   
ALA C     O      doub N N 7   
ALA C     OXT    sing N N 8   
ALA CB    HB1    sing N N 9   
ALA CB    HB2    sing N N 10  
ALA CB    HB3    sing N N 11  
ALA OXT   HXT    sing N N 12  
AMP P     O1P    doub N N 13  
AMP P     O2P    sing N N 14  
AMP P     O3P    sing N N 15  
AMP P     "O5'"  sing N N 16  
AMP O2P   HOP2   sing N N 17  
AMP O3P   HOP3   sing N N 18  
AMP "O5'" "C5'"  sing N N 19  
AMP "C5'" "C4'"  sing N N 20  
AMP "C5'" "H5'1" sing N N 21  
AMP "C5'" "H5'2" sing N N 22  
AMP "C4'" "O4'"  sing N N 23  
AMP "C4'" "C3'"  sing N N 24  
AMP "C4'" "H4'"  sing N N 25  
AMP "O4'" "C1'"  sing N N 26  
AMP "C3'" "O3'"  sing N N 27  
AMP "C3'" "C2'"  sing N N 28  
AMP "C3'" "H3'"  sing N N 29  
AMP "O3'" "HO3'" sing N N 30  
AMP "C2'" "O2'"  sing N N 31  
AMP "C2'" "C1'"  sing N N 32  
AMP "C2'" "H2'"  sing N N 33  
AMP "O2'" "HO2'" sing N N 34  
AMP "C1'" N9     sing N N 35  
AMP "C1'" "H1'"  sing N N 36  
AMP N9    C8     sing Y N 37  
AMP N9    C4     sing Y N 38  
AMP C8    N7     doub Y N 39  
AMP C8    H8     sing N N 40  
AMP N7    C5     sing Y N 41  
AMP C5    C6     sing Y N 42  
AMP C5    C4     doub Y N 43  
AMP C6    N6     sing N N 44  
AMP C6    N1     doub Y N 45  
AMP N6    HN61   sing N N 46  
AMP N6    HN62   sing N N 47  
AMP N1    C2     sing Y N 48  
AMP C2    N3     doub Y N 49  
AMP C2    H2     sing N N 50  
AMP N3    C4     sing Y N 51  
ARG N     CA     sing N N 52  
ARG N     H      sing N N 53  
ARG N     H2     sing N N 54  
ARG CA    C      sing N N 55  
ARG CA    CB     sing N N 56  
ARG CA    HA     sing N N 57  
ARG C     O      doub N N 58  
ARG C     OXT    sing N N 59  
ARG CB    CG     sing N N 60  
ARG CB    HB2    sing N N 61  
ARG CB    HB3    sing N N 62  
ARG CG    CD     sing N N 63  
ARG CG    HG2    sing N N 64  
ARG CG    HG3    sing N N 65  
ARG CD    NE     sing N N 66  
ARG CD    HD2    sing N N 67  
ARG CD    HD3    sing N N 68  
ARG NE    CZ     sing N N 69  
ARG NE    HE     sing N N 70  
ARG CZ    NH1    sing N N 71  
ARG CZ    NH2    doub N N 72  
ARG NH1   HH11   sing N N 73  
ARG NH1   HH12   sing N N 74  
ARG NH2   HH21   sing N N 75  
ARG NH2   HH22   sing N N 76  
ARG OXT   HXT    sing N N 77  
ASN N     CA     sing N N 78  
ASN N     H      sing N N 79  
ASN N     H2     sing N N 80  
ASN CA    C      sing N N 81  
ASN CA    CB     sing N N 82  
ASN CA    HA     sing N N 83  
ASN C     O      doub N N 84  
ASN C     OXT    sing N N 85  
ASN CB    CG     sing N N 86  
ASN CB    HB2    sing N N 87  
ASN CB    HB3    sing N N 88  
ASN CG    OD1    doub N N 89  
ASN CG    ND2    sing N N 90  
ASN ND2   HD21   sing N N 91  
ASN ND2   HD22   sing N N 92  
ASN OXT   HXT    sing N N 93  
ASP N     CA     sing N N 94  
ASP N     H      sing N N 95  
ASP N     H2     sing N N 96  
ASP CA    C      sing N N 97  
ASP CA    CB     sing N N 98  
ASP CA    HA     sing N N 99  
ASP C     O      doub N N 100 
ASP C     OXT    sing N N 101 
ASP CB    CG     sing N N 102 
ASP CB    HB2    sing N N 103 
ASP CB    HB3    sing N N 104 
ASP CG    OD1    doub N N 105 
ASP CG    OD2    sing N N 106 
ASP OD2   HD2    sing N N 107 
ASP OXT   HXT    sing N N 108 
CYS N     CA     sing N N 109 
CYS N     H      sing N N 110 
CYS N     H2     sing N N 111 
CYS CA    C      sing N N 112 
CYS CA    CB     sing N N 113 
CYS CA    HA     sing N N 114 
CYS C     O      doub N N 115 
CYS C     OXT    sing N N 116 
CYS CB    SG     sing N N 117 
CYS CB    HB2    sing N N 118 
CYS CB    HB3    sing N N 119 
CYS SG    HG     sing N N 120 
CYS OXT   HXT    sing N N 121 
GLN N     CA     sing N N 122 
GLN N     H      sing N N 123 
GLN N     H2     sing N N 124 
GLN CA    C      sing N N 125 
GLN CA    CB     sing N N 126 
GLN CA    HA     sing N N 127 
GLN C     O      doub N N 128 
GLN C     OXT    sing N N 129 
GLN CB    CG     sing N N 130 
GLN CB    HB2    sing N N 131 
GLN CB    HB3    sing N N 132 
GLN CG    CD     sing N N 133 
GLN CG    HG2    sing N N 134 
GLN CG    HG3    sing N N 135 
GLN CD    OE1    doub N N 136 
GLN CD    NE2    sing N N 137 
GLN NE2   HE21   sing N N 138 
GLN NE2   HE22   sing N N 139 
GLN OXT   HXT    sing N N 140 
GLU N     CA     sing N N 141 
GLU N     H      sing N N 142 
GLU N     H2     sing N N 143 
GLU CA    C      sing N N 144 
GLU CA    CB     sing N N 145 
GLU CA    HA     sing N N 146 
GLU C     O      doub N N 147 
GLU C     OXT    sing N N 148 
GLU CB    CG     sing N N 149 
GLU CB    HB2    sing N N 150 
GLU CB    HB3    sing N N 151 
GLU CG    CD     sing N N 152 
GLU CG    HG2    sing N N 153 
GLU CG    HG3    sing N N 154 
GLU CD    OE1    doub N N 155 
GLU CD    OE2    sing N N 156 
GLU OE2   HE2    sing N N 157 
GLU OXT   HXT    sing N N 158 
GLY N     CA     sing N N 159 
GLY N     H      sing N N 160 
GLY N     H2     sing N N 161 
GLY CA    C      sing N N 162 
GLY CA    HA2    sing N N 163 
GLY CA    HA3    sing N N 164 
GLY C     O      doub N N 165 
GLY C     OXT    sing N N 166 
GLY OXT   HXT    sing N N 167 
HIS N     CA     sing N N 168 
HIS N     H      sing N N 169 
HIS N     H2     sing N N 170 
HIS CA    C      sing N N 171 
HIS CA    CB     sing N N 172 
HIS CA    HA     sing N N 173 
HIS C     O      doub N N 174 
HIS C     OXT    sing N N 175 
HIS CB    CG     sing N N 176 
HIS CB    HB2    sing N N 177 
HIS CB    HB3    sing N N 178 
HIS CG    ND1    sing Y N 179 
HIS CG    CD2    doub Y N 180 
HIS ND1   CE1    doub Y N 181 
HIS ND1   HD1    sing N N 182 
HIS CD2   NE2    sing Y N 183 
HIS CD2   HD2    sing N N 184 
HIS CE1   NE2    sing Y N 185 
HIS CE1   HE1    sing N N 186 
HIS NE2   HE2    sing N N 187 
HIS OXT   HXT    sing N N 188 
HOH O     H1     sing N N 189 
HOH O     H2     sing N N 190 
ILE N     CA     sing N N 191 
ILE N     H      sing N N 192 
ILE N     H2     sing N N 193 
ILE CA    C      sing N N 194 
ILE CA    CB     sing N N 195 
ILE CA    HA     sing N N 196 
ILE C     O      doub N N 197 
ILE C     OXT    sing N N 198 
ILE CB    CG1    sing N N 199 
ILE CB    CG2    sing N N 200 
ILE CB    HB     sing N N 201 
ILE CG1   CD1    sing N N 202 
ILE CG1   HG12   sing N N 203 
ILE CG1   HG13   sing N N 204 
ILE CG2   HG21   sing N N 205 
ILE CG2   HG22   sing N N 206 
ILE CG2   HG23   sing N N 207 
ILE CD1   HD11   sing N N 208 
ILE CD1   HD12   sing N N 209 
ILE CD1   HD13   sing N N 210 
ILE OXT   HXT    sing N N 211 
LEU N     CA     sing N N 212 
LEU N     H      sing N N 213 
LEU N     H2     sing N N 214 
LEU CA    C      sing N N 215 
LEU CA    CB     sing N N 216 
LEU CA    HA     sing N N 217 
LEU C     O      doub N N 218 
LEU C     OXT    sing N N 219 
LEU CB    CG     sing N N 220 
LEU CB    HB2    sing N N 221 
LEU CB    HB3    sing N N 222 
LEU CG    CD1    sing N N 223 
LEU CG    CD2    sing N N 224 
LEU CG    HG     sing N N 225 
LEU CD1   HD11   sing N N 226 
LEU CD1   HD12   sing N N 227 
LEU CD1   HD13   sing N N 228 
LEU CD2   HD21   sing N N 229 
LEU CD2   HD22   sing N N 230 
LEU CD2   HD23   sing N N 231 
LEU OXT   HXT    sing N N 232 
LYS N     CA     sing N N 233 
LYS N     H      sing N N 234 
LYS N     H2     sing N N 235 
LYS CA    C      sing N N 236 
LYS CA    CB     sing N N 237 
LYS CA    HA     sing N N 238 
LYS C     O      doub N N 239 
LYS C     OXT    sing N N 240 
LYS CB    CG     sing N N 241 
LYS CB    HB2    sing N N 242 
LYS CB    HB3    sing N N 243 
LYS CG    CD     sing N N 244 
LYS CG    HG2    sing N N 245 
LYS CG    HG3    sing N N 246 
LYS CD    CE     sing N N 247 
LYS CD    HD2    sing N N 248 
LYS CD    HD3    sing N N 249 
LYS CE    NZ     sing N N 250 
LYS CE    HE2    sing N N 251 
LYS CE    HE3    sing N N 252 
LYS NZ    HZ1    sing N N 253 
LYS NZ    HZ2    sing N N 254 
LYS NZ    HZ3    sing N N 255 
LYS OXT   HXT    sing N N 256 
MET N     CA     sing N N 257 
MET N     H      sing N N 258 
MET N     H2     sing N N 259 
MET CA    C      sing N N 260 
MET CA    CB     sing N N 261 
MET CA    HA     sing N N 262 
MET C     O      doub N N 263 
MET C     OXT    sing N N 264 
MET CB    CG     sing N N 265 
MET CB    HB2    sing N N 266 
MET CB    HB3    sing N N 267 
MET CG    SD     sing N N 268 
MET CG    HG2    sing N N 269 
MET CG    HG3    sing N N 270 
MET SD    CE     sing N N 271 
MET CE    HE1    sing N N 272 
MET CE    HE2    sing N N 273 
MET CE    HE3    sing N N 274 
MET OXT   HXT    sing N N 275 
PHE N     CA     sing N N 276 
PHE N     H      sing N N 277 
PHE N     H2     sing N N 278 
PHE CA    C      sing N N 279 
PHE CA    CB     sing N N 280 
PHE CA    HA     sing N N 281 
PHE C     O      doub N N 282 
PHE C     OXT    sing N N 283 
PHE CB    CG     sing N N 284 
PHE CB    HB2    sing N N 285 
PHE CB    HB3    sing N N 286 
PHE CG    CD1    doub Y N 287 
PHE CG    CD2    sing Y N 288 
PHE CD1   CE1    sing Y N 289 
PHE CD1   HD1    sing N N 290 
PHE CD2   CE2    doub Y N 291 
PHE CD2   HD2    sing N N 292 
PHE CE1   CZ     doub Y N 293 
PHE CE1   HE1    sing N N 294 
PHE CE2   CZ     sing Y N 295 
PHE CE2   HE2    sing N N 296 
PHE CZ    HZ     sing N N 297 
PHE OXT   HXT    sing N N 298 
PRO N     CA     sing N N 299 
PRO N     CD     sing N N 300 
PRO N     H      sing N N 301 
PRO CA    C      sing N N 302 
PRO CA    CB     sing N N 303 
PRO CA    HA     sing N N 304 
PRO C     O      doub N N 305 
PRO C     OXT    sing N N 306 
PRO CB    CG     sing N N 307 
PRO CB    HB2    sing N N 308 
PRO CB    HB3    sing N N 309 
PRO CG    CD     sing N N 310 
PRO CG    HG2    sing N N 311 
PRO CG    HG3    sing N N 312 
PRO CD    HD2    sing N N 313 
PRO CD    HD3    sing N N 314 
PRO OXT   HXT    sing N N 315 
SER N     CA     sing N N 316 
SER N     H      sing N N 317 
SER N     H2     sing N N 318 
SER CA    C      sing N N 319 
SER CA    CB     sing N N 320 
SER CA    HA     sing N N 321 
SER C     O      doub N N 322 
SER C     OXT    sing N N 323 
SER CB    OG     sing N N 324 
SER CB    HB2    sing N N 325 
SER CB    HB3    sing N N 326 
SER OG    HG     sing N N 327 
SER OXT   HXT    sing N N 328 
THR N     CA     sing N N 329 
THR N     H      sing N N 330 
THR N     H2     sing N N 331 
THR CA    C      sing N N 332 
THR CA    CB     sing N N 333 
THR CA    HA     sing N N 334 
THR C     O      doub N N 335 
THR C     OXT    sing N N 336 
THR CB    OG1    sing N N 337 
THR CB    CG2    sing N N 338 
THR CB    HB     sing N N 339 
THR OG1   HG1    sing N N 340 
THR CG2   HG21   sing N N 341 
THR CG2   HG22   sing N N 342 
THR CG2   HG23   sing N N 343 
THR OXT   HXT    sing N N 344 
TRP N     CA     sing N N 345 
TRP N     H      sing N N 346 
TRP N     H2     sing N N 347 
TRP CA    C      sing N N 348 
TRP CA    CB     sing N N 349 
TRP CA    HA     sing N N 350 
TRP C     O      doub N N 351 
TRP C     OXT    sing N N 352 
TRP CB    CG     sing N N 353 
TRP CB    HB2    sing N N 354 
TRP CB    HB3    sing N N 355 
TRP CG    CD1    doub Y N 356 
TRP CG    CD2    sing Y N 357 
TRP CD1   NE1    sing Y N 358 
TRP CD1   HD1    sing N N 359 
TRP CD2   CE2    doub Y N 360 
TRP CD2   CE3    sing Y N 361 
TRP NE1   CE2    sing Y N 362 
TRP NE1   HE1    sing N N 363 
TRP CE2   CZ2    sing Y N 364 
TRP CE3   CZ3    doub Y N 365 
TRP CE3   HE3    sing N N 366 
TRP CZ2   CH2    doub Y N 367 
TRP CZ2   HZ2    sing N N 368 
TRP CZ3   CH2    sing Y N 369 
TRP CZ3   HZ3    sing N N 370 
TRP CH2   HH2    sing N N 371 
TRP OXT   HXT    sing N N 372 
TYR N     CA     sing N N 373 
TYR N     H      sing N N 374 
TYR N     H2     sing N N 375 
TYR CA    C      sing N N 376 
TYR CA    CB     sing N N 377 
TYR CA    HA     sing N N 378 
TYR C     O      doub N N 379 
TYR C     OXT    sing N N 380 
TYR CB    CG     sing N N 381 
TYR CB    HB2    sing N N 382 
TYR CB    HB3    sing N N 383 
TYR CG    CD1    doub Y N 384 
TYR CG    CD2    sing Y N 385 
TYR CD1   CE1    sing Y N 386 
TYR CD1   HD1    sing N N 387 
TYR CD2   CE2    doub Y N 388 
TYR CD2   HD2    sing N N 389 
TYR CE1   CZ     doub Y N 390 
TYR CE1   HE1    sing N N 391 
TYR CE2   CZ     sing Y N 392 
TYR CE2   HE2    sing N N 393 
TYR CZ    OH     sing N N 394 
TYR OH    HH     sing N N 395 
TYR OXT   HXT    sing N N 396 
VAL N     CA     sing N N 397 
VAL N     H      sing N N 398 
VAL N     H2     sing N N 399 
VAL CA    C      sing N N 400 
VAL CA    CB     sing N N 401 
VAL CA    HA     sing N N 402 
VAL C     O      doub N N 403 
VAL C     OXT    sing N N 404 
VAL CB    CG1    sing N N 405 
VAL CB    CG2    sing N N 406 
VAL CB    HB     sing N N 407 
VAL CG1   HG11   sing N N 408 
VAL CG1   HG12   sing N N 409 
VAL CG1   HG13   sing N N 410 
VAL CG2   HG21   sing N N 411 
VAL CG2   HG22   sing N N 412 
VAL CG2   HG23   sing N N 413 
VAL OXT   HXT    sing N N 414 
# 
_pdbx_initial_refinement_model.id               1 
_pdbx_initial_refinement_model.entity_id_list   ? 
_pdbx_initial_refinement_model.type             'experimental model' 
_pdbx_initial_refinement_model.source_name      PDB 
_pdbx_initial_refinement_model.accession_code   6MV6 
_pdbx_initial_refinement_model.details          ? 
# 
_atom_sites.entry_id                    6MV7 
_atom_sites.Cartn_transf_matrix[1][1]   ? 
_atom_sites.Cartn_transf_matrix[1][2]   ? 
_atom_sites.Cartn_transf_matrix[1][3]   ? 
_atom_sites.Cartn_transf_matrix[2][1]   ? 
_atom_sites.Cartn_transf_matrix[2][2]   ? 
_atom_sites.Cartn_transf_matrix[2][3]   ? 
_atom_sites.Cartn_transf_matrix[3][1]   ? 
_atom_sites.Cartn_transf_matrix[3][2]   ? 
_atom_sites.Cartn_transf_matrix[3][3]   ? 
_atom_sites.Cartn_transf_vector[1]      ? 
_atom_sites.Cartn_transf_vector[2]      ? 
_atom_sites.Cartn_transf_vector[3]      ? 
_atom_sites.fract_transf_matrix[1][1]   -0.01688948 
_atom_sites.fract_transf_matrix[1][2]   -0.00347136 
_atom_sites.fract_transf_matrix[1][3]   0.03179111 
_atom_sites.fract_transf_matrix[2][1]   -0.01615403 
_atom_sites.fract_transf_matrix[2][2]   0.01897040 
_atom_sites.fract_transf_matrix[2][3]   -0.00651062 
_atom_sites.fract_transf_matrix[3][1]   -0.00636468 
_atom_sites.fract_transf_matrix[3][2]   -0.00683644 
_atom_sites.fract_transf_matrix[3][3]   -0.00412782 
_atom_sites.fract_transf_vector[1]      -0.063324 
_atom_sites.fract_transf_vector[2]      -0.136812 
_atom_sites.fract_transf_vector[3]      0.125273 
_atom_sites.solution_primary            ? 
_atom_sites.solution_secondary          ? 
_atom_sites.solution_hydrogens          ? 
_atom_sites.special_details             ? 
# 
loop_
_atom_type.symbol 
C 
N 
O 
P 
S 
# 
loop_
_atom_site.group_PDB 
_atom_site.id 
_atom_site.type_symbol 
_atom_site.label_atom_id 
_atom_site.label_alt_id 
_atom_site.label_comp_id 
_atom_site.label_asym_id 
_atom_site.label_entity_id 
_atom_site.label_seq_id 
_atom_site.pdbx_PDB_ins_code 
_atom_site.Cartn_x 
_atom_site.Cartn_y 
_atom_site.Cartn_z 
_atom_site.occupancy 
_atom_site.B_iso_or_equiv 
_atom_site.pdbx_formal_charge 
_atom_site.auth_seq_id 
_atom_site.auth_comp_id 
_atom_site.auth_asym_id 
_atom_site.auth_atom_id 
_atom_site.pdbx_PDB_model_num 
ATOM   1    N N     . MET A 1 1   ? -5.191  14.915  -10.550 1.00 42.88 ? 0   MET A N     1 
ATOM   2    C CA    . MET A 1 1   ? -6.129  13.800  -10.586 1.00 47.82 ? 0   MET A CA    1 
ATOM   3    C C     . MET A 1 1   ? -5.442  12.539  -11.092 1.00 39.59 ? 0   MET A C     1 
ATOM   4    O O     . MET A 1 1   ? -4.341  12.596  -11.634 1.00 43.00 ? 0   MET A O     1 
ATOM   5    C CB    . MET A 1 1   ? -7.328  14.131  -11.478 1.00 49.06 ? 0   MET A CB    1 
ATOM   6    C CG    . MET A 1 1   ? -7.039  13.988  -12.966 1.00 51.89 ? 0   MET A CG    1 
ATOM   7    S SD    . MET A 1 1   ? -8.343  14.654  -14.017 1.00 60.57 ? 0   MET A SD    1 
ATOM   8    C CE    . MET A 1 1   ? -7.957  16.402  -13.959 1.00 36.23 ? 0   MET A CE    1 
ATOM   9    N N     . TRP A 1 2   ? -6.096  11.401  -10.917 1.00 36.80 ? 1   TRP A N     1 
ATOM   10   C CA    . TRP A 1 2   ? -5.547  10.171  -11.453 1.00 45.28 ? 1   TRP A CA    1 
ATOM   11   C C     . TRP A 1 2   ? -6.366  9.710   -12.655 1.00 41.87 ? 1   TRP A C     1 
ATOM   12   O O     . TRP A 1 2   ? -7.560  10.012  -12.746 1.00 50.18 ? 1   TRP A O     1 
ATOM   13   C CB    . TRP A 1 2   ? -5.516  9.073   -10.384 1.00 41.81 ? 1   TRP A CB    1 
ATOM   14   C CG    . TRP A 1 2   ? -4.641  9.433   -9.226  1.00 31.97 ? 1   TRP A CG    1 
ATOM   15   C CD1   . TRP A 1 2   ? -3.353  9.879   -9.283  1.00 33.92 ? 1   TRP A CD1   1 
ATOM   16   C CD2   . TRP A 1 2   ? -4.987  9.384   -7.837  1.00 31.32 ? 1   TRP A CD2   1 
ATOM   17   N NE1   . TRP A 1 2   ? -2.876  10.113  -8.017  1.00 36.62 ? 1   TRP A NE1   1 
ATOM   18   C CE2   . TRP A 1 2   ? -3.859  9.817   -7.111  1.00 34.42 ? 1   TRP A CE2   1 
ATOM   19   C CE3   . TRP A 1 2   ? -6.140  9.018   -7.137  1.00 29.73 ? 1   TRP A CE3   1 
ATOM   20   C CZ2   . TRP A 1 2   ? -3.850  9.892   -5.721  1.00 23.42 ? 1   TRP A CZ2   1 
ATOM   21   C CZ3   . TRP A 1 2   ? -6.128  9.091   -5.758  1.00 31.44 ? 1   TRP A CZ3   1 
ATOM   22   C CH2   . TRP A 1 2   ? -4.991  9.525   -5.065  1.00 27.76 ? 1   TRP A CH2   1 
ATOM   23   N N     . PRO A 1 3   ? -5.753  8.999   -13.602 1.00 41.50 ? 2   PRO A N     1 
ATOM   24   C CA    . PRO A 1 3   ? -6.478  8.599   -14.813 1.00 51.86 ? 2   PRO A CA    1 
ATOM   25   C C     . PRO A 1 3   ? -7.676  7.721   -14.485 1.00 42.50 ? 2   PRO A C     1 
ATOM   26   O O     . PRO A 1 3   ? -7.885  7.286   -13.350 1.00 36.02 ? 2   PRO A O     1 
ATOM   27   C CB    . PRO A 1 3   ? -5.427  7.836   -15.629 1.00 40.38 ? 2   PRO A CB    1 
ATOM   28   C CG    . PRO A 1 3   ? -4.381  7.440   -14.636 1.00 36.57 ? 2   PRO A CG    1 
ATOM   29   C CD    . PRO A 1 3   ? -4.353  8.545   -13.627 1.00 43.90 ? 2   PRO A CD    1 
ATOM   30   N N     . LYS A 1 4   ? -8.483  7.468   -15.519 1.00 57.81 ? 3   LYS A N     1 
ATOM   31   C CA    . LYS A 1 4   ? -9.705  6.693   -15.337 1.00 56.95 ? 3   LYS A CA    1 
ATOM   32   C C     . LYS A 1 4   ? -9.421  5.339   -14.706 1.00 49.07 ? 3   LYS A C     1 
ATOM   33   O O     . LYS A 1 4   ? -10.293 4.767   -14.042 1.00 46.25 ? 3   LYS A O     1 
ATOM   34   C CB    . LYS A 1 4   ? -10.414 6.505   -16.680 1.00 48.05 ? 3   LYS A CB    1 
ATOM   35   N N     . ARG A 1 5   ? -8.202  4.827   -14.873 1.00 47.74 ? 4   ARG A N     1 
ATOM   36   C CA    . ARG A 1 5   ? -7.918  3.457   -14.473 1.00 40.67 ? 4   ARG A CA    1 
ATOM   37   C C     . ARG A 1 5   ? -6.400  3.530   -14.318 1.00 38.14 ? 4   ARG A C     1 
ATOM   38   O O     . ARG A 1 5   ? -5.690  3.889   -15.263 1.00 37.65 ? 4   ARG A O     1 
ATOM   39   C CB    . ARG A 1 5   ? -8.532  2.473   -15.443 1.00 37.67 ? 4   ARG A CB    1 
ATOM   40   C CG    . ARG A 1 5   ? -8.558  1.057   -14.905 1.00 42.33 ? 4   ARG A CG    1 
ATOM   41   C CD    . ARG A 1 5   ? -9.513  0.921   -13.713 1.00 49.20 ? 4   ARG A CD    1 
ATOM   42   N NE    . ARG A 1 5   ? -9.060  -0.049  -12.723 0.73 39.37 ? 4   ARG A NE    1 
ATOM   43   C CZ    . ARG A 1 5   ? -9.494  -1.293  -12.661 0.00 31.18 ? 4   ARG A CZ    1 
ATOM   44   N NH1   . ARG A 1 5   ? -10.392 -1.744  -13.544 0.78 24.53 ? 4   ARG A NH1   1 
ATOM   45   N NH2   . ARG A 1 5   ? -9.037  -2.107  -11.724 0.26 29.94 ? 4   ARG A NH2   1 
ATOM   46   N N     . LEU A 1 6   ? -5.916  3.191   -13.126 1.00 31.17 ? 5   LEU A N     1 
ATOM   47   C CA    . LEU A 1 6   ? -4.488  3.033   -12.946 1.00 28.02 ? 5   LEU A CA    1 
ATOM   48   C C     . LEU A 1 6   ? -4.348  1.514   -12.863 1.00 18.95 ? 5   LEU A C     1 
ATOM   49   O O     . LEU A 1 6   ? -5.328  0.772   -12.743 1.00 23.02 ? 5   LEU A O     1 
ATOM   50   C CB    . LEU A 1 6   ? -3.945  3.684   -11.674 1.00 27.82 ? 5   LEU A CB    1 
ATOM   51   C CG    . LEU A 1 6   ? -4.053  5.203   -11.529 1.00 28.28 ? 5   LEU A CG    1 
ATOM   52   C CD1   . LEU A 1 6   ? -4.923  5.529   -10.334 1.00 28.42 ? 5   LEU A CD1   1 
ATOM   53   C CD2   . LEU A 1 6   ? -2.681  5.839   -11.375 1.00 31.23 ? 5   LEU A CD2   1 
ATOM   54   N N     . THR A 1 7   ? -3.106  1.046   -12.939 1.00 19.67 ? 6   THR A N     1 
ATOM   55   C CA    . THR A 1 7   ? -2.857  -0.370  -12.713 1.00 13.74 ? 6   THR A CA    1 
ATOM   56   C C     . THR A 1 7   ? -2.972  -0.680  -11.225 1.00 17.01 ? 6   THR A C     1 
ATOM   57   O O     . THR A 1 7   ? -2.941  0.211   -10.371 1.00 18.59 ? 6   THR A O     1 
ATOM   58   C CB    . THR A 1 7   ? -1.476  -0.774  -13.226 1.00 14.41 ? 6   THR A CB    1 
ATOM   59   O OG1   . THR A 1 7   ? -0.465  -0.240  -12.360 1.00 14.85 ? 6   THR A OG1   1 
ATOM   60   C CG2   . THR A 1 7   ? -1.254  -0.243  -14.637 1.00 14.57 ? 6   THR A CG2   1 
ATOM   61   N N     . LYS A 1 8   ? -3.121  -1.970  -10.919 1.00 18.29 ? 7   LYS A N     1 
ATOM   62   C CA    . LYS A 1 8   ? -3.174  -2.391  -9.524  1.00 17.10 ? 7   LYS A CA    1 
ATOM   63   C C     . LYS A 1 8   ? -1.891  -2.021  -8.795  1.00 16.55 ? 7   LYS A C     1 
ATOM   64   O O     . LYS A 1 8   ? -1.927  -1.580  -7.641  1.00 12.61 ? 7   LYS A O     1 
ATOM   65   C CB    . LYS A 1 8   ? -3.413  -3.897  -9.432  1.00 21.57 ? 7   LYS A CB    1 
ATOM   66   C CG    . LYS A 1 8   ? -4.404  -4.457  -10.433 1.00 24.42 ? 7   LYS A CG    1 
ATOM   67   C CD    . LYS A 1 8   ? -4.132  -5.940  -10.655 1.00 22.81 ? 7   LYS A CD    1 
ATOM   68   C CE    . LYS A 1 8   ? -5.180  -6.582  -11.549 1.00 27.97 ? 7   LYS A CE    1 
ATOM   69   N NZ    . LYS A 1 8   ? -6.398  -6.973  -10.788 1.00 39.83 ? 7   LYS A NZ    1 
ATOM   70   N N     . ALA A 1 9   ? -0.744  -2.199  -9.455  1.00 18.51 ? 8   ALA A N     1 
ATOM   71   C CA    . ALA A 1 9   ? 0.531   -1.847  -8.840  1.00 15.53 ? 8   ALA A CA    1 
ATOM   72   C C     . ALA A 1 9   ? 0.636   -0.346  -8.611  1.00 15.04 ? 8   ALA A C     1 
ATOM   73   O O     . ALA A 1 9   ? 1.186   0.095   -7.594  1.00 15.65 ? 8   ALA A O     1 
ATOM   74   C CB    . ALA A 1 9   ? 1.687   -2.342  -9.709  1.00 12.04 ? 8   ALA A CB    1 
ATOM   75   N N     . HIS A 1 10  ? 0.115   0.457   -9.543  1.00 15.92 ? 9   HIS A N     1 
ATOM   76   C CA    . HIS A 1 10  ? 0.164   1.904   -9.371  1.00 12.29 ? 9   HIS A CA    1 
ATOM   77   C C     . HIS A 1 10  ? -0.751  2.352   -8.240  1.00 17.81 ? 9   HIS A C     1 
ATOM   78   O O     . HIS A 1 10  ? -0.390  3.240   -7.459  1.00 15.31 ? 9   HIS A O     1 
ATOM   79   C CB    . HIS A 1 10  ? -0.205  2.605   -10.677 1.00 15.40 ? 9   HIS A CB    1 
ATOM   80   C CG    . HIS A 1 10  ? 0.245   4.031   -10.745 1.00 19.68 ? 9   HIS A CG    1 
ATOM   81   N ND1   . HIS A 1 10  ? 0.329   4.730   -11.930 1.00 17.35 ? 9   HIS A ND1   1 
ATOM   82   C CD2   . HIS A 1 10  ? 0.637   4.890   -9.774  1.00 23.82 ? 9   HIS A CD2   1 
ATOM   83   C CE1   . HIS A 1 10  ? 0.755   5.956   -11.687 1.00 19.85 ? 9   HIS A CE1   1 
ATOM   84   N NE2   . HIS A 1 10  ? 0.948   6.080   -10.386 1.00 26.80 ? 9   HIS A NE2   1 
ATOM   85   N N     . TRP A 1 11  ? -1.937  1.748   -8.131  1.00 15.29 ? 10  TRP A N     1 
ATOM   86   C CA    . TRP A 1 11  ? -2.797  2.042   -6.989  1.00 13.04 ? 10  TRP A CA    1 
ATOM   87   C C     . TRP A 1 11  ? -2.158  1.568   -5.691  1.00 15.67 ? 10  TRP A C     1 
ATOM   88   O O     . TRP A 1 11  ? -2.322  2.203   -4.642  1.00 13.49 ? 10  TRP A O     1 
ATOM   89   C CB    . TRP A 1 11  ? -4.171  1.399   -7.165  1.00 12.28 ? 10  TRP A CB    1 
ATOM   90   C CG    . TRP A 1 11  ? -5.008  1.541   -5.936  1.00 17.93 ? 10  TRP A CG    1 
ATOM   91   C CD1   . TRP A 1 11  ? -5.324  0.563   -5.038  1.00 14.82 ? 10  TRP A CD1   1 
ATOM   92   C CD2   . TRP A 1 11  ? -5.606  2.746   -5.444  1.00 24.35 ? 10  TRP A CD2   1 
ATOM   93   N NE1   . TRP A 1 11  ? -6.097  1.081   -4.026  1.00 13.92 ? 10  TRP A NE1   1 
ATOM   94   C CE2   . TRP A 1 11  ? -6.282  2.420   -4.251  1.00 16.84 ? 10  TRP A CE2   1 
ATOM   95   C CE3   . TRP A 1 11  ? -5.644  4.066   -5.901  1.00 18.60 ? 10  TRP A CE3   1 
ATOM   96   C CZ2   . TRP A 1 11  ? -6.990  3.365   -3.512  1.00 17.95 ? 10  TRP A CZ2   1 
ATOM   97   C CZ3   . TRP A 1 11  ? -6.344  5.004   -5.167  1.00 20.67 ? 10  TRP A CZ3   1 
ATOM   98   C CH2   . TRP A 1 11  ? -7.008  4.649   -3.986  1.00 24.98 ? 10  TRP A CH2   1 
ATOM   99   N N     . PHE A 1 12  ? -1.432  0.449   -5.741  1.00 16.16 ? 11  PHE A N     1 
ATOM   100  C CA    . PHE A 1 12  ? -0.717  -0.022  -4.561  1.00 14.32 ? 11  PHE A CA    1 
ATOM   101  C C     . PHE A 1 12  ? 0.299   1.009   -4.089  1.00 13.49 ? 11  PHE A C     1 
ATOM   102  O O     . PHE A 1 12  ? 0.470   1.216   -2.882  1.00 18.61 ? 11  PHE A O     1 
ATOM   103  C CB    . PHE A 1 12  ? -0.030  -1.356  -4.860  1.00 12.93 ? 11  PHE A CB    1 
ATOM   104  C CG    . PHE A 1 12  ? 0.861   -1.842  -3.752  1.00 11.79 ? 11  PHE A CG    1 
ATOM   105  C CD1   . PHE A 1 12  ? 0.343   -2.590  -2.707  1.00 12.40 ? 11  PHE A CD1   1 
ATOM   106  C CD2   . PHE A 1 12  ? 2.218   -1.556  -3.756  1.00 9.23  ? 11  PHE A CD2   1 
ATOM   107  C CE1   . PHE A 1 12  ? 1.160   -3.038  -1.686  1.00 10.50 ? 11  PHE A CE1   1 
ATOM   108  C CE2   . PHE A 1 12  ? 3.037   -1.999  -2.738  1.00 12.95 ? 11  PHE A CE2   1 
ATOM   109  C CZ    . PHE A 1 12  ? 2.509   -2.742  -1.701  1.00 9.90  ? 11  PHE A CZ    1 
ATOM   110  N N     . GLU A 1 13  ? 0.982   1.666   -5.029  1.00 11.87 ? 12  GLU A N     1 
ATOM   111  C CA    . GLU A 1 13  ? 1.967   2.678   -4.657  1.00 14.16 ? 12  GLU A CA    1 
ATOM   112  C C     . GLU A 1 13  ? 1.290   3.918   -4.086  1.00 13.14 ? 12  GLU A C     1 
ATOM   113  O O     . GLU A 1 13  ? 1.722   4.456   -3.061  1.00 14.86 ? 12  GLU A O     1 
ATOM   114  C CB    . GLU A 1 13  ? 2.824   3.046   -5.867  1.00 16.25 ? 12  GLU A CB    1 
ATOM   115  C CG    . GLU A 1 13  ? 3.933   4.034   -5.550  1.00 22.61 ? 12  GLU A CG    1 
ATOM   116  C CD    . GLU A 1 13  ? 4.551   4.632   -6.794  1.00 26.97 ? 12  GLU A CD    1 
ATOM   117  O OE1   . GLU A 1 13  ? 4.874   5.837   -6.780  1.00 32.20 ? 12  GLU A OE1   1 
ATOM   118  O OE2   . GLU A 1 13  ? 4.708   3.897   -7.789  1.00 26.80 ? 12  GLU A OE2   1 
ATOM   119  N N     . ILE A 1 14  ? 0.230   4.387   -4.746  1.00 14.03 ? 13  ILE A N     1 
ATOM   120  C CA    . ILE A 1 14  ? -0.496  5.560   -4.264  1.00 11.72 ? 13  ILE A CA    1 
ATOM   121  C C     . ILE A 1 14  ? -1.012  5.325   -2.850  1.00 16.61 ? 13  ILE A C     1 
ATOM   122  O O     . ILE A 1 14  ? -0.946  6.212   -1.990  1.00 15.22 ? 13  ILE A O     1 
ATOM   123  C CB    . ILE A 1 14  ? -1.644  5.902   -5.232  1.00 19.88 ? 13  ILE A CB    1 
ATOM   124  C CG1   . ILE A 1 14  ? -1.094  6.468   -6.544  1.00 17.46 ? 13  ILE A CG1   1 
ATOM   125  C CG2   . ILE A 1 14  ? -2.631  6.859   -4.583  1.00 14.82 ? 13  ILE A CG2   1 
ATOM   126  C CD1   . ILE A 1 14  ? -2.162  6.756   -7.577  1.00 17.63 ? 13  ILE A CD1   1 
ATOM   127  N N     . GLN A 1 15  ? -1.507  4.120   -2.582  1.00 17.43 ? 14  GLN A N     1 
ATOM   128  C CA    . GLN A 1 15  ? -2.213  3.826   -1.343  1.00 13.78 ? 14  GLN A CA    1 
ATOM   129  C C     . GLN A 1 15  ? -1.280  3.456   -0.195  1.00 16.46 ? 14  GLN A C     1 
ATOM   130  O O     . GLN A 1 15  ? -1.555  3.807   0.958   1.00 13.86 ? 14  GLN A O     1 
ATOM   131  C CB    . GLN A 1 15  ? -3.216  2.695   -1.583  1.00 14.18 ? 14  GLN A CB    1 
ATOM   132  C CG    . GLN A 1 15  ? -4.152  2.416   -0.424  1.00 16.79 ? 14  GLN A CG    1 
ATOM   133  C CD    . GLN A 1 15  ? -5.181  1.357   -0.767  1.00 23.49 ? 14  GLN A CD    1 
ATOM   134  O OE1   . GLN A 1 15  ? -6.379  1.633   -0.817  1.00 23.65 ? 14  GLN A OE1   1 
ATOM   135  N NE2   . GLN A 1 15  ? -4.715  0.138   -1.013  1.00 26.04 ? 14  GLN A NE2   1 
ATOM   136  N N     . HIS A 1 16  ? -0.178  2.760   -0.478  1.00 18.47 ? 15  HIS A N     1 
ATOM   137  C CA    . HIS A 1 16  ? 0.660   2.204   0.575   1.00 18.39 ? 15  HIS A CA    1 
ATOM   138  C C     . HIS A 1 16  ? 2.102   2.689   0.572   1.00 17.62 ? 15  HIS A C     1 
ATOM   139  O O     . HIS A 1 16  ? 2.838   2.363   1.510   1.00 18.84 ? 15  HIS A O     1 
ATOM   140  C CB    . HIS A 1 16  ? 0.666   0.669   0.497   1.00 13.60 ? 15  HIS A CB    1 
ATOM   141  C CG    . HIS A 1 16  ? -0.670  0.044   0.749   1.00 10.32 ? 15  HIS A CG    1 
ATOM   142  N ND1   . HIS A 1 16  ? -1.319  0.137   1.960   1.00 13.20 ? 15  HIS A ND1   1 
ATOM   143  C CD2   . HIS A 1 16  ? -1.476  -0.690  -0.055  1.00 17.48 ? 15  HIS A CD2   1 
ATOM   144  C CE1   . HIS A 1 16  ? -2.469  -0.510  1.892   1.00 13.14 ? 15  HIS A CE1   1 
ATOM   145  N NE2   . HIS A 1 16  ? -2.588  -1.021  0.680   1.00 21.44 ? 15  HIS A NE2   1 
ATOM   146  N N     . ILE A 1 17  ? 2.534   3.445   -0.432  1.00 14.24 ? 16  ILE A N     1 
ATOM   147  C CA    . ILE A 1 17  ? 3.931   3.848   -0.553  1.00 17.80 ? 16  ILE A CA    1 
ATOM   148  C C     . ILE A 1 17  ? 4.038   5.331   -0.232  1.00 16.66 ? 16  ILE A C     1 
ATOM   149  O O     . ILE A 1 17  ? 3.651   6.189   -1.035  1.00 16.28 ? 16  ILE A O     1 
ATOM   150  C CB    . ILE A 1 17  ? 4.504   3.538   -1.941  1.00 22.16 ? 16  ILE A CB    1 
ATOM   151  C CG1   . ILE A 1 17  ? 4.562   2.028   -2.156  1.00 14.37 ? 16  ILE A CG1   1 
ATOM   152  C CG2   . ILE A 1 17  ? 5.892   4.143   -2.092  1.00 19.97 ? 16  ILE A CG2   1 
ATOM   153  C CD1   . ILE A 1 17  ? 5.411   1.314   -1.138  1.00 14.23 ? 16  ILE A CD1   1 
ATOM   154  N N     . GLN A 1 18  ? 4.562   5.629   0.956   1.00 19.14 ? 17  GLN A N     1 
ATOM   155  C CA    . GLN A 1 18  ? 4.996   6.976   1.318   1.00 25.03 ? 17  GLN A CA    1 
ATOM   156  C C     . GLN A 1 18  ? 6.330   6.811   2.033   1.00 31.26 ? 17  GLN A C     1 
ATOM   157  O O     . GLN A 1 18  ? 6.359   6.567   3.251   1.00 24.60 ? 17  GLN A O     1 
ATOM   158  C CB    . GLN A 1 18  ? 3.976   7.695   2.196   1.00 17.33 ? 17  GLN A CB    1 
ATOM   159  N N     . PRO A 1 19  ? 7.450   6.907   1.311   1.00 33.72 ? 18  PRO A N     1 
ATOM   160  C CA    . PRO A 1 19  ? 8.756   6.664   1.949   1.00 32.25 ? 18  PRO A CA    1 
ATOM   161  C C     . PRO A 1 19  ? 9.059   7.619   3.088   1.00 39.10 ? 18  PRO A C     1 
ATOM   162  O O     . PRO A 1 19  ? 9.790   7.252   4.018   1.00 22.47 ? 18  PRO A O     1 
ATOM   163  C CB    . PRO A 1 19  ? 9.750   6.826   0.789   1.00 32.35 ? 18  PRO A CB    1 
ATOM   164  C CG    . PRO A 1 19  ? 9.014   7.620   -0.248  1.00 49.58 ? 18  PRO A CG    1 
ATOM   165  C CD    . PRO A 1 19  ? 7.577   7.225   -0.121  1.00 36.34 ? 18  PRO A CD    1 
ATOM   166  N N     . SER A 1 20  ? 8.518   8.832   3.050   1.00 37.37 ? 19  SER A N     1 
ATOM   167  C CA    . SER A 1 20  ? 8.646   9.740   4.179   1.00 42.67 ? 19  SER A CA    1 
ATOM   168  C C     . SER A 1 20  ? 7.331   9.794   4.936   1.00 29.33 ? 19  SER A C     1 
ATOM   169  O O     . SER A 1 20  ? 6.277   9.989   4.313   1.00 32.03 ? 19  SER A O     1 
ATOM   170  C CB    . SER A 1 20  ? 9.032   11.139  3.708   1.00 39.65 ? 19  SER A CB    1 
ATOM   171  N N     . PRO A 1 21  ? 7.336   9.599   6.254   1.00 20.64 ? 20  PRO A N     1 
ATOM   172  C CA    . PRO A 1 21  ? 6.086   9.699   7.017   1.00 32.61 ? 20  PRO A CA    1 
ATOM   173  C C     . PRO A 1 21  ? 5.495   11.101  6.944   1.00 30.27 ? 20  PRO A C     1 
ATOM   174  O O     . PRO A 1 21  ? 6.204   12.104  7.044   1.00 26.67 ? 20  PRO A O     1 
ATOM   175  C CB    . PRO A 1 21  ? 6.509   9.334   8.446   1.00 26.23 ? 20  PRO A CB    1 
ATOM   176  C CG    . PRO A 1 21  ? 8.010   9.422   8.457   1.00 32.17 ? 20  PRO A CG    1 
ATOM   177  C CD    . PRO A 1 21  ? 8.449   9.095   7.072   1.00 24.32 ? 20  PRO A CD    1 
ATOM   178  N N     . LEU A 1 22  ? 4.181   11.157  6.764   1.00 34.16 ? 21  LEU A N     1 
ATOM   179  C CA    . LEU A 1 22  ? 3.474   12.417  6.558   1.00 32.76 ? 21  LEU A CA    1 
ATOM   180  C C     . LEU A 1 22  ? 2.244   12.409  7.465   1.00 20.86 ? 21  LEU A C     1 
ATOM   181  O O     . LEU A 1 22  ? 2.041   11.507  8.289   1.00 26.41 ? 21  LEU A O     1 
ATOM   182  C CB    . LEU A 1 22  ? 2.997   12.533  5.104   1.00 24.76 ? 21  LEU A CB    1 
ATOM   183  C CG    . LEU A 1 22  ? 3.986   12.148  4.002   1.00 30.24 ? 21  LEU A CG    1 
ATOM   184  C CD1   . LEU A 1 22  ? 3.294   12.101  2.648   1.00 23.03 ? 21  LEU A CD1   1 
ATOM   185  C CD2   . LEU A 1 22  ? 5.169   13.104  3.973   1.00 27.56 ? 21  LEU A CD2   1 
ATOM   186  N N     . GLN A 1 23  ? 1.404   13.429  7.317   1.00 20.18 ? 22  GLN A N     1 
ATOM   187  C CA    . GLN A 1 23  ? 0.155   13.535  8.057   1.00 15.40 ? 22  GLN A CA    1 
ATOM   188  C C     . GLN A 1 23  ? -0.965  12.709  7.439   1.00 17.72 ? 22  GLN A C     1 
ATOM   189  O O     . GLN A 1 23  ? -1.188  12.770  6.225   1.00 22.26 ? 22  GLN A O     1 
ATOM   190  C CB    . GLN A 1 23  ? -0.258  15.004  8.148   1.00 19.90 ? 22  GLN A CB    1 
ATOM   191  C CG    . GLN A 1 23  ? -1.185  15.308  9.313   1.00 31.98 ? 22  GLN A CG    1 
ATOM   192  C CD    . GLN A 1 23  ? -2.181  16.407  9.002   1.00 31.90 ? 22  GLN A CD    1 
ATOM   193  O OE1   . GLN A 1 23  ? -2.363  16.787  7.846   1.00 32.46 ? 22  GLN A OE1   1 
ATOM   194  N NE2   . GLN A 1 23  ? -2.835  16.924  10.037  1.00 35.95 ? 22  GLN A NE2   1 
ATOM   195  N N     . CYS A 1 24  ? -1.666  11.942  8.277   1.00 15.77 ? 23  CYS A N     1 
ATOM   196  C CA    . CYS A 1 24  ? -2.711  11.053  7.779   1.00 14.91 ? 23  CYS A CA    1 
ATOM   197  C C     . CYS A 1 24  ? -3.794  11.828  7.038   1.00 16.16 ? 23  CYS A C     1 
ATOM   198  O O     . CYS A 1 24  ? -4.124  11.507  5.891   1.00 13.08 ? 23  CYS A O     1 
ATOM   199  C CB    . CYS A 1 24  ? -3.312  10.253  8.935   1.00 12.29 ? 23  CYS A CB    1 
ATOM   200  S SG    . CYS A 1 24  ? -2.336  8.822   9.459   1.00 8.44  ? 23  CYS A SG    1 
ATOM   201  N N     . ASN A 1 25  ? -4.355  12.859  7.677   1.00 21.10 ? 24  ASN A N     1 
ATOM   202  C CA    . ASN A 1 25  ? -5.432  13.626  7.052   1.00 18.22 ? 24  ASN A CA    1 
ATOM   203  C C     . ASN A 1 25  ? -5.003  14.197  5.706   1.00 18.42 ? 24  ASN A C     1 
ATOM   204  O O     . ASN A 1 25  ? -5.791  14.218  4.752   1.00 17.02 ? 24  ASN A O     1 
ATOM   205  C CB    . ASN A 1 25  ? -5.889  14.747  7.985   1.00 16.18 ? 24  ASN A CB    1 
ATOM   206  C CG    . ASN A 1 25  ? -6.476  14.224  9.278   1.00 21.81 ? 24  ASN A CG    1 
ATOM   207  O OD1   . ASN A 1 25  ? -6.890  13.067  9.360   1.00 20.95 ? 24  ASN A OD1   1 
ATOM   208  N ND2   . ASN A 1 25  ? -6.517  15.074  10.297  1.00 22.08 ? 24  ASN A ND2   1 
ATOM   209  N N     . ARG A 1 26  ? -3.756  14.659  5.607   1.00 20.15 ? 25  ARG A N     1 
ATOM   210  C CA    . ARG A 1 26  ? -3.252  15.162  4.334   1.00 21.35 ? 25  ARG A CA    1 
ATOM   211  C C     . ARG A 1 26  ? -3.128  14.041  3.309   1.00 21.63 ? 25  ARG A C     1 
ATOM   212  O O     . ARG A 1 26  ? -3.602  14.167  2.174   1.00 19.45 ? 25  ARG A O     1 
ATOM   213  C CB    . ARG A 1 26  ? -1.905  15.853  4.541   1.00 24.20 ? 25  ARG A CB    1 
ATOM   214  N N     . ALA A 1 27  ? -2.505  12.927  3.697   1.00 22.00 ? 26  ALA A N     1 
ATOM   215  C CA    . ALA A 1 27  ? -2.202  11.849  2.766   1.00 12.65 ? 26  ALA A CA    1 
ATOM   216  C C     . ALA A 1 27  ? -3.409  10.989  2.412   1.00 9.65  ? 26  ALA A C     1 
ATOM   217  O O     . ALA A 1 27  ? -3.317  10.185  1.479   1.00 12.30 ? 26  ALA A O     1 
ATOM   218  C CB    . ALA A 1 27  ? -1.094  10.961  3.338   1.00 14.68 ? 26  ALA A CB    1 
ATOM   219  N N     . MET A 1 28  ? -4.528  11.126  3.122   1.00 11.43 ? 27  MET A N     1 
ATOM   220  C CA    . MET A 1 28  ? -5.711  10.328  2.823   1.00 14.01 ? 27  MET A CA    1 
ATOM   221  C C     . MET A 1 28  ? -6.679  11.019  1.873   1.00 14.04 ? 27  MET A C     1 
ATOM   222  O O     . MET A 1 28  ? -7.513  10.339  1.266   1.00 13.34 ? 27  MET A O     1 
ATOM   223  C CB    . MET A 1 28  ? -6.457  9.969   4.115   1.00 15.09 ? 27  MET A CB    1 
ATOM   224  C CG    . MET A 1 28  ? -5.714  9.023   5.052   1.00 12.68 ? 27  MET A CG    1 
ATOM   225  S SD    . MET A 1 28  ? -6.053  7.274   4.778   1.00 25.44 ? 27  MET A SD    1 
ATOM   226  C CE    . MET A 1 28  ? -4.975  6.916   3.402   1.00 8.26  ? 27  MET A CE    1 
ATOM   227  N N     . SER A 1 29  ? -6.582  12.344  1.727   1.00 16.78 ? 28  SER A N     1 
ATOM   228  C CA    . SER A 1 29  ? -7.567  13.081  0.938   1.00 16.43 ? 28  SER A CA    1 
ATOM   229  C C     . SER A 1 29  ? -7.573  12.626  -0.516  1.00 19.04 ? 28  SER A C     1 
ATOM   230  O O     . SER A 1 29  ? -8.630  12.585  -1.155  1.00 26.99 ? 28  SER A O     1 
ATOM   231  C CB    . SER A 1 29  ? -7.295  14.582  1.028   1.00 14.77 ? 28  SER A CB    1 
ATOM   232  O OG    . SER A 1 29  ? -6.054  14.913  0.430   1.00 28.85 ? 28  SER A OG    1 
ATOM   233  N N     . GLY A 1 30  ? -6.403  12.285  -1.058  1.00 15.26 ? 29  GLY A N     1 
ATOM   234  C CA    . GLY A 1 30  ? -6.356  11.800  -2.427  1.00 15.26 ? 29  GLY A CA    1 
ATOM   235  C C     . GLY A 1 30  ? -7.036  10.453  -2.586  1.00 21.90 ? 29  GLY A C     1 
ATOM   236  O O     . GLY A 1 30  ? -7.829  10.247  -3.509  1.00 20.91 ? 29  GLY A O     1 
ATOM   237  N N     . ILE A 1 31  ? -6.742  9.521   -1.678  1.00 21.94 ? 30  ILE A N     1 
ATOM   238  C CA    . ILE A 1 31  ? -7.316  8.181   -1.766  1.00 19.24 ? 30  ILE A CA    1 
ATOM   239  C C     . ILE A 1 31  ? -8.822  8.224   -1.542  1.00 19.71 ? 30  ILE A C     1 
ATOM   240  O O     . ILE A 1 31  ? -9.589  7.583   -2.270  1.00 25.33 ? 30  ILE A O     1 
ATOM   241  C CB    . ILE A 1 31  ? -6.617  7.242   -0.767  1.00 21.96 ? 30  ILE A CB    1 
ATOM   242  C CG1   . ILE A 1 31  ? -5.158  7.031   -1.177  1.00 20.00 ? 30  ILE A CG1   1 
ATOM   243  C CG2   . ILE A 1 31  ? -7.351  5.913   -0.672  1.00 22.25 ? 30  ILE A CG2   1 
ATOM   244  C CD1   . ILE A 1 31  ? -4.169  7.255   -0.060  1.00 16.35 ? 30  ILE A CD1   1 
ATOM   245  N N     . ASN A 1 32  ? -9.272  8.980   -0.537  1.00 21.29 ? 31  ASN A N     1 
ATOM   246  C CA    . ASN A 1 32  ? -10.704 9.080   -0.278  1.00 19.74 ? 31  ASN A CA    1 
ATOM   247  C C     . ASN A 1 32  ? -11.434 9.761   -1.428  1.00 20.81 ? 31  ASN A C     1 
ATOM   248  O O     . ASN A 1 32  ? -12.587 9.424   -1.718  1.00 15.80 ? 31  ASN A O     1 
ATOM   249  C CB    . ASN A 1 32  ? -10.952 9.831   1.031   1.00 19.39 ? 31  ASN A CB    1 
ATOM   250  C CG    . ASN A 1 32  ? -10.257 9.184   2.213   1.00 19.15 ? 31  ASN A CG    1 
ATOM   251  O OD1   . ASN A 1 32  ? -9.754  8.064   2.116   1.00 18.95 ? 31  ASN A OD1   1 
ATOM   252  N ND2   . ASN A 1 32  ? -10.228 9.886   3.340   1.00 15.29 ? 31  ASN A ND2   1 
ATOM   253  N N     . ASN A 1 33  ? -10.779 10.714  -2.097  1.00 19.97 ? 32  ASN A N     1 
ATOM   254  C CA    . ASN A 1 33  ? -11.396 11.369  -3.245  1.00 21.26 ? 32  ASN A CA    1 
ATOM   255  C C     . ASN A 1 33  ? -11.589 10.392  -4.399  1.00 21.36 ? 32  ASN A C     1 
ATOM   256  O O     . ASN A 1 33  ? -12.620 10.424  -5.081  1.00 21.01 ? 32  ASN A O     1 
ATOM   257  C CB    . ASN A 1 33  ? -10.549 12.562  -3.683  1.00 23.26 ? 32  ASN A CB    1 
ATOM   258  C CG    . ASN A 1 33  ? -11.162 13.318  -4.841  1.00 25.79 ? 32  ASN A CG    1 
ATOM   259  O OD1   . ASN A 1 33  ? -10.817 13.087  -5.999  1.00 26.85 ? 32  ASN A OD1   1 
ATOM   260  N ND2   . ASN A 1 33  ? -12.078 14.230  -4.534  1.00 23.10 ? 32  ASN A ND2   1 
ATOM   261  N N     . TYR A 1 34  ? -10.611 9.513   -4.627  1.00 17.18 ? 33  TYR A N     1 
ATOM   262  C CA    . TYR A 1 34  ? -10.739 8.522   -5.689  1.00 20.91 ? 33  TYR A CA    1 
ATOM   263  C C     . TYR A 1 34  ? -11.775 7.461   -5.343  1.00 26.66 ? 33  TYR A C     1 
ATOM   264  O O     . TYR A 1 34  ? -12.358 6.847   -6.245  1.00 20.69 ? 33  TYR A O     1 
ATOM   265  C CB    . TYR A 1 34  ? -9.382  7.875   -5.961  1.00 26.42 ? 33  TYR A CB    1 
ATOM   266  C CG    . TYR A 1 34  ? -9.339  7.009   -7.200  1.00 26.41 ? 33  TYR A CG    1 
ATOM   267  C CD1   . TYR A 1 34  ? -9.135  7.569   -8.453  1.00 26.43 ? 33  TYR A CD1   1 
ATOM   268  C CD2   . TYR A 1 34  ? -9.492  5.631   -7.114  1.00 31.13 ? 33  TYR A CD2   1 
ATOM   269  C CE1   . TYR A 1 34  ? -9.090  6.783   -9.589  1.00 34.42 ? 33  TYR A CE1   1 
ATOM   270  C CE2   . TYR A 1 34  ? -9.450  4.835   -8.244  1.00 31.00 ? 33  TYR A CE2   1 
ATOM   271  C CZ    . TYR A 1 34  ? -9.249  5.418   -9.479  1.00 37.24 ? 33  TYR A CZ    1 
ATOM   272  O OH    . TYR A 1 34  ? -9.205  4.632   -10.607 1.00 46.39 ? 33  TYR A OH    1 
ATOM   273  N N     . THR A 1 35  ? -12.017 7.229   -4.052  1.00 23.30 ? 34  THR A N     1 
ATOM   274  C CA    . THR A 1 35  ? -12.999 6.252   -3.604  1.00 17.37 ? 34  THR A CA    1 
ATOM   275  C C     . THR A 1 35  ? -14.334 6.878   -3.219  1.00 17.68 ? 34  THR A C     1 
ATOM   276  O O     . THR A 1 35  ? -15.311 6.143   -3.037  1.00 17.26 ? 34  THR A O     1 
ATOM   277  C CB    . THR A 1 35  ? -12.452 5.456   -2.412  1.00 16.13 ? 34  THR A CB    1 
ATOM   278  O OG1   . THR A 1 35  ? -12.185 6.343   -1.319  1.00 17.95 ? 34  THR A OG1   1 
ATOM   279  C CG2   . THR A 1 35  ? -11.171 4.728   -2.799  1.00 14.66 ? 34  THR A CG2   1 
ATOM   280  N N     . GLN A 1 36  ? -14.393 8.205   -3.086  1.00 20.95 ? 35  GLN A N     1 
ATOM   281  C CA    . GLN A 1 36  ? -15.635 8.926   -2.795  1.00 20.08 ? 35  GLN A CA    1 
ATOM   282  C C     . GLN A 1 36  ? -16.247 8.487   -1.465  1.00 19.17 ? 35  GLN A C     1 
ATOM   283  O O     . GLN A 1 36  ? -17.468 8.367   -1.334  1.00 22.03 ? 35  GLN A O     1 
ATOM   284  C CB    . GLN A 1 36  ? -16.644 8.773   -3.938  1.00 15.06 ? 35  GLN A CB    1 
ATOM   285  C CG    . GLN A 1 36  ? -16.270 9.537   -5.198  1.00 15.36 ? 35  GLN A CG    1 
ATOM   286  C CD    . GLN A 1 36  ? -16.604 11.015  -5.102  1.00 23.01 ? 35  GLN A CD    1 
ATOM   287  O OE1   . GLN A 1 36  ? -17.608 11.398  -4.503  1.00 22.38 ? 35  GLN A OE1   1 
ATOM   288  N NE2   . GLN A 1 36  ? -15.758 11.852  -5.690  1.00 22.61 ? 35  GLN A NE2   1 
ATOM   289  N N     . HIS A 1 37  ? -15.393 8.251   -0.472  1.00 17.67 ? 36  HIS A N     1 
ATOM   290  C CA    . HIS A 1 37  ? -15.825 7.927   0.883   1.00 18.40 ? 36  HIS A CA    1 
ATOM   291  C C     . HIS A 1 37  ? -14.606 7.965   1.792   1.00 16.52 ? 36  HIS A C     1 
ATOM   292  O O     . HIS A 1 37  ? -13.471 7.791   1.340   1.00 17.43 ? 36  HIS A O     1 
ATOM   293  C CB    . HIS A 1 37  ? -16.510 6.554   0.955   1.00 19.70 ? 36  HIS A CB    1 
ATOM   294  C CG    . HIS A 1 37  ? -15.580 5.425   1.275   1.00 18.95 ? 36  HIS A CG    1 
ATOM   295  N ND1   . HIS A 1 37  ? -14.486 5.114   0.495   1.00 19.71 ? 36  HIS A ND1   1 
ATOM   296  C CD2   . HIS A 1 37  ? -15.585 4.526   2.289   1.00 18.23 ? 36  HIS A CD2   1 
ATOM   297  C CE1   . HIS A 1 37  ? -13.855 4.077   1.017   1.00 15.33 ? 36  HIS A CE1   1 
ATOM   298  N NE2   . HIS A 1 37  ? -14.502 3.701   2.107   1.00 17.23 ? 36  HIS A NE2   1 
ATOM   299  N N     . CYS A 1 38  ? -14.853 8.200   3.079   1.00 19.90 ? 37  CYS A N     1 
ATOM   300  C CA    . CYS A 1 38  ? -13.777 8.186   4.066   1.00 15.24 ? 37  CYS A CA    1 
ATOM   301  C C     . CYS A 1 38  ? -13.313 6.752   4.279   1.00 14.73 ? 37  CYS A C     1 
ATOM   302  O O     . CYS A 1 38  ? -14.059 5.923   4.811   1.00 14.79 ? 37  CYS A O     1 
ATOM   303  C CB    . CYS A 1 38  ? -14.241 8.803   5.383   1.00 10.30 ? 37  CYS A CB    1 
ATOM   304  S SG    . CYS A 1 38  ? -14.573 10.582  5.347   1.00 16.86 ? 37  CYS A SG    1 
ATOM   305  N N     . LYS A 1 39  ? -12.086 6.452   3.861   1.00 15.48 ? 38  LYS A N     1 
ATOM   306  C CA    . LYS A 1 39  ? -11.522 5.129   4.091   1.00 13.12 ? 38  LYS A CA    1 
ATOM   307  C C     . LYS A 1 39  ? -11.288 4.927   5.583   1.00 12.90 ? 38  LYS A C     1 
ATOM   308  O O     . LYS A 1 39  ? -10.644 5.751   6.238   1.00 16.08 ? 38  LYS A O     1 
ATOM   309  C CB    . LYS A 1 39  ? -10.218 4.966   3.312   1.00 11.36 ? 38  LYS A CB    1 
ATOM   310  C CG    . LYS A 1 39  ? -9.727  3.533   3.202   1.00 9.04  ? 38  LYS A CG    1 
ATOM   311  C CD    . LYS A 1 39  ? -8.555  3.432   2.236   1.00 12.75 ? 38  LYS A CD    1 
ATOM   312  C CE    . LYS A 1 39  ? -8.240  1.984   1.886   1.00 9.34  ? 38  LYS A CE    1 
ATOM   313  N NZ    . LYS A 1 39  ? -7.793  1.205   3.072   1.00 17.53 ? 38  LYS A NZ    1 
ATOM   314  N N     . HIS A 1 40  ? -11.821 3.827   6.121   1.00 15.31 ? 39  HIS A N     1 
ATOM   315  C CA    . HIS A 1 40  ? -11.777 3.614   7.565   1.00 13.34 ? 39  HIS A CA    1 
ATOM   316  C C     . HIS A 1 40  ? -10.355 3.400   8.071   1.00 15.43 ? 39  HIS A C     1 
ATOM   317  O O     . HIS A 1 40  ? -10.050 3.749   9.216   1.00 19.07 ? 39  HIS A O     1 
ATOM   318  C CB    . HIS A 1 40  ? -12.656 2.423   7.950   1.00 18.33 ? 39  HIS A CB    1 
ATOM   319  C CG    . HIS A 1 40  ? -14.108 2.606   7.624   1.00 21.32 ? 39  HIS A CG    1 
ATOM   320  N ND1   . HIS A 1 40  ? -15.068 1.677   7.965   1.00 20.47 ? 39  HIS A ND1   1 
ATOM   321  C CD2   . HIS A 1 40  ? -14.762 3.607   6.990   1.00 21.35 ? 39  HIS A CD2   1 
ATOM   322  C CE1   . HIS A 1 40  ? -16.252 2.099   7.555   1.00 24.90 ? 39  HIS A CE1   1 
ATOM   323  N NE2   . HIS A 1 40  ? -16.093 3.268   6.959   1.00 19.49 ? 39  HIS A NE2   1 
ATOM   324  N N     . GLN A 1 41  ? -9.478  2.841   7.239   1.00 13.93 ? 40  GLN A N     1 
ATOM   325  C CA    . GLN A 1 41  ? -8.127  2.503   7.666   1.00 11.61 ? 40  GLN A CA    1 
ATOM   326  C C     . GLN A 1 41  ? -7.255  2.314   6.434   1.00 12.86 ? 40  GLN A C     1 
ATOM   327  O O     . GLN A 1 41  ? -7.732  1.871   5.385   1.00 14.63 ? 40  GLN A O     1 
ATOM   328  C CB    . GLN A 1 41  ? -8.125  1.235   8.534   1.00 12.61 ? 40  GLN A CB    1 
ATOM   329  C CG    . GLN A 1 41  ? -6.772  0.839   9.125   1.00 14.78 ? 40  GLN A CG    1 
ATOM   330  C CD    . GLN A 1 41  ? -5.902  0.052   8.156   1.00 18.44 ? 40  GLN A CD    1 
ATOM   331  O OE1   . GLN A 1 41  ? -6.383  -0.460  7.145   1.00 18.41 ? 40  GLN A OE1   1 
ATOM   332  N NE2   . GLN A 1 41  ? -4.612  -0.037  8.460   1.00 11.49 ? 40  GLN A NE2   1 
ATOM   333  N N     . ASN A 1 42  ? -5.974  2.657   6.573   1.00 15.29 ? 41  ASN A N     1 
ATOM   334  C CA    . ASN A 1 42  ? -4.982  2.332   5.555   1.00 20.68 ? 41  ASN A CA    1 
ATOM   335  C C     . ASN A 1 42  ? -3.590  2.392   6.169   1.00 13.08 ? 41  ASN A C     1 
ATOM   336  O O     . ASN A 1 42  ? -3.314  3.226   7.035   1.00 18.07 ? 41  ASN A O     1 
ATOM   337  C CB    . ASN A 1 42  ? -5.064  3.272   4.348   1.00 15.59 ? 41  ASN A CB    1 
ATOM   338  C CG    . ASN A 1 42  ? -3.898  3.089   3.396   1.00 10.76 ? 41  ASN A CG    1 
ATOM   339  O OD1   . ASN A 1 42  ? -3.410  1.975   3.207   1.00 13.71 ? 41  ASN A OD1   1 
ATOM   340  N ND2   . ASN A 1 42  ? -3.441  4.178   2.794   1.00 9.87  ? 41  ASN A ND2   1 
ATOM   341  N N     . THR A 1 43  ? -2.720  1.505   5.694   1.00 10.99 ? 42  THR A N     1 
ATOM   342  C CA    . THR A 1 43  ? -1.340  1.415   6.150   1.00 11.79 ? 42  THR A CA    1 
ATOM   343  C C     . THR A 1 43  ? -0.412  2.044   5.116   1.00 10.36 ? 42  THR A C     1 
ATOM   344  O O     . THR A 1 43  ? -0.530  1.762   3.920   1.00 9.49  ? 42  THR A O     1 
ATOM   345  C CB    . THR A 1 43  ? -0.946  -0.044  6.389   1.00 9.13  ? 42  THR A CB    1 
ATOM   346  O OG1   . THR A 1 43  ? -1.781  -0.606  7.407   1.00 10.10 ? 42  THR A OG1   1 
ATOM   347  C CG2   . THR A 1 43  ? 0.510   -0.148  6.813   1.00 6.36  ? 42  THR A CG2   1 
ATOM   348  N N     . PHE A 1 44  ? 0.505   2.889   5.580   1.00 11.25 ? 43  PHE A N     1 
ATOM   349  C CA    . PHE A 1 44  ? 1.511   3.511   4.726   1.00 10.70 ? 43  PHE A CA    1 
ATOM   350  C C     . PHE A 1 44  ? 2.869   2.892   5.025   1.00 12.19 ? 43  PHE A C     1 
ATOM   351  O O     . PHE A 1 44  ? 3.364   2.987   6.154   1.00 13.35 ? 43  PHE A O     1 
ATOM   352  C CB    . PHE A 1 44  ? 1.556   5.024   4.934   1.00 9.26  ? 43  PHE A CB    1 
ATOM   353  C CG    . PHE A 1 44  ? 0.492   5.768   4.186   1.00 8.60  ? 43  PHE A CG    1 
ATOM   354  C CD1   . PHE A 1 44  ? 0.530   5.852   2.804   1.00 9.40  ? 43  PHE A CD1   1 
ATOM   355  C CD2   . PHE A 1 44  ? -0.541  6.392   4.863   1.00 9.04  ? 43  PHE A CD2   1 
ATOM   356  C CE1   . PHE A 1 44  ? -0.448  6.537   2.112   1.00 9.17  ? 43  PHE A CE1   1 
ATOM   357  C CE2   . PHE A 1 44  ? -1.520  7.080   4.175   1.00 7.72  ? 43  PHE A CE2   1 
ATOM   358  C CZ    . PHE A 1 44  ? -1.473  7.153   2.797   1.00 9.49  ? 43  PHE A CZ    1 
ATOM   359  N N     . LEU A 1 45  ? 3.468   2.268   4.015   1.00 12.99 ? 44  LEU A N     1 
ATOM   360  C CA    . LEU A 1 45  ? 4.792   1.675   4.142   1.00 14.32 ? 44  LEU A CA    1 
ATOM   361  C C     . LEU A 1 45  ? 5.840   2.745   3.862   1.00 13.24 ? 44  LEU A C     1 
ATOM   362  O O     . LEU A 1 45  ? 5.839   3.357   2.788   1.00 15.09 ? 44  LEU A O     1 
ATOM   363  C CB    . LEU A 1 45  ? 4.950   0.496   3.182   1.00 12.23 ? 44  LEU A CB    1 
ATOM   364  C CG    . LEU A 1 45  ? 3.824   -0.541  3.192   1.00 14.23 ? 44  LEU A CG    1 
ATOM   365  C CD1   . LEU A 1 45  ? 4.113   -1.664  2.208   1.00 12.38 ? 44  LEU A CD1   1 
ATOM   366  C CD2   . LEU A 1 45  ? 3.607   -1.094  4.591   1.00 16.90 ? 44  LEU A CD2   1 
ATOM   367  N N     . HIS A 1 46  ? 6.729   2.975   4.829   1.00 10.93 ? 45  HIS A N     1 
ATOM   368  C CA    . HIS A 1 46  ? 7.774   3.992   4.694   1.00 17.80 ? 45  HIS A CA    1 
ATOM   369  C C     . HIS A 1 46  ? 8.983   3.385   3.984   1.00 13.76 ? 45  HIS A C     1 
ATOM   370  O O     . HIS A 1 46  ? 10.021  3.076   4.573   1.00 8.83  ? 45  HIS A O     1 
ATOM   371  C CB    . HIS A 1 46  ? 8.137   4.565   6.057   1.00 14.05 ? 45  HIS A CB    1 
ATOM   372  C CG    . HIS A 1 46  ? 6.988   5.227   6.746   1.00 12.31 ? 45  HIS A CG    1 
ATOM   373  N ND1   . HIS A 1 46  ? 5.984   5.871   6.057   1.00 16.05 ? 45  HIS A ND1   1 
ATOM   374  C CD2   . HIS A 1 46  ? 6.671   5.331   8.058   1.00 14.83 ? 45  HIS A CD2   1 
ATOM   375  C CE1   . HIS A 1 46  ? 5.102   6.353   6.915   1.00 15.93 ? 45  HIS A CE1   1 
ATOM   376  N NE2   . HIS A 1 46  ? 5.496   6.039   8.135   1.00 18.92 ? 45  HIS A NE2   1 
ATOM   377  N N     . ASP A 1 47  ? 8.820   3.222   2.675   1.00 14.46 ? 46  ASP A N     1 
ATOM   378  C CA    . ASP A 1 47  ? 9.830   2.588   1.847   1.00 15.05 ? 46  ASP A CA    1 
ATOM   379  C C     . ASP A 1 47  ? 9.663   3.082   0.419   1.00 15.57 ? 46  ASP A C     1 
ATOM   380  O O     . ASP A 1 47  ? 8.602   3.581   0.035   1.00 17.95 ? 46  ASP A O     1 
ATOM   381  C CB    . ASP A 1 47  ? 9.718   1.061   1.917   1.00 21.47 ? 46  ASP A CB    1 
ATOM   382  C CG    . ASP A 1 47  ? 11.058  0.372   1.792   1.00 25.46 ? 46  ASP A CG    1 
ATOM   383  O OD1   . ASP A 1 47  ? 11.087  -0.877  1.821   1.00 29.60 ? 46  ASP A OD1   1 
ATOM   384  O OD2   . ASP A 1 47  ? 12.082  1.074   1.662   1.00 18.42 ? 46  ASP A OD2   1 
ATOM   385  N N     . SER A 1 48  ? 10.730  2.955   -0.361  1.00 18.35 ? 47  SER A N     1 
ATOM   386  C CA    . SER A 1 48  ? 10.648  3.274   -1.777  1.00 12.77 ? 47  SER A CA    1 
ATOM   387  C C     . SER A 1 48  ? 9.905   2.171   -2.520  1.00 13.07 ? 47  SER A C     1 
ATOM   388  O O     . SER A 1 48  ? 9.914   1.005   -2.115  1.00 23.95 ? 47  SER A O     1 
ATOM   389  C CB    . SER A 1 48  ? 12.048  3.457   -2.366  1.00 16.34 ? 47  SER A CB    1 
ATOM   390  O OG    . SER A 1 48  ? 12.891  2.370   -2.024  1.00 12.22 ? 47  SER A OG    1 
ATOM   391  N N     . PHE A 1 49  ? 9.237   2.555   -3.611  1.00 15.21 ? 48  PHE A N     1 
ATOM   392  C CA    . PHE A 1 49  ? 8.598   1.557   -4.463  1.00 11.62 ? 48  PHE A CA    1 
ATOM   393  C C     . PHE A 1 49  ? 9.619   0.546   -4.967  1.00 13.34 ? 48  PHE A C     1 
ATOM   394  O O     . PHE A 1 49  ? 9.318   -0.647  -5.090  1.00 16.88 ? 48  PHE A O     1 
ATOM   395  C CB    . PHE A 1 49  ? 7.892   2.237   -5.637  1.00 13.65 ? 48  PHE A CB    1 
ATOM   396  C CG    . PHE A 1 49  ? 7.107   1.291   -6.501  1.00 15.22 ? 48  PHE A CG    1 
ATOM   397  C CD1   . PHE A 1 49  ? 5.804   0.955   -6.172  1.00 11.41 ? 48  PHE A CD1   1 
ATOM   398  C CD2   . PHE A 1 49  ? 7.671   0.736   -7.638  1.00 11.64 ? 48  PHE A CD2   1 
ATOM   399  C CE1   . PHE A 1 49  ? 5.079   0.085   -6.961  1.00 14.18 ? 48  PHE A CE1   1 
ATOM   400  C CE2   . PHE A 1 49  ? 6.950   -0.138  -8.429  1.00 13.82 ? 48  PHE A CE2   1 
ATOM   401  C CZ    . PHE A 1 49  ? 5.652   -0.462  -8.092  1.00 16.96 ? 48  PHE A CZ    1 
ATOM   402  N N     . GLN A 1 50  ? 10.835  1.013   -5.257  1.00 21.77 ? 49  GLN A N     1 
ATOM   403  C CA    . GLN A 1 50  ? 11.913  0.121   -5.669  1.00 21.40 ? 49  GLN A CA    1 
ATOM   404  C C     . GLN A 1 50  ? 12.192  -0.936  -4.606  1.00 18.00 ? 49  GLN A C     1 
ATOM   405  O O     . GLN A 1 50  ? 12.426  -2.107  -4.928  1.00 16.80 ? 49  GLN A O     1 
ATOM   406  C CB    . GLN A 1 50  ? 13.164  0.949   -5.957  1.00 20.27 ? 49  GLN A CB    1 
ATOM   407  C CG    . GLN A 1 50  ? 14.205  0.293   -6.841  1.00 29.70 ? 49  GLN A CG    1 
ATOM   408  C CD    . GLN A 1 50  ? 15.321  1.257   -7.198  1.00 30.42 ? 49  GLN A CD    1 
ATOM   409  O OE1   . GLN A 1 50  ? 15.213  2.461   -6.963  1.00 20.95 ? 49  GLN A OE1   1 
ATOM   410  N NE2   . GLN A 1 50  ? 16.401  0.734   -7.761  1.00 36.63 ? 49  GLN A NE2   1 
ATOM   411  N N     . ASN A 1 51  ? 12.162  -0.541  -3.331  1.00 16.98 ? 50  ASN A N     1 
ATOM   412  C CA    . ASN A 1 51  ? 12.417  -1.487  -2.250  1.00 22.26 ? 50  ASN A CA    1 
ATOM   413  C C     . ASN A 1 51  ? 11.291  -2.506  -2.125  1.00 20.29 ? 50  ASN A C     1 
ATOM   414  O O     . ASN A 1 51  ? 11.541  -3.714  -2.030  1.00 17.68 ? 50  ASN A O     1 
ATOM   415  C CB    . ASN A 1 51  ? 12.598  -0.737  -0.932  1.00 27.72 ? 50  ASN A CB    1 
ATOM   416  C CG    . ASN A 1 51  ? 14.047  -0.443  -0.618  1.00 18.86 ? 50  ASN A CG    1 
ATOM   417  O OD1   . ASN A 1 51  ? 14.710  -1.208  0.081   1.00 18.85 ? 50  ASN A OD1   1 
ATOM   418  N ND2   . ASN A 1 51  ? 14.545  0.677   -1.124  1.00 21.95 ? 50  ASN A ND2   1 
ATOM   419  N N     . VAL A 1 52  ? 10.042  -2.036  -2.110  1.00 17.07 ? 51  VAL A N     1 
ATOM   420  C CA    . VAL A 1 52  ? 8.912   -2.942  -1.932  1.00 16.85 ? 51  VAL A CA    1 
ATOM   421  C C     . VAL A 1 52  ? 8.769   -3.863  -3.137  1.00 12.73 ? 51  VAL A C     1 
ATOM   422  O O     . VAL A 1 52  ? 8.428   -5.044  -2.996  1.00 12.35 ? 51  VAL A O     1 
ATOM   423  C CB    . VAL A 1 52  ? 7.627   -2.139  -1.665  1.00 14.09 ? 51  VAL A CB    1 
ATOM   424  C CG1   . VAL A 1 52  ? 6.440   -3.072  -1.472  1.00 13.31 ? 51  VAL A CG1   1 
ATOM   425  C CG2   . VAL A 1 52  ? 7.812   -1.251  -0.447  1.00 17.59 ? 51  VAL A CG2   1 
ATOM   426  N N     . ALA A 1 53  ? 9.034   -3.346  -4.339  1.00 14.68 ? 52  ALA A N     1 
ATOM   427  C CA    . ALA A 1 53  ? 8.994   -4.192  -5.527  1.00 15.94 ? 52  ALA A CA    1 
ATOM   428  C C     . ALA A 1 53  ? 10.080  -5.259  -5.493  1.00 11.25 ? 52  ALA A C     1 
ATOM   429  O O     . ALA A 1 53  ? 9.910   -6.332  -6.081  1.00 15.80 ? 52  ALA A O     1 
ATOM   430  C CB    . ALA A 1 53  ? 9.123   -3.340  -6.790  1.00 9.39  ? 52  ALA A CB    1 
ATOM   431  N N     . ALA A 1 54  ? 11.195  -4.988  -4.810  1.00 13.17 ? 53  ALA A N     1 
ATOM   432  C CA    . ALA A 1 54  ? 12.258  -5.979  -4.691  1.00 10.08 ? 53  ALA A CA    1 
ATOM   433  C C     . ALA A 1 54  ? 11.843  -7.171  -3.840  1.00 12.42 ? 53  ALA A C     1 
ATOM   434  O O     . ALA A 1 54  ? 12.438  -8.246  -3.970  1.00 16.06 ? 53  ALA A O     1 
ATOM   435  C CB    . ALA A 1 54  ? 13.515  -5.335  -4.106  1.00 7.78  ? 53  ALA A CB    1 
ATOM   436  N N     . VAL A 1 55  ? 10.841  -7.005  -2.973  1.00 12.28 ? 54  VAL A N     1 
ATOM   437  C CA    . VAL A 1 55  ? 10.348  -8.128  -2.184  1.00 8.50  ? 54  VAL A CA    1 
ATOM   438  C C     . VAL A 1 55  ? 9.712   -9.177  -3.086  1.00 11.62 ? 54  VAL A C     1 
ATOM   439  O O     . VAL A 1 55  ? 9.727   -10.373 -2.768  1.00 9.78  ? 54  VAL A O     1 
ATOM   440  C CB    . VAL A 1 55  ? 9.364   -7.628  -1.109  1.00 9.79  ? 54  VAL A CB    1 
ATOM   441  C CG1   . VAL A 1 55  ? 8.903   -8.775  -0.224  1.00 9.99  ? 54  VAL A CG1   1 
ATOM   442  C CG2   . VAL A 1 55  ? 10.006  -6.531  -0.274  1.00 10.27 ? 54  VAL A CG2   1 
ATOM   443  N N     . CYS A 1 56  ? 9.166   -8.756  -4.231  1.00 18.57 ? 55  CYS A N     1 
ATOM   444  C CA    . CYS A 1 56  ? 8.521   -9.683  -5.155  1.00 12.49 ? 55  CYS A CA    1 
ATOM   445  C C     . CYS A 1 56  ? 9.456   -10.783 -5.638  1.00 12.56 ? 55  CYS A C     1 
ATOM   446  O O     . CYS A 1 56  ? 8.980   -11.837 -6.070  1.00 13.47 ? 55  CYS A O     1 
ATOM   447  C CB    . CYS A 1 56  ? 7.972   -8.921  -6.362  1.00 12.75 ? 55  CYS A CB    1 
ATOM   448  S SG    . CYS A 1 56  ? 6.664   -7.742  -5.983  1.00 10.67 ? 55  CYS A SG    1 
ATOM   449  N N     . ASP A 1 57  ? 10.768  -10.566 -5.586  1.00 15.11 ? 56  ASP A N     1 
ATOM   450  C CA    . ASP A 1 57  ? 11.723  -11.548 -6.080  1.00 16.89 ? 56  ASP A CA    1 
ATOM   451  C C     . ASP A 1 57  ? 12.216  -12.499 -5.002  1.00 13.42 ? 56  ASP A C     1 
ATOM   452  O O     . ASP A 1 57  ? 12.948  -13.444 -5.319  1.00 18.48 ? 56  ASP A O     1 
ATOM   453  C CB    . ASP A 1 57  ? 12.915  -10.840 -6.729  1.00 18.05 ? 56  ASP A CB    1 
ATOM   454  C CG    . ASP A 1 57  ? 12.528  -10.102 -7.993  1.00 27.30 ? 56  ASP A CG    1 
ATOM   455  O OD1   . ASP A 1 57  ? 12.894  -8.916  -8.127  1.00 28.66 ? 56  ASP A OD1   1 
ATOM   456  O OD2   . ASP A 1 57  ? 11.851  -10.710 -8.850  1.00 24.08 ? 56  ASP A OD2   1 
ATOM   457  N N     . LEU A 1 58  ? 11.840  -12.276 -3.747  1.00 14.52 ? 57  LEU A N     1 
ATOM   458  C CA    . LEU A 1 58  ? 12.141  -13.224 -2.689  1.00 11.51 ? 57  LEU A CA    1 
ATOM   459  C C     . LEU A 1 58  ? 11.175  -14.406 -2.774  1.00 11.76 ? 57  LEU A C     1 
ATOM   460  O O     . LEU A 1 58  ? 10.288  -14.457 -3.631  1.00 14.59 ? 57  LEU A O     1 
ATOM   461  C CB    . LEU A 1 58  ? 12.086  -12.530 -1.328  1.00 9.39  ? 57  LEU A CB    1 
ATOM   462  C CG    . LEU A 1 58  ? 12.905  -11.242 -1.222  1.00 8.82  ? 57  LEU A CG    1 
ATOM   463  C CD1   . LEU A 1 58  ? 12.444  -10.387 -0.033  1.00 9.01  ? 57  LEU A CD1   1 
ATOM   464  C CD2   . LEU A 1 58  ? 14.415  -11.539 -1.173  1.00 3.81  ? 57  LEU A CD2   1 
ATOM   465  N N     . LEU A 1 59  ? 11.351  -15.373 -1.872  1.00 14.40 ? 58  LEU A N     1 
ATOM   466  C CA    . LEU A 1 59  ? 10.602  -16.623 -1.943  1.00 15.21 ? 58  LEU A CA    1 
ATOM   467  C C     . LEU A 1 59  ? 9.098   -16.369 -1.937  1.00 12.42 ? 58  LEU A C     1 
ATOM   468  O O     . LEU A 1 59  ? 8.586   -15.563 -1.156  1.00 13.20 ? 58  LEU A O     1 
ATOM   469  C CB    . LEU A 1 59  ? 10.980  -17.542 -0.779  1.00 10.31 ? 58  LEU A CB    1 
ATOM   470  C CG    . LEU A 1 59  ? 12.413  -18.076 -0.720  0.19 15.67 ? 58  LEU A CG    1 
ATOM   471  C CD1   . LEU A 1 59  ? 12.629  -18.841 0.575   0.79 16.21 ? 58  LEU A CD1   1 
ATOM   472  C CD2   . LEU A 1 59  ? 12.703  -18.969 -1.915  1.00 19.06 ? 58  LEU A CD2   1 
ATOM   473  N N     . SER A 1 60  ? 8.395   -17.061 -2.828  1.00 17.54 ? 59  SER A N     1 
ATOM   474  C CA    . SER A 1 60  ? 6.950   -16.927 -2.926  1.00 19.62 ? 59  SER A CA    1 
ATOM   475  C C     . SER A 1 60  ? 6.277   -17.790 -1.866  1.00 19.84 ? 59  SER A C     1 
ATOM   476  O O     . SER A 1 60  ? 6.655   -18.946 -1.657  1.00 22.00 ? 59  SER A O     1 
ATOM   477  C CB    . SER A 1 60  ? 6.474   -17.333 -4.321  1.00 16.31 ? 59  SER A CB    1 
ATOM   478  O OG    . SER A 1 60  ? 7.175   -16.643 -5.340  1.00 25.47 ? 59  SER A OG    1 
ATOM   479  N N     . ILE A 1 61  ? 5.278   -17.222 -1.190  1.00 13.59 ? 60  ILE A N     1 
ATOM   480  C CA    . ILE A 1 61  ? 4.585   -17.887 -0.099  1.00 14.46 ? 60  ILE A CA    1 
ATOM   481  C C     . ILE A 1 61  ? 3.079   -17.731 -0.298  1.00 20.66 ? 60  ILE A C     1 
ATOM   482  O O     . ILE A 1 61  ? 2.617   -17.058 -1.219  1.00 19.91 ? 60  ILE A O     1 
ATOM   483  C CB    . ILE A 1 61  ? 5.013   -17.348 1.282   1.00 13.39 ? 60  ILE A CB    1 
ATOM   484  C CG1   . ILE A 1 61  ? 4.706   -15.854 1.394   1.00 17.58 ? 60  ILE A CG1   1 
ATOM   485  C CG2   . ILE A 1 61  ? 6.490   -17.616 1.524   1.00 16.80 ? 60  ILE A CG2   1 
ATOM   486  C CD1   . ILE A 1 61  ? 5.076   -15.255 2.735   1.00 12.61 ? 60  ILE A CD1   1 
ATOM   487  N N     . VAL A 1 62  ? 2.319   -18.366 0.591   1.00 13.56 ? 61  VAL A N     1 
ATOM   488  C CA    . VAL A 1 62  ? 0.863   -18.387 0.505   1.00 14.75 ? 61  VAL A CA    1 
ATOM   489  C C     . VAL A 1 62  ? 0.299   -17.060 0.999   1.00 16.95 ? 61  VAL A C     1 
ATOM   490  O O     . VAL A 1 62  ? 0.895   -16.375 1.838   1.00 13.73 ? 61  VAL A O     1 
ATOM   491  C CB    . VAL A 1 62  ? 0.302   -19.578 1.309   1.00 19.12 ? 61  VAL A CB    1 
ATOM   492  C CG1   . VAL A 1 62  ? 0.542   -19.375 2.799   1.00 15.55 ? 61  VAL A CG1   1 
ATOM   493  C CG2   . VAL A 1 62  ? -1.178  -19.795 1.018   1.00 15.28 ? 61  VAL A CG2   1 
ATOM   494  N N     . CYS A 1 63  ? -0.863  -16.691 0.466   1.00 13.03 ? 62  CYS A N     1 
ATOM   495  C CA    . CYS A 1 63  ? -1.566  -15.483 0.861   1.00 14.26 ? 62  CYS A CA    1 
ATOM   496  C C     . CYS A 1 63  ? -2.729  -15.830 1.787   1.00 13.49 ? 62  CYS A C     1 
ATOM   497  O O     . CYS A 1 63  ? -2.974  -16.993 2.117   1.00 14.44 ? 62  CYS A O     1 
ATOM   498  C CB    . CYS A 1 63  ? -2.071  -14.731 -0.372  1.00 17.50 ? 62  CYS A CB    1 
ATOM   499  S SG    . CYS A 1 63  ? -0.842  -14.398 -1.651  1.00 17.62 ? 62  CYS A SG    1 
ATOM   500  N N     . LYS A 1 64  ? -3.459  -14.795 2.211   1.00 15.47 ? 63  LYS A N     1 
ATOM   501  C CA    . LYS A 1 64  ? -4.688  -15.014 2.966   1.00 16.72 ? 63  LYS A CA    1 
ATOM   502  C C     . LYS A 1 64  ? -5.727  -15.745 2.125   1.00 18.67 ? 63  LYS A C     1 
ATOM   503  O O     . LYS A 1 64  ? -6.431  -16.630 2.624   1.00 23.88 ? 63  LYS A O     1 
ATOM   504  C CB    . LYS A 1 64  ? -5.256  -13.680 3.457   1.00 17.87 ? 63  LYS A CB    1 
ATOM   505  C CG    . LYS A 1 64  ? -4.601  -13.109 4.704   1.00 12.75 ? 63  LYS A CG    1 
ATOM   506  C CD    . LYS A 1 64  ? -5.195  -11.742 5.026   1.00 16.87 ? 63  LYS A CD    1 
ATOM   507  C CE    . LYS A 1 64  ? -4.959  -11.340 6.474   1.00 24.03 ? 63  LYS A CE    1 
ATOM   508  N NZ    . LYS A 1 64  ? -3.516  -11.185 6.795   1.00 18.48 ? 63  LYS A NZ    1 
ATOM   509  N N     . ASN A 1 65  ? -5.839  -15.383 0.846   1.00 20.34 ? 64  ASN A N     1 
ATOM   510  C CA    . ASN A 1 65  ? -6.822  -15.967 -0.055  1.00 19.28 ? 64  ASN A CA    1 
ATOM   511  C C     . ASN A 1 65  ? -6.338  -17.262 -0.696  1.00 22.33 ? 64  ASN A C     1 
ATOM   512  O O     . ASN A 1 65  ? -6.885  -17.676 -1.726  1.00 18.86 ? 64  ASN A O     1 
ATOM   513  C CB    . ASN A 1 65  ? -7.210  -14.958 -1.140  1.00 17.25 ? 64  ASN A CB    1 
ATOM   514  C CG    . ASN A 1 65  ? -6.111  -14.745 -2.165  1.00 17.73 ? 64  ASN A CG    1 
ATOM   515  O OD1   . ASN A 1 65  ? -4.927  -14.930 -1.877  1.00 16.24 ? 64  ASN A OD1   1 
ATOM   516  N ND2   . ASN A 1 65  ? -6.499  -14.350 -3.371  1.00 14.29 ? 64  ASN A ND2   1 
ATOM   517  N N     . ARG A 1 66  ? -5.316  -17.896 -0.122  1.00 19.20 ? 65  ARG A N     1 
ATOM   518  C CA    . ARG A 1 66  ? -4.748  -19.170 -0.550  1.00 17.88 ? 65  ARG A CA    1 
ATOM   519  C C     . ARG A 1 66  ? -4.201  -19.096 -1.967  1.00 16.29 ? 65  ARG A C     1 
ATOM   520  O O     . ARG A 1 66  ? -3.984  -20.147 -2.583  1.00 18.27 ? 65  ARG A O     1 
ATOM   521  C CB    . ARG A 1 66  ? -5.797  -20.287 -0.598  1.00 19.27 ? 65  ARG A CB    1 
ATOM   522  C CG    . ARG A 1 66  ? -6.496  -20.487 0.722   1.00 14.77 ? 65  ARG A CG    1 
ATOM   523  C CD    . ARG A 1 66  ? -5.478  -20.744 1.810   1.00 19.38 ? 65  ARG A CD    1 
ATOM   524  N NE    . ARG A 1 66  ? -6.062  -20.615 3.137   1.00 29.29 ? 65  ARG A NE    1 
ATOM   525  C CZ    . ARG A 1 66  ? -5.427  -20.927 4.261   1.00 35.54 ? 65  ARG A CZ    1 
ATOM   526  N NH1   . ARG A 1 66  ? -4.185  -21.392 4.216   1.00 32.87 ? 65  ARG A NH1   1 
ATOM   527  N NH2   . ARG A 1 66  ? -6.036  -20.782 5.428   1.00 32.51 ? 65  ARG A NH2   1 
ATOM   528  N N     . ARG A 1 67  ? -3.973  -17.905 -2.512  1.00 16.29 ? 66  ARG A N     1 
ATOM   529  C CA    . ARG A 1 67  ? -3.204  -17.801 -3.740  1.00 13.44 ? 66  ARG A CA    1 
ATOM   530  C C     . ARG A 1 67  ? -1.734  -17.861 -3.337  1.00 19.52 ? 66  ARG A C     1 
ATOM   531  O O     . ARG A 1 67  ? -1.371  -17.678 -2.171  1.00 18.16 ? 66  ARG A O     1 
ATOM   532  C CB    . ARG A 1 67  ? -3.503  -16.494 -4.469  1.00 14.57 ? 66  ARG A CB    1 
ATOM   533  C CG    . ARG A 1 67  ? -4.652  -16.600 -5.454  1.00 14.46 ? 66  ARG A CG    1 
ATOM   534  C CD    . ARG A 1 67  ? -4.573  -15.512 -6.500  1.00 19.85 ? 66  ARG A CD    1 
ATOM   535  N NE    . ARG A 1 67  ? -3.354  -15.620 -7.295  1.00 18.28 ? 66  ARG A NE    1 
ATOM   536  C CZ    . ARG A 1 67  ? -2.978  -14.729 -8.205  1.00 15.09 ? 66  ARG A CZ    1 
ATOM   537  N NH1   . ARG A 1 67  ? -3.729  -13.660 -8.437  1.00 20.75 ? 66  ARG A NH1   1 
ATOM   538  N NH2   . ARG A 1 67  ? -1.853  -14.905 -8.884  1.00 10.20 ? 66  ARG A NH2   1 
ATOM   539  N N     . HIS A 1 68  ? -0.827  -18.169 -4.241  1.00 25.40 ? 67  HIS A N     1 
ATOM   540  C CA    . HIS A 1 68  ? 0.598   -18.328 -3.887  1.00 15.56 ? 67  HIS A CA    1 
ATOM   541  C C     . HIS A 1 68  ? 1.608   -17.400 -4.472  1.00 24.75 ? 67  HIS A C     1 
ATOM   542  O O     . HIS A 1 68  ? 2.728   -17.730 -4.738  1.00 36.43 ? 67  HIS A O     1 
ATOM   543  C CB    . HIS A 1 68  ? 1.050   -19.716 -4.176  1.00 23.17 ? 67  HIS A CB    1 
ATOM   544  C CG    . HIS A 1 68  ? 0.842   -20.634 -3.059  1.00 31.72 ? 67  HIS A CG    1 
ATOM   545  N ND1   . HIS A 1 68  ? -0.262  -21.434 -2.958  1.00 32.56 ? 67  HIS A ND1   1 
ATOM   546  C CD2   . HIS A 1 68  ? 1.573   -20.851 -1.965  1.00 24.24 ? 67  HIS A CD2   1 
ATOM   547  C CE1   . HIS A 1 68  ? -0.204  -22.103 -1.840  1.00 37.62 ? 67  HIS A CE1   1 
ATOM   548  N NE2   . HIS A 1 68  ? 0.900   -21.768 -1.217  1.00 33.44 ? 67  HIS A NE2   1 
ATOM   549  N N     . ASN A 1 69  ? 1.209   -16.188 -4.645  1.00 17.14 ? 68  ASN A N     1 
ATOM   550  C CA    . ASN A 1 69  ? 2.047   -15.167 -5.255  1.00 17.83 ? 68  ASN A CA    1 
ATOM   551  C C     . ASN A 1 69  ? 2.402   -14.081 -4.246  1.00 18.19 ? 68  ASN A C     1 
ATOM   552  O O     . ASN A 1 69  ? 2.600   -12.920 -4.615  1.00 13.25 ? 68  ASN A O     1 
ATOM   553  C CB    . ASN A 1 69  ? 1.366   -14.563 -6.481  1.00 14.11 ? 68  ASN A CB    1 
ATOM   554  C CG    . ASN A 1 69  ? 0.109   -13.802 -6.130  1.00 16.40 ? 68  ASN A CG    1 
ATOM   555  O OD1   . ASN A 1 69  ? -0.655  -14.205 -5.252  1.00 18.61 ? 68  ASN A OD1   1 
ATOM   556  N ND2   . ASN A 1 69  ? -0.106  -12.684 -6.808  1.00 11.67 ? 68  ASN A ND2   1 
ATOM   557  N N     . CYS A 1 70  ? 2.481   -14.440 -2.969  1.00 13.25 ? 69  CYS A N     1 
ATOM   558  C CA    . CYS A 1 70  ? 2.825   -13.495 -1.918  1.00 13.65 ? 69  CYS A CA    1 
ATOM   559  C C     . CYS A 1 70  ? 4.293   -13.631 -1.537  1.00 13.43 ? 69  CYS A C     1 
ATOM   560  O O     . CYS A 1 70  ? 4.899   -14.695 -1.682  1.00 14.31 ? 69  CYS A O     1 
ATOM   561  C CB    . CYS A 1 70  ? 1.941   -13.693 -0.685  1.00 17.13 ? 69  CYS A CB    1 
ATOM   562  S SG    . CYS A 1 70  ? 0.313   -12.930 -0.858  1.00 12.76 ? 69  CYS A SG    1 
ATOM   563  N N     . HIS A 1 71  ? 4.864   -12.527 -1.056  1.00 13.43 ? 70  HIS A N     1 
ATOM   564  C CA    . HIS A 1 71  ? 6.269   -12.460 -0.690  1.00 11.46 ? 70  HIS A CA    1 
ATOM   565  C C     . HIS A 1 71  ? 6.417   -11.600 0.555   1.00 11.97 ? 70  HIS A C     1 
ATOM   566  O O     . HIS A 1 71  ? 5.782   -10.548 0.668   1.00 12.89 ? 70  HIS A O     1 
ATOM   567  C CB    . HIS A 1 71  ? 7.117   -11.879 -1.825  1.00 8.54  ? 70  HIS A CB    1 
ATOM   568  C CG    . HIS A 1 71  ? 6.809   -12.465 -3.167  1.00 10.43 ? 70  HIS A CG    1 
ATOM   569  N ND1   . HIS A 1 71  ? 7.568   -13.464 -3.735  1.00 14.91 ? 70  HIS A ND1   1 
ATOM   570  C CD2   . HIS A 1 71  ? 5.818   -12.195 -4.050  1.00 11.03 ? 70  HIS A CD2   1 
ATOM   571  C CE1   . HIS A 1 71  ? 7.060   -13.782 -4.913  1.00 16.05 ? 70  HIS A CE1   1 
ATOM   572  N NE2   . HIS A 1 71  ? 5.998   -13.028 -5.127  1.00 16.26 ? 70  HIS A NE2   1 
ATOM   573  N N     . GLN A 1 72  ? 7.263   -12.045 1.477   1.00 9.54  ? 71  GLN A N     1 
ATOM   574  C CA    . GLN A 1 72  ? 7.459   -11.367 2.750   1.00 13.62 ? 71  GLN A CA    1 
ATOM   575  C C     . GLN A 1 72  ? 8.775   -10.603 2.745   1.00 11.28 ? 71  GLN A C     1 
ATOM   576  O O     . GLN A 1 72  ? 9.806   -11.124 2.310   1.00 14.81 ? 71  GLN A O     1 
ATOM   577  C CB    . GLN A 1 72  ? 7.446   -12.370 3.904   1.00 15.33 ? 71  GLN A CB    1 
ATOM   578  C CG    . GLN A 1 72  ? 8.010   -11.838 5.210   1.00 15.10 ? 71  GLN A CG    1 
ATOM   579  C CD    . GLN A 1 72  ? 8.379   -12.941 6.166   1.00 17.39 ? 71  GLN A CD    1 
ATOM   580  O OE1   . GLN A 1 72  ? 7.534   -13.740 6.578   1.00 24.92 ? 71  GLN A OE1   1 
ATOM   581  N NE2   . GLN A 1 72  ? 9.656   -13.011 6.522   1.00 17.86 ? 71  GLN A NE2   1 
ATOM   582  N N     . SER A 1 73  ? 8.732   -9.364  3.232   1.00 15.00 ? 72  SER A N     1 
ATOM   583  C CA    . SER A 1 73  ? 9.942   -8.559  3.322   1.00 16.04 ? 72  SER A CA    1 
ATOM   584  C C     . SER A 1 73  ? 10.957  -9.229  4.239   1.00 16.44 ? 72  SER A C     1 
ATOM   585  O O     . SER A 1 73  ? 10.600  -9.849  5.243   1.00 15.04 ? 72  SER A O     1 
ATOM   586  C CB    . SER A 1 73  ? 9.608   -7.158  3.836   1.00 8.18  ? 72  SER A CB    1 
ATOM   587  O OG    . SER A 1 73  ? 9.159   -7.201  5.178   1.00 12.01 ? 72  SER A OG    1 
ATOM   588  N N     . SER A 1 74  ? 12.234  -9.101  3.882   1.00 15.83 ? 73  SER A N     1 
ATOM   589  C CA    . SER A 1 74  ? 13.312  -9.733  4.629   1.00 21.16 ? 73  SER A CA    1 
ATOM   590  C C     . SER A 1 74  ? 13.701  -8.968  5.888   1.00 17.50 ? 73  SER A C     1 
ATOM   591  O O     . SER A 1 74  ? 14.578  -9.430  6.625   1.00 21.48 ? 73  SER A O     1 
ATOM   592  C CB    . SER A 1 74  ? 14.543  -9.893  3.732   1.00 12.04 ? 73  SER A CB    1 
ATOM   593  O OG    . SER A 1 74  ? 15.040  -8.631  3.325   1.00 16.84 ? 73  SER A OG    1 
ATOM   594  N N     . LYS A 1 75  ? 13.070  -7.822  6.156   1.00 16.74 ? 74  LYS A N     1 
ATOM   595  C CA    . LYS A 1 75  ? 13.467  -6.953  7.254   1.00 19.21 ? 74  LYS A CA    1 
ATOM   596  C C     . LYS A 1 75  ? 12.265  -6.119  7.655   1.00 22.38 ? 74  LYS A C     1 
ATOM   597  O O     . LYS A 1 75  ? 11.462  -5.765  6.780   1.00 21.94 ? 74  LYS A O     1 
ATOM   598  C CB    . LYS A 1 75  ? 14.636  -6.051  6.833   1.00 18.53 ? 74  LYS A CB    1 
ATOM   599  N N     . PRO A 1 76  ? 12.084  -5.809  8.941   1.00 18.21 ? 75  PRO A N     1 
ATOM   600  C CA    . PRO A 1 76  ? 11.001  -4.900  9.326   1.00 17.08 ? 75  PRO A CA    1 
ATOM   601  C C     . PRO A 1 76  ? 11.156  -3.538  8.664   1.00 20.93 ? 75  PRO A C     1 
ATOM   602  O O     . PRO A 1 76  ? 12.242  -3.138  8.238   1.00 20.14 ? 75  PRO A O     1 
ATOM   603  C CB    . PRO A 1 76  ? 11.145  -4.797  10.850  1.00 16.31 ? 75  PRO A CB    1 
ATOM   604  C CG    . PRO A 1 76  ? 11.831  -6.051  11.248  1.00 16.79 ? 75  PRO A CG    1 
ATOM   605  C CD    . PRO A 1 76  ? 12.754  -6.395  10.115  1.00 17.02 ? 75  PRO A CD    1 
ATOM   606  N N     . VAL A 1 77  ? 10.041  -2.818  8.586   1.00 14.12 ? 76  VAL A N     1 
ATOM   607  C CA    . VAL A 1 77  ? 9.985   -1.529  7.911   1.00 14.97 ? 76  VAL A CA    1 
ATOM   608  C C     . VAL A 1 77  ? 9.091   -0.598  8.720   1.00 15.13 ? 76  VAL A C     1 
ATOM   609  O O     . VAL A 1 77  ? 8.174   -1.040  9.420   1.00 12.92 ? 76  VAL A O     1 
ATOM   610  C CB    . VAL A 1 77  ? 9.468   -1.677  6.460   1.00 20.41 ? 76  VAL A CB    1 
ATOM   611  C CG1   . VAL A 1 77  ? 8.038   -2.164  6.468   1.00 17.78 ? 76  VAL A CG1   1 
ATOM   612  C CG2   . VAL A 1 77  ? 9.596   -0.370  5.685   1.00 14.27 ? 76  VAL A CG2   1 
ATOM   613  N N     . ASN A 1 78  ? 9.376   0.698   8.634   1.00 15.22 ? 77  ASN A N     1 
ATOM   614  C CA    . ASN A 1 78  ? 8.561   1.689   9.322   1.00 11.30 ? 77  ASN A CA    1 
ATOM   615  C C     . ASN A 1 78  ? 7.217   1.857   8.626   1.00 12.61 ? 77  ASN A C     1 
ATOM   616  O O     . ASN A 1 78  ? 7.126   1.845   7.396   1.00 13.50 ? 77  ASN A O     1 
ATOM   617  C CB    . ASN A 1 78  ? 9.291   3.028   9.384   1.00 7.63  ? 77  ASN A CB    1 
ATOM   618  C CG    . ASN A 1 78  ? 10.354  3.059   10.459  1.00 9.98  ? 77  ASN A CG    1 
ATOM   619  O OD1   . ASN A 1 78  ? 11.533  3.264   10.177  1.00 20.34 ? 77  ASN A OD1   1 
ATOM   620  N ND2   . ASN A 1 78  ? 9.940   2.855   11.704  1.00 13.20 ? 77  ASN A ND2   1 
ATOM   621  N N     . MET A 1 79  ? 6.166   2.010   9.429   1.00 12.56 ? 78  MET A N     1 
ATOM   622  C CA    . MET A 1 79  ? 4.812   2.184   8.927   1.00 12.81 ? 78  MET A CA    1 
ATOM   623  C C     . MET A 1 79  ? 4.059   3.142   9.836   1.00 14.88 ? 78  MET A C     1 
ATOM   624  O O     . MET A 1 79  ? 4.380   3.281   11.018  1.00 12.47 ? 78  MET A O     1 
ATOM   625  C CB    . MET A 1 79  ? 4.047   0.853   8.861   1.00 12.25 ? 78  MET A CB    1 
ATOM   626  C CG    . MET A 1 79  ? 4.655   -0.202  7.958   1.00 12.06 ? 78  MET A CG    1 
ATOM   627  S SD    . MET A 1 79  ? 3.970   -1.843  8.267   1.00 13.44 ? 78  MET A SD    1 
ATOM   628  C CE    . MET A 1 79  ? 2.699   -1.478  9.473   1.00 7.74  ? 78  MET A CE    1 
ATOM   629  N N     . THR A 1 80  ? 3.050   3.800   9.271   1.00 12.26 ? 79  THR A N     1 
ATOM   630  C CA    . THR A 1 80  ? 2.086   4.577   10.041  1.00 12.73 ? 79  THR A CA    1 
ATOM   631  C C     . THR A 1 80  ? 0.687   4.114   9.663   1.00 16.53 ? 79  THR A C     1 
ATOM   632  O O     . THR A 1 80  ? 0.362   4.024   8.475   1.00 12.70 ? 79  THR A O     1 
ATOM   633  C CB    . THR A 1 80  ? 2.235   6.083   9.792   1.00 13.75 ? 79  THR A CB    1 
ATOM   634  O OG1   . THR A 1 80  ? 2.527   6.320   8.409   1.00 19.61 ? 79  THR A OG1   1 
ATOM   635  C CG2   . THR A 1 80  ? 3.344   6.665   10.660  1.00 19.60 ? 79  THR A CG2   1 
ATOM   636  N N     . ASP A 1 81  ? -0.128  3.816   10.674  1.00 13.36 ? 80  ASP A N     1 
ATOM   637  C CA    . ASP A 1 81  ? -1.480  3.298   10.489  1.00 10.32 ? 80  ASP A CA    1 
ATOM   638  C C     . ASP A 1 81  ? -2.462  4.438   10.741  1.00 10.23 ? 80  ASP A C     1 
ATOM   639  O O     . ASP A 1 81  ? -2.553  4.955   11.860  1.00 16.56 ? 80  ASP A O     1 
ATOM   640  C CB    . ASP A 1 81  ? -1.727  2.116   11.430  1.00 8.53  ? 80  ASP A CB    1 
ATOM   641  C CG    . ASP A 1 81  ? -3.161  1.581   11.368  1.00 14.78 ? 80  ASP A CG    1 
ATOM   642  O OD1   . ASP A 1 81  ? -3.468  0.616   12.090  1.00 20.39 ? 80  ASP A OD1   1 
ATOM   643  O OD2   . ASP A 1 81  ? -3.997  2.105   10.610  1.00 18.77 ? 80  ASP A OD2   1 
ATOM   644  N N     . CYS A 1 82  ? -3.187  4.834   9.699   1.00 11.99 ? 81  CYS A N     1 
ATOM   645  C CA    . CYS A 1 82  ? -4.185  5.889   9.801   1.00 14.58 ? 81  CYS A CA    1 
ATOM   646  C C     . CYS A 1 82  ? -5.547  5.294   10.134  1.00 13.40 ? 81  CYS A C     1 
ATOM   647  O O     . CYS A 1 82  ? -5.946  4.270   9.573   1.00 13.94 ? 81  CYS A O     1 
ATOM   648  C CB    . CYS A 1 82  ? -4.255  6.682   8.496   1.00 12.28 ? 81  CYS A CB    1 
ATOM   649  S SG    . CYS A 1 82  ? -2.684  7.441   8.011   1.00 7.94  ? 81  CYS A SG    1 
ATOM   650  N N     . ARG A 1 83  ? -6.261  5.947   11.052  1.00 16.23 ? 82  ARG A N     1 
ATOM   651  C CA    . ARG A 1 83  ? -7.531  5.447   11.566  1.00 14.74 ? 82  ARG A CA    1 
ATOM   652  C C     . ARG A 1 83  ? -8.574  6.551   11.521  1.00 14.46 ? 82  ARG A C     1 
ATOM   653  O O     . ARG A 1 83  ? -8.396  7.600   12.148  1.00 13.81 ? 82  ARG A O     1 
ATOM   654  C CB    . ARG A 1 83  ? -7.380  4.932   12.997  1.00 14.56 ? 82  ARG A CB    1 
ATOM   655  C CG    . ARG A 1 83  ? -6.542  3.688   13.105  1.00 23.51 ? 82  ARG A CG    1 
ATOM   656  C CD    . ARG A 1 83  ? -7.141  2.569   12.280  1.00 29.28 ? 82  ARG A CD    1 
ATOM   657  N NE    . ARG A 1 83  ? -6.420  1.324   12.501  1.00 33.94 ? 82  ARG A NE    1 
ATOM   658  C CZ    . ARG A 1 83  ? -6.619  0.533   13.548  1.00 31.79 ? 82  ARG A CZ    1 
ATOM   659  N NH1   . ARG A 1 83  ? -7.520  0.858   14.463  1.00 31.26 ? 82  ARG A NH1   1 
ATOM   660  N NH2   . ARG A 1 83  ? -5.916  -0.579  13.682  1.00 28.09 ? 82  ARG A NH2   1 
ATOM   661  N N     . LEU A 1 84  ? -9.668  6.303   10.802  1.00 17.58 ? 83  LEU A N     1 
ATOM   662  C CA    . LEU A 1 84  ? -10.774 7.249   10.726  1.00 14.84 ? 83  LEU A CA    1 
ATOM   663  C C     . LEU A 1 84  ? -11.384 7.476   12.103  1.00 13.86 ? 83  LEU A C     1 
ATOM   664  O O     . LEU A 1 84  ? -12.023 6.578   12.660  1.00 21.13 ? 83  LEU A O     1 
ATOM   665  C CB    . LEU A 1 84  ? -11.839 6.742   9.751   1.00 12.36 ? 83  LEU A CB    1 
ATOM   666  C CG    . LEU A 1 84  ? -12.954 7.720   9.381   1.00 16.15 ? 83  LEU A CG    1 
ATOM   667  C CD1   . LEU A 1 84  ? -12.398 8.875   8.562   1.00 20.23 ? 83  LEU A CD1   1 
ATOM   668  C CD2   . LEU A 1 84  ? -14.067 7.004   8.631   1.00 12.22 ? 83  LEU A CD2   1 
ATOM   669  N N     . THR A 1 85  ? -11.193 8.669   12.663  1.00 17.02 ? 84  THR A N     1 
ATOM   670  C CA    . THR A 1 85  ? -11.700 8.982   13.993  1.00 15.52 ? 84  THR A CA    1 
ATOM   671  C C     . THR A 1 85  ? -13.023 9.731   13.974  1.00 17.25 ? 84  THR A C     1 
ATOM   672  O O     . THR A 1 85  ? -13.845 9.532   14.875  1.00 17.62 ? 84  THR A O     1 
ATOM   673  C CB    . THR A 1 85  ? -10.673 9.807   14.779  1.00 16.13 ? 84  THR A CB    1 
ATOM   674  O OG1   . THR A 1 85  ? -10.357 11.005  14.057  1.00 17.27 ? 84  THR A OG1   1 
ATOM   675  C CG2   . THR A 1 85  ? -9.401  9.002   15.002  1.00 16.43 ? 84  THR A CG2   1 
ATOM   676  N N     . SER A 1 86  ? -13.253 10.579  12.977  1.00 25.64 ? 85  SER A N     1 
ATOM   677  C CA    . SER A 1 86  ? -14.465 11.389  12.922  1.00 28.43 ? 85  SER A CA    1 
ATOM   678  C C     . SER A 1 86  ? -14.639 11.907  11.499  1.00 27.03 ? 85  SER A C     1 
ATOM   679  O O     . SER A 1 86  ? -13.886 11.545  10.589  1.00 24.09 ? 85  SER A O     1 
ATOM   680  C CB    . SER A 1 86  ? -14.402 12.539  13.932  1.00 29.77 ? 85  SER A CB    1 
ATOM   681  O OG    . SER A 1 86  ? -13.293 13.385  13.676  1.00 27.86 ? 85  SER A OG    1 
ATOM   682  N N     . GLY A 1 87  ? -15.647 12.748  11.311  1.00 30.98 ? 86  GLY A N     1 
ATOM   683  C CA    . GLY A 1 87  ? -15.795 13.527  10.092  1.00 31.51 ? 86  GLY A CA    1 
ATOM   684  C C     . GLY A 1 87  ? -16.604 12.819  9.023   1.00 32.46 ? 86  GLY A C     1 
ATOM   685  O O     . GLY A 1 87  ? -16.570 11.597  8.868   1.00 34.77 ? 86  GLY A O     1 
ATOM   686  N N     . LYS A 1 88  ? -17.344 13.618  8.261   1.00 31.11 ? 87  LYS A N     1 
ATOM   687  C CA    . LYS A 1 88  ? -18.057 13.156  7.082   1.00 35.60 ? 87  LYS A CA    1 
ATOM   688  C C     . LYS A 1 88  ? -17.231 13.463  5.841   1.00 25.28 ? 87  LYS A C     1 
ATOM   689  O O     . LYS A 1 88  ? -16.518 14.467  5.788   1.00 26.63 ? 87  LYS A O     1 
ATOM   690  C CB    . LYS A 1 88  ? -19.429 13.830  6.971   1.00 37.98 ? 87  LYS A CB    1 
ATOM   691  N N     . TYR A 1 89  ? -17.322 12.586  4.847   1.00 22.08 ? 88  TYR A N     1 
ATOM   692  C CA    . TYR A 1 89  ? -16.655 12.833  3.573   1.00 26.01 ? 88  TYR A CA    1 
ATOM   693  C C     . TYR A 1 89  ? -17.202 14.127  2.977   1.00 30.44 ? 88  TYR A C     1 
ATOM   694  O O     . TYR A 1 89  ? -18.410 14.362  3.015   1.00 30.73 ? 88  TYR A O     1 
ATOM   695  C CB    . TYR A 1 89  ? -16.855 11.660  2.607   1.00 19.26 ? 88  TYR A CB    1 
ATOM   696  C CG    . TYR A 1 89  ? -16.172 11.853  1.272   1.00 17.43 ? 88  TYR A CG    1 
ATOM   697  C CD1   . TYR A 1 89  ? -14.832 11.524  1.100   1.00 16.70 ? 88  TYR A CD1   1 
ATOM   698  C CD2   . TYR A 1 89  ? -16.861 12.380  0.188   1.00 19.61 ? 88  TYR A CD2   1 
ATOM   699  C CE1   . TYR A 1 89  ? -14.201 11.711  -0.115  1.00 16.29 ? 88  TYR A CE1   1 
ATOM   700  C CE2   . TYR A 1 89  ? -16.239 12.569  -1.031  1.00 20.97 ? 88  TYR A CE2   1 
ATOM   701  C CZ    . TYR A 1 89  ? -14.910 12.233  -1.177  1.00 19.90 ? 88  TYR A CZ    1 
ATOM   702  O OH    . TYR A 1 89  ? -14.292 12.421  -2.392  1.00 16.00 ? 88  TYR A OH    1 
ATOM   703  N N     . PRO A 1 90  ? -16.322 14.975  2.415   1.00 22.31 ? 89  PRO A N     1 
ATOM   704  C CA    . PRO A 1 90  ? -14.877 14.801  2.212   1.00 20.27 ? 89  PRO A CA    1 
ATOM   705  C C     . PRO A 1 90  ? -13.995 15.224  3.386   1.00 25.55 ? 89  PRO A C     1 
ATOM   706  O O     . PRO A 1 90  ? -12.777 15.291  3.226   1.00 25.02 ? 89  PRO A O     1 
ATOM   707  C CB    . PRO A 1 90  ? -14.585 15.698  0.996   1.00 16.08 ? 89  PRO A CB    1 
ATOM   708  C CG    . PRO A 1 90  ? -15.932 16.227  0.531   1.00 21.73 ? 89  PRO A CG    1 
ATOM   709  C CD    . PRO A 1 90  ? -16.811 16.177  1.729   1.00 22.12 ? 89  PRO A CD    1 
ATOM   710  N N     . GLN A 1 91  ? -14.592 15.509  4.543   1.00 32.50 ? 90  GLN A N     1 
ATOM   711  C CA    . GLN A 1 91  ? -13.842 15.983  5.706   1.00 32.34 ? 90  GLN A CA    1 
ATOM   712  C C     . GLN A 1 91  ? -13.534 14.782  6.599   1.00 31.42 ? 90  GLN A C     1 
ATOM   713  O O     . GLN A 1 91  ? -14.152 14.570  7.641   1.00 32.51 ? 90  GLN A O     1 
ATOM   714  C CB    . GLN A 1 91  ? -14.634 17.060  6.445   1.00 32.79 ? 90  GLN A CB    1 
ATOM   715  C CG    . GLN A 1 91  ? -13.794 18.214  6.974   1.00 42.13 ? 90  GLN A CG    1 
ATOM   716  C CD    . GLN A 1 91  ? -13.045 17.865  8.244   1.00 46.08 ? 90  GLN A CD    1 
ATOM   717  O OE1   . GLN A 1 91  ? -13.557 17.150  9.105   1.00 43.10 ? 90  GLN A OE1   1 
ATOM   718  N NE2   . GLN A 1 91  ? -11.823 18.374  8.368   1.00 36.27 ? 90  GLN A NE2   1 
ATOM   719  N N     . CYS A 1 92  ? -12.558 13.985  6.171   1.00 29.07 ? 91  CYS A N     1 
ATOM   720  C CA    . CYS A 1 92  ? -12.156 12.794  6.910   1.00 17.61 ? 91  CYS A CA    1 
ATOM   721  C C     . CYS A 1 92  ? -10.984 13.127  7.825   1.00 16.54 ? 91  CYS A C     1 
ATOM   722  O O     . CYS A 1 92  ? -10.005 13.742  7.392   1.00 20.21 ? 91  CYS A O     1 
ATOM   723  C CB    . CYS A 1 92  ? -11.774 11.663  5.954   1.00 15.74 ? 91  CYS A CB    1 
ATOM   724  S SG    . CYS A 1 92  ? -12.897 11.414  4.555   1.00 12.53 ? 91  CYS A SG    1 
ATOM   725  N N     . ARG A 1 93  ? -11.087 12.716  9.087   1.00 20.37 ? 92  ARG A N     1 
ATOM   726  C CA    . ARG A 1 93  ? -10.059 12.959  10.091  1.00 16.90 ? 92  ARG A CA    1 
ATOM   727  C C     . ARG A 1 93  ? -9.488  11.632  10.572  1.00 18.46 ? 92  ARG A C     1 
ATOM   728  O O     . ARG A 1 93  ? -10.217 10.645  10.709  1.00 14.44 ? 92  ARG A O     1 
ATOM   729  C CB    . ARG A 1 93  ? -10.623 13.754  11.272  1.00 18.15 ? 92  ARG A CB    1 
ATOM   730  C CG    . ARG A 1 93  ? -10.804 15.234  10.982  1.00 23.21 ? 92  ARG A CG    1 
ATOM   731  C CD    . ARG A 1 93  ? -9.571  16.022  11.394  1.00 37.59 ? 92  ARG A CD    1 
ATOM   732  N NE    . ARG A 1 93  ? -9.550  17.363  10.819  1.00 34.37 ? 92  ARG A NE    1 
ATOM   733  C CZ    . ARG A 1 93  ? -8.732  18.331  11.219  1.00 37.14 ? 92  ARG A CZ    1 
ATOM   734  N NH1   . ARG A 1 93  ? -7.873  18.110  12.204  1.00 40.07 ? 92  ARG A NH1   1 
ATOM   735  N NH2   . ARG A 1 93  ? -8.776  19.522  10.638  1.00 57.21 ? 92  ARG A NH2   1 
ATOM   736  N N     . TYR A 1 94  ? -8.180  11.613  10.831  1.00 16.72 ? 93  TYR A N     1 
ATOM   737  C CA    . TYR A 1 94  ? -7.479  10.375  11.131  1.00 16.10 ? 93  TYR A CA    1 
ATOM   738  C C     . TYR A 1 94  ? -6.520  10.563  12.296  1.00 9.80  ? 93  TYR A C     1 
ATOM   739  O O     . TYR A 1 94  ? -6.049  11.671  12.565  1.00 12.99 ? 93  TYR A O     1 
ATOM   740  C CB    . TYR A 1 94  ? -6.697  9.862   9.913   1.00 15.71 ? 93  TYR A CB    1 
ATOM   741  C CG    . TYR A 1 94  ? -7.568  9.367   8.785   1.00 15.91 ? 93  TYR A CG    1 
ATOM   742  C CD1   . TYR A 1 94  ? -7.828  8.013   8.630   1.00 14.58 ? 93  TYR A CD1   1 
ATOM   743  C CD2   . TYR A 1 94  ? -8.129  10.252  7.874   1.00 14.26 ? 93  TYR A CD2   1 
ATOM   744  C CE1   . TYR A 1 94  ? -8.623  7.554   7.603   1.00 18.54 ? 93  TYR A CE1   1 
ATOM   745  C CE2   . TYR A 1 94  ? -8.926  9.802   6.842   1.00 16.15 ? 93  TYR A CE2   1 
ATOM   746  C CZ    . TYR A 1 94  ? -9.171  8.452   6.711   1.00 20.03 ? 93  TYR A CZ    1 
ATOM   747  O OH    . TYR A 1 94  ? -9.964  7.996   5.684   1.00 15.16 ? 93  TYR A OH    1 
ATOM   748  N N     . SER A 1 95  ? -6.239  9.459   12.984  1.00 10.08 ? 94  SER A N     1 
ATOM   749  C CA    . SER A 1 95  ? -5.199  9.389   13.999  1.00 13.81 ? 94  SER A CA    1 
ATOM   750  C C     . SER A 1 95  ? -4.088  8.474   13.506  1.00 10.79 ? 94  SER A C     1 
ATOM   751  O O     . SER A 1 95  ? -4.353  7.448   12.869  1.00 11.57 ? 94  SER A O     1 
ATOM   752  C CB    . SER A 1 95  ? -5.749  8.876   15.333  1.00 6.94  ? 94  SER A CB    1 
ATOM   753  O OG    . SER A 1 95  ? -6.154  7.523   15.229  1.00 11.12 ? 94  SER A OG    1 
ATOM   754  N N     . ALA A 1 96  ? -2.847  8.845   13.798  1.00 9.51  ? 95  ALA A N     1 
ATOM   755  C CA    . ALA A 1 96  ? -1.686  8.116   13.317  1.00 8.69  ? 95  ALA A CA    1 
ATOM   756  C C     . ALA A 1 96  ? -1.127  7.211   14.408  1.00 9.91  ? 95  ALA A C     1 
ATOM   757  O O     . ALA A 1 96  ? -1.171  7.535   15.597  1.00 8.89  ? 95  ALA A O     1 
ATOM   758  C CB    . ALA A 1 96  ? -0.600  9.077   12.831  1.00 7.54  ? 95  ALA A CB    1 
ATOM   759  N N     . ALA A 1 97  ? -0.602  6.064   13.982  1.00 8.73  ? 96  ALA A N     1 
ATOM   760  C CA    . ALA A 1 97  ? 0.037   5.109   14.880  1.00 7.41  ? 96  ALA A CA    1 
ATOM   761  C C     . ALA A 1 97  ? 1.226   4.505   14.153  1.00 9.12  ? 96  ALA A C     1 
ATOM   762  O O     . ALA A 1 97  ? 1.052   3.835   13.130  1.00 11.49 ? 96  ALA A O     1 
ATOM   763  C CB    . ALA A 1 97  ? -0.939  4.017   15.327  1.00 6.69  ? 96  ALA A CB    1 
ATOM   764  N N     . ALA A 1 98  ? 2.424   4.747   14.670  1.00 14.57 ? 97  ALA A N     1 
ATOM   765  C CA    . ALA A 1 98  ? 3.635   4.236   14.049  1.00 10.16 ? 97  ALA A CA    1 
ATOM   766  C C     . ALA A 1 98  ? 3.790   2.745   14.318  1.00 15.74 ? 97  ALA A C     1 
ATOM   767  O O     . ALA A 1 98  ? 3.350   2.227   15.349  1.00 17.09 ? 97  ALA A O     1 
ATOM   768  C CB    . ALA A 1 98  ? 4.862   4.989   14.563  1.00 9.39  ? 97  ALA A CB    1 
ATOM   769  N N     . GLN A 1 99  ? 4.419   2.053   13.370  1.00 18.40 ? 98  GLN A N     1 
ATOM   770  C CA    . GLN A 1 99  ? 4.696   0.632   13.497  1.00 17.07 ? 98  GLN A CA    1 
ATOM   771  C C     . GLN A 1 99  ? 6.043   0.321   12.862  1.00 17.93 ? 98  GLN A C     1 
ATOM   772  O O     . GLN A 1 99  ? 6.539   1.061   12.008  1.00 10.55 ? 98  GLN A O     1 
ATOM   773  C CB    . GLN A 1 99  ? 3.601   -0.229  12.850  1.00 17.51 ? 98  GLN A CB    1 
ATOM   774  C CG    . GLN A 1 99  ? 2.271   -0.218  13.585  1.00 26.79 ? 98  GLN A CG    1 
ATOM   775  C CD    . GLN A 1 99  ? 1.246   -1.136  12.951  1.00 22.14 ? 98  GLN A CD    1 
ATOM   776  O OE1   . GLN A 1 99  ? 1.498   -2.324  12.751  1.00 28.45 ? 98  GLN A OE1   1 
ATOM   777  N NE2   . GLN A 1 99  ? 0.081   -0.587  12.629  1.00 19.91 ? 98  GLN A NE2   1 
ATOM   778  N N     . TYR A 1 100 ? 6.632   -0.793  13.299  1.00 17.78 ? 99  TYR A N     1 
ATOM   779  C CA    . TYR A 1 100 ? 7.902   -1.297  12.772  1.00 11.63 ? 99  TYR A CA    1 
ATOM   780  C C     . TYR A 1 100 ? 7.706   -2.799  12.578  1.00 11.71 ? 99  TYR A C     1 
ATOM   781  O O     . TYR A 1 100 ? 8.023   -3.598  13.463  1.00 13.07 ? 99  TYR A O     1 
ATOM   782  C CB    . TYR A 1 100 ? 9.060   -0.981  13.712  1.00 15.55 ? 99  TYR A CB    1 
ATOM   783  C CG    . TYR A 1 100 ? 10.428  -1.308  13.158  1.00 14.16 ? 99  TYR A CG    1 
ATOM   784  C CD1   . TYR A 1 100 ? 10.961  -0.583  12.100  1.00 12.94 ? 99  TYR A CD1   1 
ATOM   785  C CD2   . TYR A 1 100 ? 11.194  -2.329  13.703  1.00 10.69 ? 99  TYR A CD2   1 
ATOM   786  C CE1   . TYR A 1 100 ? 12.214  -0.874  11.592  1.00 8.88  ? 99  TYR A CE1   1 
ATOM   787  C CE2   . TYR A 1 100 ? 12.449  -2.626  13.205  1.00 13.86 ? 99  TYR A CE2   1 
ATOM   788  C CZ    . TYR A 1 100 ? 12.953  -1.896  12.148  1.00 13.02 ? 99  TYR A CZ    1 
ATOM   789  O OH    . TYR A 1 100 ? 14.201  -2.188  11.648  1.00 26.18 ? 99  TYR A OH    1 
ATOM   790  N N     . LYS A 1 101 ? 7.189   -3.121  11.417  1.00 13.36 ? 100 LYS A N     1 
ATOM   791  C CA    . LYS A 1 101 ? 6.762   -4.495  11.139  1.00 14.92 ? 100 LYS A CA    1 
ATOM   792  C C     . LYS A 1 101 ? 7.268   -5.057  9.828   1.00 14.58 ? 100 LYS A C     1 
ATOM   793  O O     . LYS A 1 101 ? 7.531   -4.312  8.937   1.00 16.01 ? 100 LYS A O     1 
ATOM   794  C CB    . LYS A 1 101 ? 5.256   -4.400  10.919  1.00 12.56 ? 100 LYS A CB    1 
ATOM   795  C CG    . LYS A 1 101 ? 4.420   -4.005  12.102  1.00 13.70 ? 100 LYS A CG    1 
ATOM   796  C CD    . LYS A 1 101 ? 4.572   -4.944  13.224  1.00 18.23 ? 100 LYS A CD    1 
ATOM   797  C CE    . LYS A 1 101 ? 3.745   -4.518  14.406  1.00 24.68 ? 100 LYS A CE    1 
ATOM   798  N NZ    . LYS A 1 101 ? 4.521   -4.584  15.661  1.00 34.45 ? 100 LYS A NZ    1 
ATOM   799  N N     . PHE A 1 102 ? 7.266   -6.383  9.750   1.00 14.30 ? 101 PHE A N     1 
ATOM   800  C CA    . PHE A 1 102 ? 7.367   -7.030  8.452   1.00 15.48 ? 101 PHE A CA    1 
ATOM   801  C C     . PHE A 1 102 ? 6.063   -6.844  7.687   1.00 15.22 ? 101 PHE A C     1 
ATOM   802  O O     . PHE A 1 102 ? 4.994   -6.656  8.276   1.00 14.86 ? 101 PHE A O     1 
ATOM   803  C CB    . PHE A 1 102 ? 7.647   -8.526  8.604   1.00 14.39 ? 101 PHE A CB    1 
ATOM   804  C CG    . PHE A 1 102 ? 8.954   -8.850  9.270   1.00 15.93 ? 101 PHE A CG    1 
ATOM   805  C CD1   . PHE A 1 102 ? 9.056   -8.880  10.652  1.00 14.60 ? 101 PHE A CD1   1 
ATOM   806  C CD2   . PHE A 1 102 ? 10.072  -9.161  8.514   1.00 15.43 ? 101 PHE A CD2   1 
ATOM   807  C CE1   . PHE A 1 102 ? 10.253  -9.194  11.266  1.00 14.07 ? 101 PHE A CE1   1 
ATOM   808  C CE2   . PHE A 1 102 ? 11.273  -9.476  9.124   1.00 18.65 ? 101 PHE A CE2   1 
ATOM   809  C CZ    . PHE A 1 102 ? 11.363  -9.495  10.501  1.00 14.47 ? 101 PHE A CZ    1 
ATOM   810  N N     . PHE A 1 103 ? 6.150   -6.904  6.363   1.00 10.04 ? 102 PHE A N     1 
ATOM   811  C CA    . PHE A 1 103 ? 4.962   -6.912  5.527   1.00 10.30 ? 102 PHE A CA    1 
ATOM   812  C C     . PHE A 1 103 ? 5.076   -8.023  4.496   1.00 10.58 ? 102 PHE A C     1 
ATOM   813  O O     . PHE A 1 103 ? 6.176   -8.406  4.088   1.00 10.79 ? 102 PHE A O     1 
ATOM   814  C CB    . PHE A 1 103 ? 4.726   -5.559  4.824   1.00 9.63  ? 102 PHE A CB    1 
ATOM   815  C CG    . PHE A 1 103 ? 5.786   -5.188  3.818   1.00 9.24  ? 102 PHE A CG    1 
ATOM   816  C CD1   . PHE A 1 103 ? 5.728   -5.655  2.514   1.00 8.40  ? 102 PHE A CD1   1 
ATOM   817  C CD2   . PHE A 1 103 ? 6.826   -4.349  4.172   1.00 10.57 ? 102 PHE A CD2   1 
ATOM   818  C CE1   . PHE A 1 103 ? 6.697   -5.309  1.590   1.00 11.88 ? 102 PHE A CE1   1 
ATOM   819  C CE2   . PHE A 1 103 ? 7.796   -3.993  3.254   1.00 9.73  ? 102 PHE A CE2   1 
ATOM   820  C CZ    . PHE A 1 103 ? 7.733   -4.474  1.962   1.00 8.80  ? 102 PHE A CZ    1 
ATOM   821  N N     . ILE A 1 104 ? 3.923   -8.537  4.087   1.00 10.02 ? 103 ILE A N     1 
ATOM   822  C CA    . ILE A 1 104 ? 3.821   -9.503  3.002   1.00 11.92 ? 103 ILE A CA    1 
ATOM   823  C C     . ILE A 1 104 ? 2.979   -8.871  1.904   1.00 10.51 ? 103 ILE A C     1 
ATOM   824  O O     . ILE A 1 104 ? 1.882   -8.370  2.171   1.00 15.34 ? 103 ILE A O     1 
ATOM   825  C CB    . ILE A 1 104 ? 3.204   -10.831 3.474   1.00 17.36 ? 103 ILE A CB    1 
ATOM   826  C CG1   . ILE A 1 104 ? 4.014   -11.410 4.636   1.00 11.04 ? 103 ILE A CG1   1 
ATOM   827  C CG2   . ILE A 1 104 ? 3.133   -11.825 2.324   1.00 9.55  ? 103 ILE A CG2   1 
ATOM   828  C CD1   . ILE A 1 104 ? 3.451   -12.697 5.193   1.00 11.60 ? 103 ILE A CD1   1 
ATOM   829  N N     . VAL A 1 105 ? 3.501   -8.870  0.682   1.00 8.34  ? 104 VAL A N     1 
ATOM   830  C CA    . VAL A 1 105 ? 2.787   -8.316  -0.459  1.00 11.95 ? 104 VAL A CA    1 
ATOM   831  C C     . VAL A 1 105 ? 2.576   -9.415  -1.488  1.00 9.14  ? 104 VAL A C     1 
ATOM   832  O O     . VAL A 1 105 ? 3.372   -10.354 -1.600  1.00 6.82  ? 104 VAL A O     1 
ATOM   833  C CB    . VAL A 1 105 ? 3.527   -7.120  -1.098  1.00 7.19  ? 104 VAL A CB    1 
ATOM   834  C CG1   . VAL A 1 105 ? 3.543   -5.934  -0.150  1.00 7.27  ? 104 VAL A CG1   1 
ATOM   835  C CG2   . VAL A 1 105 ? 4.939   -7.517  -1.498  1.00 11.21 ? 104 VAL A CG2   1 
ATOM   836  N N     . ALA A 1 106 ? 1.485   -9.294  -2.235  1.00 7.99  ? 105 ALA A N     1 
ATOM   837  C CA    . ALA A 1 106 ? 1.220   -10.151 -3.378  1.00 10.07 ? 105 ALA A CA    1 
ATOM   838  C C     . ALA A 1 106 ? 1.712   -9.457  -4.641  1.00 12.52 ? 105 ALA A C     1 
ATOM   839  O O     . ALA A 1 106 ? 1.507   -8.254  -4.820  1.00 12.41 ? 105 ALA A O     1 
ATOM   840  C CB    . ALA A 1 106 ? -0.272  -10.469 -3.498  1.00 14.42 ? 105 ALA A CB    1 
ATOM   841  N N     . CYS A 1 107 ? 2.372   -10.218 -5.507  1.00 15.64 ? 106 CYS A N     1 
ATOM   842  C CA    . CYS A 1 107 ? 2.954   -9.669  -6.719  1.00 11.62 ? 106 CYS A CA    1 
ATOM   843  C C     . CYS A 1 107 ? 2.433   -10.426 -7.931  1.00 17.08 ? 106 CYS A C     1 
ATOM   844  O O     . CYS A 1 107 ? 2.009   -11.581 -7.840  1.00 18.93 ? 106 CYS A O     1 
ATOM   845  C CB    . CYS A 1 107 ? 4.484   -9.717  -6.676  1.00 11.78 ? 106 CYS A CB    1 
ATOM   846  S SG    . CYS A 1 107 ? 5.190   -8.910  -5.227  1.00 12.42 ? 106 CYS A SG    1 
ATOM   847  N N     . ASP A 1 108 ? 2.480   -9.753  -9.072  1.00 17.94 ? 107 ASP A N     1 
ATOM   848  C CA    . ASP A 1 108 ? 1.927   -10.283 -10.308 1.00 14.61 ? 107 ASP A CA    1 
ATOM   849  C C     . ASP A 1 108 ? 2.719   -9.703  -11.464 1.00 17.30 ? 107 ASP A C     1 
ATOM   850  O O     . ASP A 1 108 ? 3.501   -8.761  -11.282 1.00 15.60 ? 107 ASP A O     1 
ATOM   851  C CB    . ASP A 1 108 ? 0.436   -9.947  -10.434 1.00 15.43 ? 107 ASP A CB    1 
ATOM   852  C CG    . ASP A 1 108 ? -0.451  -11.009 -9.821  1.00 23.56 ? 107 ASP A CG    1 
ATOM   853  O OD1   . ASP A 1 108 ? -0.038  -12.189 -9.798  1.00 22.24 ? 107 ASP A OD1   1 
ATOM   854  O OD2   . ASP A 1 108 ? -1.560  -10.666 -9.361  1.00 25.62 ? 107 ASP A OD2   1 
ATOM   855  N N     . PRO A 1 109 ? 2.565   -10.259 -12.666 1.00 17.48 ? 108 PRO A N     1 
ATOM   856  C CA    . PRO A 1 109 ? 3.251   -9.690  -13.820 1.00 20.73 ? 108 PRO A CA    1 
ATOM   857  C C     . PRO A 1 109 ? 2.884   -8.234  -13.995 1.00 18.39 ? 108 PRO A C     1 
ATOM   858  O O     . PRO A 1 109 ? 1.750   -7.816  -13.691 1.00 14.46 ? 108 PRO A O     1 
ATOM   859  C CB    . PRO A 1 109 ? 2.740   -10.543 -14.989 1.00 26.78 ? 108 PRO A CB    1 
ATOM   860  C CG    . PRO A 1 109 ? 2.377   -11.824 -14.370 1.00 21.90 ? 108 PRO A CG    1 
ATOM   861  C CD    . PRO A 1 109 ? 1.882   -11.521 -13.001 1.00 16.73 ? 108 PRO A CD    1 
ATOM   862  N N     . PRO A 1 110 ? 3.818   -7.412  -14.470 1.00 15.74 ? 109 PRO A N     1 
ATOM   863  C CA    . PRO A 1 110 ? 3.489   -6.009  -14.734 1.00 13.69 ? 109 PRO A CA    1 
ATOM   864  C C     . PRO A 1 110 ? 2.459   -5.897  -15.842 1.00 15.95 ? 109 PRO A C     1 
ATOM   865  O O     . PRO A 1 110 ? 2.521   -6.605  -16.851 1.00 14.76 ? 109 PRO A O     1 
ATOM   866  C CB    . PRO A 1 110 ? 4.833   -5.401  -15.154 1.00 12.04 ? 109 PRO A CB    1 
ATOM   867  C CG    . PRO A 1 110 ? 5.860   -6.346  -14.651 1.00 15.54 ? 109 PRO A CG    1 
ATOM   868  C CD    . PRO A 1 110 ? 5.239   -7.702  -14.715 1.00 15.56 ? 109 PRO A CD    1 
ATOM   869  N N     . GLN A 1 111 ? 1.492   -5.012  -15.636 1.00 15.55 ? 110 GLN A N     1 
ATOM   870  C CA    . GLN A 1 111 ? 0.609   -4.641  -16.725 1.00 18.61 ? 110 GLN A CA    1 
ATOM   871  C C     . GLN A 1 111 ? 1.330   -3.660  -17.646 1.00 20.01 ? 110 GLN A C     1 
ATOM   872  O O     . GLN A 1 111 ? 2.369   -3.089  -17.299 1.00 18.65 ? 110 GLN A O     1 
ATOM   873  C CB    . GLN A 1 111 ? -0.693  -4.064  -16.175 1.00 13.03 ? 110 GLN A CB    1 
ATOM   874  C CG    . GLN A 1 111 ? -1.469  -5.061  -15.314 1.00 16.38 ? 110 GLN A CG    1 
ATOM   875  C CD    . GLN A 1 111 ? -2.523  -4.403  -14.470 1.00 22.21 ? 110 GLN A CD    1 
ATOM   876  O OE1   . GLN A 1 111 ? -3.466  -3.794  -14.984 1.00 15.37 ? 110 GLN A OE1   1 
ATOM   877  N NE2   . GLN A 1 111 ? -2.372  -4.501  -13.156 1.00 14.78 ? 110 GLN A NE2   1 
ATOM   878  N N     . LYS A 1 112 ? 0.781   -3.474  -18.844 1.00 19.50 ? 111 LYS A N     1 
ATOM   879  C CA    . LYS A 1 112 ? 1.552   -2.815  -19.894 1.00 26.91 ? 111 LYS A CA    1 
ATOM   880  C C     . LYS A 1 112 ? 1.807   -1.338  -19.625 1.00 23.08 ? 111 LYS A C     1 
ATOM   881  O O     . LYS A 1 112 ? 2.604   -0.728  -20.347 1.00 30.71 ? 111 LYS A O     1 
ATOM   882  C CB    . LYS A 1 112 ? 0.854   -3.006  -21.236 1.00 19.10 ? 111 LYS A CB    1 
ATOM   883  C CG    . LYS A 1 112 ? 1.430   -4.173  -22.006 1.00 22.35 ? 111 LYS A CG    1 
ATOM   884  C CD    . LYS A 1 112 ? 0.405   -4.783  -22.913 1.00 26.08 ? 111 LYS A CD    1 
ATOM   885  C CE    . LYS A 1 112 ? 0.074   -3.867  -24.057 1.00 36.36 ? 111 LYS A CE    1 
ATOM   886  N NZ    . LYS A 1 112 ? 1.219   -3.697  -24.960 1.00 44.12 ? 111 LYS A NZ    1 
ATOM   887  N N     . SER A 1 113 ? 1.176   -0.752  -18.610 1.00 21.19 ? 112 SER A N     1 
ATOM   888  C CA    . SER A 1 113 ? 1.510   0.596   -18.168 1.00 22.66 ? 112 SER A CA    1 
ATOM   889  C C     . SER A 1 113 ? 2.274   0.597   -16.850 1.00 23.42 ? 112 SER A C     1 
ATOM   890  O O     . SER A 1 113 ? 2.409   1.653   -16.222 1.00 20.47 ? 112 SER A O     1 
ATOM   891  C CB    . SER A 1 113 ? 0.247   1.453   -18.060 1.00 23.14 ? 112 SER A CB    1 
ATOM   892  O OG    . SER A 1 113 ? -0.865  0.684   -17.639 1.00 26.85 ? 112 SER A OG    1 
ATOM   893  N N     . ASP A 1 114 ? 2.747   -0.560  -16.410 1.00 17.35 ? 113 ASP A N     1 
ATOM   894  C CA    . ASP A 1 114 ? 3.611   -0.586  -15.211 1.00 14.82 ? 113 ASP A CA    1 
ATOM   895  C C     . ASP A 1 114 ? 5.073   -0.689  -15.641 1.00 17.04 ? 113 ASP A C     1 
ATOM   896  O O     . ASP A 1 114 ? 5.360   -0.925  -16.788 1.00 19.85 ? 113 ASP A O     1 
ATOM   897  C CB    . ASP A 1 114 ? 3.324   -1.769  -14.286 1.00 15.39 ? 113 ASP A CB    1 
ATOM   898  C CG    . ASP A 1 114 ? 2.050   -1.720  -13.477 1.00 14.82 ? 113 ASP A CG    1 
ATOM   899  O OD1   . ASP A 1 114 ? 1.681   -0.655  -12.998 1.00 15.29 ? 113 ASP A OD1   1 
ATOM   900  O OD2   . ASP A 1 114 ? 1.471   -2.748  -13.323 1.00 15.95 ? 113 ASP A OD2   1 
ATOM   901  N N     . PRO A 1 115 ? 6.032   -0.415  -14.761 1.00 19.21 ? 114 PRO A N     1 
ATOM   902  C CA    . PRO A 1 115 ? 7.423   -0.695  -15.071 1.00 13.66 ? 114 PRO A CA    1 
ATOM   903  C C     . PRO A 1 115 ? 7.682   -2.190  -15.345 1.00 15.26 ? 114 PRO A C     1 
ATOM   904  O O     . PRO A 1 115 ? 7.205   -3.021  -14.685 1.00 13.00 ? 114 PRO A O     1 
ATOM   905  C CB    . PRO A 1 115 ? 8.219   -0.124  -13.899 1.00 13.72 ? 114 PRO A CB    1 
ATOM   906  C CG    . PRO A 1 115 ? 7.214   0.269   -12.882 1.00 20.78 ? 114 PRO A CG    1 
ATOM   907  C CD    . PRO A 1 115 ? 5.842   0.289   -13.513 1.00 18.36 ? 114 PRO A CD    1 
ATOM   908  N N     . PRO A 1 116 ? 8.551   -2.505  -16.311 1.00 17.34 ? 115 PRO A N     1 
ATOM   909  C CA    . PRO A 1 116 ? 8.796   -3.861  -16.724 1.00 10.74 ? 115 PRO A CA    1 
ATOM   910  C C     . PRO A 1 116 ? 9.740   -4.724  -15.873 1.00 20.29 ? 115 PRO A C     1 
ATOM   911  O O     . PRO A 1 116 ? 10.670  -5.273  -16.366 1.00 19.26 ? 115 PRO A O     1 
ATOM   912  C CB    . PRO A 1 116 ? 9.285   -3.624  -18.142 1.00 15.03 ? 115 PRO A CB    1 
ATOM   913  C CG    . PRO A 1 116 ? 10.142  -2.430  -17.981 1.00 21.97 ? 115 PRO A CG    1 
ATOM   914  C CD    . PRO A 1 116 ? 9.421   -1.558  -16.982 1.00 20.85 ? 115 PRO A CD    1 
ATOM   915  N N     . TYR A 1 117 ? 9.431   -4.821  -14.595 1.00 16.83 ? 116 TYR A N     1 
ATOM   916  C CA    . TYR A 1 117 ? 10.111  -5.780  -13.701 1.00 17.39 ? 116 TYR A CA    1 
ATOM   917  C C     . TYR A 1 117 ? 9.432   -7.122  -13.885 1.00 18.17 ? 116 TYR A C     1 
ATOM   918  O O     . TYR A 1 117 ? 8.308   -7.166  -14.363 1.00 24.44 ? 116 TYR A O     1 
ATOM   919  C CB    . TYR A 1 117 ? 9.802   -5.547  -12.228 1.00 15.30 ? 116 TYR A CB    1 
ATOM   920  C CG    . TYR A 1 117 ? 10.180  -4.219  -11.655 1.00 17.70 ? 116 TYR A CG    1 
ATOM   921  C CD1   . TYR A 1 117 ? 11.503  -3.868  -11.427 1.00 17.22 ? 116 TYR A CD1   1 
ATOM   922  C CD2   . TYR A 1 117 ? 9.201   -3.320  -11.311 1.00 14.74 ? 116 TYR A CD2   1 
ATOM   923  C CE1   . TYR A 1 117 ? 11.862  -2.637  -10.915 1.00 8.27  ? 116 TYR A CE1   1 
ATOM   924  C CE2   . TYR A 1 117 ? 9.543   -2.078  -10.824 1.00 23.05 ? 116 TYR A CE2   1 
ATOM   925  C CZ    . TYR A 1 117 ? 10.863  -1.752  -10.609 1.00 11.69 ? 116 TYR A CZ    1 
ATOM   926  O OH    . TYR A 1 117 ? 11.127  -0.544  -10.113 1.00 22.37 ? 116 TYR A OH    1 
ATOM   927  N N     . LYS A 1 118 ? 10.111  -8.169  -13.458 1.00 19.20 ? 117 LYS A N     1 
ATOM   928  C CA    . LYS A 1 118 ? 9.567   -9.530  -13.507 1.00 13.95 ? 117 LYS A CA    1 
ATOM   929  C C     . LYS A 1 118 ? 8.259   -9.487  -12.750 1.00 16.15 ? 117 LYS A C     1 
ATOM   930  O O     . LYS A 1 118 ? 7.300   -9.982  -13.277 1.00 20.93 ? 117 LYS A O     1 
ATOM   931  C CB    . LYS A 1 118 ? 10.535  -10.563 -12.921 1.00 18.34 ? 117 LYS A CB    1 
ATOM   932  C CG    . LYS A 1 118 ? 9.942   -11.947 -12.663 0.52 19.53 ? 117 LYS A CG    1 
ATOM   933  C CD    . LYS A 1 118 ? 10.770  -12.887 -11.800 1.00 20.26 ? 117 LYS A CD    1 
ATOM   934  C CE    . LYS A 1 118 ? 9.982   -13.874 -10.968 0.23 17.36 ? 117 LYS A CE    1 
ATOM   935  N NZ    . LYS A 1 118 ? 10.531  -14.039 -9.599  1.00 14.73 ? 117 LYS A NZ    1 
ATOM   936  N N     . LEU A 1 119 ? 8.238   -8.833  -11.590 1.00 22.53 ? 118 LEU A N     1 
ATOM   937  C CA    . LEU A 1 119 ? 6.994   -8.804  -10.837 1.00 12.45 ? 118 LEU A CA    1 
ATOM   938  C C     . LEU A 1 119 ? 6.843   -7.433  -10.191 1.00 13.84 ? 118 LEU A C     1 
ATOM   939  O O     . LEU A 1 119 ? 7.821   -6.713  -9.978  1.00 11.02 ? 118 LEU A O     1 
ATOM   940  C CB    . LEU A 1 119 ? 6.960   -9.901  -9.765  1.00 15.57 ? 118 LEU A CB    1 
ATOM   941  C CG    . LEU A 1 119 ? 6.963   -11.355 -10.244 1.00 16.03 ? 118 LEU A CG    1 
ATOM   942  C CD1   . LEU A 1 119 ? 7.584   -12.258 -9.195  1.00 22.71 ? 118 LEU A CD1   1 
ATOM   943  C CD2   . LEU A 1 119 ? 5.552   -11.809 -10.567 1.00 15.53 ? 118 LEU A CD2   1 
ATOM   944  N N     . VAL A 1 120 ? 5.600   -7.076  -9.879  1.00 16.99 ? 119 VAL A N     1 
ATOM   945  C CA    . VAL A 1 120 ? 5.307   -5.803  -9.224  1.00 12.08 ? 119 VAL A CA    1 
ATOM   946  C C     . VAL A 1 120 ? 4.324   -6.039  -8.082  1.00 13.78 ? 119 VAL A C     1 
ATOM   947  O O     . VAL A 1 120 ? 3.420   -6.877  -8.207  1.00 13.09 ? 119 VAL A O     1 
ATOM   948  C CB    . VAL A 1 120 ? 4.755   -4.771  -10.221 1.00 8.18  ? 119 VAL A CB    1 
ATOM   949  C CG1   . VAL A 1 120 ? 5.864   -4.260  -11.127 1.00 9.78  ? 119 VAL A CG1   1 
ATOM   950  C CG2   . VAL A 1 120 ? 3.627   -5.374  -11.043 1.00 8.34  ? 119 VAL A CG2   1 
ATOM   951  N N     . PRO A 1 121 ? 4.457   -5.332  -6.959  1.00 11.29 ? 120 PRO A N     1 
ATOM   952  C CA    . PRO A 1 121 ? 3.494   -5.504  -5.865  1.00 8.74  ? 120 PRO A CA    1 
ATOM   953  C C     . PRO A 1 121 ? 2.155   -4.877  -6.217  1.00 12.54 ? 120 PRO A C     1 
ATOM   954  O O     . PRO A 1 121 ? 2.091   -3.774  -6.764  1.00 14.01 ? 120 PRO A O     1 
ATOM   955  C CB    . PRO A 1 121 ? 4.162   -4.782  -4.691  1.00 8.75  ? 120 PRO A CB    1 
ATOM   956  C CG    . PRO A 1 121 ? 5.006   -3.736  -5.342  1.00 12.30 ? 120 PRO A CG    1 
ATOM   957  C CD    . PRO A 1 121 ? 5.493   -4.335  -6.636  1.00 10.66 ? 120 PRO A CD    1 
ATOM   958  N N     . VAL A 1 122 ? 1.077   -5.593  -5.900  1.00 11.20 ? 121 VAL A N     1 
ATOM   959  C CA    . VAL A 1 122 ? -0.256  -5.159  -6.305  1.00 10.81 ? 121 VAL A CA    1 
ATOM   960  C C     . VAL A 1 122 ? -1.221  -5.148  -5.125  1.00 10.34 ? 121 VAL A C     1 
ATOM   961  O O     . VAL A 1 122 ? -2.307  -4.563  -5.212  1.00 15.12 ? 121 VAL A O     1 
ATOM   962  C CB    . VAL A 1 122 ? -0.805  -6.048  -7.437  1.00 12.46 ? 121 VAL A CB    1 
ATOM   963  C CG1   . VAL A 1 122 ? 0.102   -5.987  -8.658  1.00 9.57  ? 121 VAL A CG1   1 
ATOM   964  C CG2   . VAL A 1 122 ? -0.969  -7.483  -6.953  1.00 16.22 ? 121 VAL A CG2   1 
ATOM   965  N N     . HIS A 1 123 ? -0.847  -5.788  -4.020  1.00 12.07 ? 122 HIS A N     1 
ATOM   966  C CA    . HIS A 1 123 ? -1.762  -5.914  -2.891  1.00 12.01 ? 122 HIS A CA    1 
ATOM   967  C C     . HIS A 1 123 ? -0.979  -6.089  -1.599  1.00 12.38 ? 122 HIS A C     1 
ATOM   968  O O     . HIS A 1 123 ? -0.129  -6.979  -1.501  1.00 13.65 ? 122 HIS A O     1 
ATOM   969  C CB    . HIS A 1 123 ? -2.718  -7.096  -3.098  1.00 14.69 ? 122 HIS A CB    1 
ATOM   970  C CG    . HIS A 1 123 ? -3.524  -7.447  -1.886  1.00 15.94 ? 122 HIS A CG    1 
ATOM   971  N ND1   . HIS A 1 123 ? -3.389  -8.649  -1.226  1.00 20.35 ? 122 HIS A ND1   1 
ATOM   972  C CD2   . HIS A 1 123 ? -4.478  -6.757  -1.217  1.00 15.18 ? 122 HIS A CD2   1 
ATOM   973  C CE1   . HIS A 1 123 ? -4.222  -8.684  -0.202  1.00 14.54 ? 122 HIS A CE1   1 
ATOM   974  N NE2   . HIS A 1 123 ? -4.895  -7.548  -0.175  1.00 12.55 ? 122 HIS A NE2   1 
ATOM   975  N N     . LEU A 1 124 ? -1.267  -5.240  -0.614  1.00 13.28 ? 123 LEU A N     1 
ATOM   976  C CA    . LEU A 1 124 ? -0.705  -5.392  0.726   1.00 12.46 ? 123 LEU A CA    1 
ATOM   977  C C     . LEU A 1 124 ? -1.401  -6.568  1.398   1.00 14.07 ? 123 LEU A C     1 
ATOM   978  O O     . LEU A 1 124 ? -2.552  -6.463  1.825   1.00 9.48  ? 123 LEU A O     1 
ATOM   979  C CB    . LEU A 1 124 ? -0.877  -4.110  1.532   1.00 9.61  ? 123 LEU A CB    1 
ATOM   980  C CG    . LEU A 1 124 ? -0.419  -4.177  2.991   1.00 13.30 ? 123 LEU A CG    1 
ATOM   981  C CD1   . LEU A 1 124 ? 1.044   -4.589  3.090   1.00 7.76  ? 123 LEU A CD1   1 
ATOM   982  C CD2   . LEU A 1 124 ? -0.654  -2.850  3.695   1.00 13.54 ? 123 LEU A CD2   1 
ATOM   983  N N     . ASP A 1 125 ? -0.704  -7.701  1.489   1.00 16.43 ? 124 ASP A N     1 
ATOM   984  C CA    . ASP A 1 125 ? -1.347  -8.932  1.940   1.00 15.33 ? 124 ASP A CA    1 
ATOM   985  C C     . ASP A 1 125 ? -1.516  -8.963  3.454   1.00 16.76 ? 124 ASP A C     1 
ATOM   986  O O     . ASP A 1 125 ? -2.616  -9.227  3.955   1.00 15.90 ? 124 ASP A O     1 
ATOM   987  C CB    . ASP A 1 125 ? -0.552  -10.145 1.462   1.00 17.64 ? 124 ASP A CB    1 
ATOM   988  C CG    . ASP A 1 125 ? -1.208  -11.462 1.842   1.00 21.25 ? 124 ASP A CG    1 
ATOM   989  O OD1   . ASP A 1 125 ? -2.241  -11.816 1.244   1.00 20.06 ? 124 ASP A OD1   1 
ATOM   990  O OD2   . ASP A 1 125 ? -0.693  -12.157 2.735   1.00 20.02 ? 124 ASP A OD2   1 
ATOM   991  N N     . SER A 1 126 ? -0.451  -8.684  4.203   1.00 14.12 ? 125 SER A N     1 
ATOM   992  C CA    . SER A 1 126 ? -0.544  -8.779  5.653   1.00 16.89 ? 125 SER A CA    1 
ATOM   993  C C     . SER A 1 126 ? 0.565   -7.971  6.309   1.00 21.30 ? 125 SER A C     1 
ATOM   994  O O     . SER A 1 126 ? 1.591   -7.663  5.696   1.00 12.76 ? 125 SER A O     1 
ATOM   995  C CB    . SER A 1 126 ? -0.479  -10.235 6.126   1.00 20.27 ? 125 SER A CB    1 
ATOM   996  O OG    . SER A 1 126 ? 0.789   -10.805 5.852   1.00 25.98 ? 125 SER A OG    1 
ATOM   997  N N     . ILE A 1 127 ? 0.334   -7.638  7.577   1.00 19.71 ? 126 ILE A N     1 
ATOM   998  C CA    . ILE A 1 127 ? 1.312   -6.992  8.443   1.00 14.74 ? 126 ILE A CA    1 
ATOM   999  C C     . ILE A 1 127 ? 1.598   -7.939  9.598   1.00 16.47 ? 126 ILE A C     1 
ATOM   1000 O O     . ILE A 1 127 ? 0.669   -8.507  10.184  1.00 21.82 ? 126 ILE A O     1 
ATOM   1001 C CB    . ILE A 1 127 ? 0.803   -5.635  8.961   1.00 13.44 ? 126 ILE A CB    1 
ATOM   1002 C CG1   . ILE A 1 127 ? 0.514   -4.688  7.795   1.00 19.28 ? 126 ILE A CG1   1 
ATOM   1003 C CG2   . ILE A 1 127 ? 1.799   -5.020  9.927   1.00 14.54 ? 126 ILE A CG2   1 
ATOM   1004 C CD1   . ILE A 1 127 ? 1.732   -4.347  6.973   1.00 20.23 ? 126 ILE A CD1   1 
ATOM   1005 N N     . LEU A 1 128 ? 2.876   -8.115  9.921   1.00 16.53 ? 127 LEU A N     1 
ATOM   1006 C CA    . LEU A 1 128 ? 3.261   -9.004  11.013  1.00 21.03 ? 127 LEU A CA    1 
ATOM   1007 C C     . LEU A 1 128 ? 4.669   -8.700  11.510  1.00 15.11 ? 127 LEU A C     1 
ATOM   1008 O O     . LEU A 1 128 ? 5.387   -7.888  10.930  1.00 13.45 ? 127 LEU A O     1 
ATOM   1009 C CB    . LEU A 1 128 ? 3.165   -10.471 10.580  1.00 18.33 ? 127 LEU A CB    1 
ATOM   1010 C CG    . LEU A 1 128 ? 4.216   -11.032 9.618   1.00 20.88 ? 127 LEU A CG    1 
ATOM   1011 C CD1   . LEU A 1 128 ? 4.205   -12.551 9.657   1.00 18.38 ? 127 LEU A CD1   1 
ATOM   1012 C CD2   . LEU A 1 128 ? 3.989   -10.543 8.196   1.00 14.30 ? 127 LEU A CD2   1 
ATOM   1013 O OXT   . LEU A 1 128 ? 5.119   -9.262  12.509  1.00 12.47 ? 127 LEU A OXT   1 
HETATM 1014 P P     . AMP B 2 .   ? -5.994  -4.024  -2.535  1.00 48.56 ? 201 AMP A P     1 
HETATM 1015 O O1P   . AMP B 2 .   ? -4.662  -3.813  -1.855  1.00 34.41 ? 201 AMP A O1P   1 
HETATM 1016 O O2P   . AMP B 2 .   ? -6.992  -4.846  -1.754  1.00 43.36 ? 201 AMP A O2P   1 
HETATM 1017 O O3P   . AMP B 2 .   ? -6.569  -2.772  -3.154  1.00 39.47 ? 201 AMP A O3P   1 
HETATM 1018 O "O5'" . AMP B 2 .   ? -5.677  -4.957  -3.786  1.00 36.75 ? 201 AMP A "O5'" 1 
HETATM 1019 C "C5'" . AMP B 2 .   ? -6.578  -5.034  -4.888  1.00 30.04 ? 201 AMP A "C5'" 1 
HETATM 1020 C "C4'" . AMP B 2 .   ? -5.919  -5.653  -6.095  1.00 35.05 ? 201 AMP A "C4'" 1 
HETATM 1021 O "O4'" . AMP B 2 .   ? -4.988  -6.671  -5.652  1.00 33.85 ? 201 AMP A "O4'" 1 
HETATM 1022 C "C3'" . AMP B 2 .   ? -6.864  -6.323  -7.090  1.00 38.25 ? 201 AMP A "C3'" 1 
HETATM 1023 O "O3'" . AMP B 2 .   ? -6.405  -6.087  -8.420  1.00 35.58 ? 201 AMP A "O3'" 1 
HETATM 1024 C "C2'" . AMP B 2 .   ? -6.738  -7.809  -6.756  1.00 39.85 ? 201 AMP A "C2'" 1 
HETATM 1025 O "O2'" . AMP B 2 .   ? -6.963  -8.674  -7.849  1.00 26.30 ? 201 AMP A "O2'" 1 
HETATM 1026 C "C1'" . AMP B 2 .   ? -5.301  -7.914  -6.247  1.00 27.42 ? 201 AMP A "C1'" 1 
HETATM 1027 N N9    . AMP B 2 .   ? -5.116  -8.947  -5.225  1.00 30.42 ? 201 AMP A N9    1 
HETATM 1028 C C8    . AMP B 2 .   ? -5.709  -8.974  -4.015  1.00 30.46 ? 201 AMP A C8    1 
HETATM 1029 N N7    . AMP B 2 .   ? -5.326  -10.067 -3.304  1.00 25.61 ? 201 AMP A N7    1 
HETATM 1030 C C5    . AMP B 2 .   ? -4.468  -10.762 -4.072  1.00 23.65 ? 201 AMP A C5    1 
HETATM 1031 C C6    . AMP B 2 .   ? -3.688  -12.015 -3.940  1.00 19.56 ? 201 AMP A C6    1 
HETATM 1032 N N6    . AMP B 2 .   ? -3.745  -12.768 -2.815  1.00 26.11 ? 201 AMP A N6    1 
HETATM 1033 N N1    . AMP B 2 .   ? -2.914  -12.381 -4.983  1.00 27.49 ? 201 AMP A N1    1 
HETATM 1034 C C2    . AMP B 2 .   ? -2.848  -11.644 -6.108  1.00 36.53 ? 201 AMP A C2    1 
HETATM 1035 N N3    . AMP B 2 .   ? -3.523  -10.501 -6.300  1.00 25.44 ? 201 AMP A N3    1 
HETATM 1036 C C4    . AMP B 2 .   ? -4.337  -10.020 -5.336  1.00 28.02 ? 201 AMP A C4    1 
HETATM 1037 O O     . HOH C 3 .   ? 9.978   -13.966 -7.596  1.00 15.52 ? 301 HOH A O     1 
HETATM 1038 O O     . HOH C 3 .   ? -0.673  -13.112 4.803   1.00 17.50 ? 302 HOH A O     1 
HETATM 1039 O O     . HOH C 3 .   ? -0.504  -4.071  -11.770 1.00 12.69 ? 303 HOH A O     1 
HETATM 1040 O O     . HOH C 3 .   ? 1.547   -13.849 -10.496 1.00 28.40 ? 304 HOH A O     1 
HETATM 1041 O O     . HOH C 3 .   ? 11.400  -12.860 2.847   1.00 17.72 ? 305 HOH A O     1 
HETATM 1042 O O     . HOH C 3 .   ? 5.444   -15.018 6.424   1.00 17.07 ? 306 HOH A O     1 
HETATM 1043 O O     . HOH C 3 .   ? -3.535  -2.190  -5.815  1.00 18.92 ? 307 HOH A O     1 
HETATM 1044 O O     . HOH C 3 .   ? -8.138  13.128  5.070   1.00 19.06 ? 308 HOH A O     1 
HETATM 1045 O O     . HOH C 3 .   ? -10.076 12.523  3.052   1.00 15.42 ? 309 HOH A O     1 
HETATM 1046 O O     . HOH C 3 .   ? 5.204   -3.276  -18.129 1.00 14.18 ? 310 HOH A O     1 
HETATM 1047 O O     . HOH C 3 .   ? 13.461  -6.821  1.973   1.00 21.21 ? 311 HOH A O     1 
HETATM 1048 O O     . HOH C 3 .   ? -1.194  3.458   -13.858 1.00 18.37 ? 312 HOH A O     1 
HETATM 1049 O O     . HOH C 3 .   ? -4.893  -4.998  2.075   1.00 10.12 ? 313 HOH A O     1 
HETATM 1050 O O     . HOH C 3 .   ? 10.751  -8.344  -9.791  1.00 17.10 ? 314 HOH A O     1 
HETATM 1051 O O     . HOH C 3 .   ? 0.197   -10.306 12.271  1.00 20.71 ? 315 HOH A O     1 
HETATM 1052 O O     . HOH C 3 .   ? -3.653  13.500  10.325  1.00 16.29 ? 316 HOH A O     1 
HETATM 1053 O O     . HOH C 3 .   ? 7.173   -11.141 -15.843 1.00 12.72 ? 317 HOH A O     1 
HETATM 1054 O O     . HOH C 3 .   ? 4.150   -13.428 -7.936  1.00 23.05 ? 318 HOH A O     1 
HETATM 1055 O O     . HOH C 3 .   ? -4.746  -12.750 0.003   1.00 18.01 ? 319 HOH A O     1 
HETATM 1056 O O     . HOH C 3 .   ? -2.115  -1.840  -18.336 1.00 20.33 ? 320 HOH A O     1 
HETATM 1057 O O     . HOH C 3 .   ? 10.053  -16.566 -5.893  1.00 12.57 ? 321 HOH A O     1 
HETATM 1058 O O     . HOH C 3 .   ? -7.122  14.487  13.129  1.00 16.23 ? 322 HOH A O     1 
HETATM 1059 O O     . HOH C 3 .   ? -18.031 4.992   -2.783  1.00 20.63 ? 323 HOH A O     1 
HETATM 1060 O O     . HOH C 3 .   ? 9.615   -19.197 -4.586  1.00 23.29 ? 324 HOH A O     1 
HETATM 1061 O O     . HOH C 3 .   ? -3.040  6.065   17.559  1.00 12.06 ? 325 HOH A O     1 
HETATM 1062 O O     . HOH C 3 .   ? -4.343  -1.067  4.456   1.00 19.53 ? 326 HOH A O     1 
HETATM 1063 O O     . HOH C 3 .   ? -4.978  -3.331  3.728   1.00 8.85  ? 327 HOH A O     1 
# 
